data_3CYE
#
_entry.id   3CYE
#
_cell.length_a   117.728
_cell.length_b   138.472
_cell.length_c   117.860
_cell.angle_alpha   90.000
_cell.angle_beta   90.000
_cell.angle_gamma   90.000
#
_symmetry.space_group_name_H-M   'C 2 2 21'
#
loop_
_entity.id
_entity.type
_entity.pdbx_description
1 polymer Neuraminidase
2 branched alpha-D-mannopyranose-(1-3)-alpha-D-mannopyranose-(1-4)-2-acetamido-2-deoxy-beta-D-glucopyranose-(1-4)-2-acetamido-2-deoxy-beta-D-glucopyranose
3 non-polymer 2-acetamido-2-deoxy-beta-D-glucopyranose
4 non-polymer 'CALCIUM ION'
5 non-polymer 'ACETATE ION'
6 non-polymer 'PHOSPHATE ION'
7 non-polymer GLYCEROL
8 water water
#
_entity_poly.entity_id   1
_entity_poly.type   'polypeptide(L)'
_entity_poly.pdbx_seq_one_letter_code
;VILTGNSSLCPISGWAIYSKDNGIRIGSKGDVFVIREPFISCSHLECRTFFLTQGALLNDKHSNGTVKDRSPYRTLMSCP
VGEAPSPYNSRFESVAWSASACHDGMGWLTIGISGPDNGAVAVLKYNGIITDTIKSWRNNILRTQESECACVNGSCFTIM
TDGPSNGQASYKILKIEKGKVTKSIELNAPNYHYEECSCYPDTGKVMCVCRDNWHGSNRPWVSFDQNLDYQIGYICSGVF
GDNPRPNDGTGSCGPVSSNGANGIKGFSFRYDNGVWIGRTKSTSSRSGFEMIWDPNGWTETDSSFSVRQDIVAITDWSGY
SGSFVQHPELTGLDCMRPCFWVELIRGQPKENTIWTSGSSISFCGVNSDTVGWSWPDGAELPFSIDK
;
_entity_poly.pdbx_strand_id   A,B
#
loop_
_chem_comp.id
_chem_comp.type
_chem_comp.name
_chem_comp.formula
ACT non-polymer 'ACETATE ION' 'C2 H3 O2 -1'
CA non-polymer 'CALCIUM ION' 'Ca 2'
GOL non-polymer GLYCEROL 'C3 H8 O3'
MAN D-saccharide, alpha linking alpha-D-mannopyranose 'C6 H12 O6'
NAG D-saccharide, beta linking 2-acetamido-2-deoxy-beta-D-glucopyranose 'C8 H15 N O6'
PO4 non-polymer 'PHOSPHATE ION' 'O4 P -3'
#
# COMPACT_ATOMS: atom_id res chain seq x y z
N VAL A 1 -15.75 16.65 26.19
CA VAL A 1 -14.57 16.06 25.49
C VAL A 1 -13.93 14.89 26.26
N ILE A 2 -14.10 13.64 25.82
CA ILE A 2 -13.28 12.56 26.40
C ILE A 2 -11.96 12.48 25.65
N LEU A 3 -10.88 12.29 26.40
CA LEU A 3 -9.56 12.17 25.76
C LEU A 3 -9.51 10.85 24.98
N THR A 4 -9.16 10.95 23.70
CA THR A 4 -9.18 9.76 22.85
C THR A 4 -8.08 8.74 23.24
N GLY A 5 -6.89 9.27 23.51
CA GLY A 5 -5.72 8.44 23.83
C GLY A 5 -5.26 7.57 22.67
N ASN A 6 -5.60 7.95 21.45
CA ASN A 6 -5.25 7.17 20.24
C ASN A 6 -3.95 7.60 19.55
N SER A 7 -3.38 8.73 19.97
CA SER A 7 -2.09 9.17 19.39
C SER A 7 -0.89 8.43 19.96
N SER A 8 0.22 8.48 19.22
CA SER A 8 1.46 7.78 19.59
C SER A 8 2.41 8.79 20.21
N LEU A 9 3.45 8.34 20.89
CA LEU A 9 4.32 9.31 21.54
C LEU A 9 4.98 10.28 20.55
N CYS A 10 5.06 11.56 20.94
CA CYS A 10 5.78 12.54 20.10
C CYS A 10 7.24 12.15 19.90
N PRO A 11 7.75 12.34 18.67
CA PRO A 11 9.21 12.31 18.44
C PRO A 11 9.87 13.38 19.30
N ILE A 12 10.92 13.00 20.02
CA ILE A 12 11.64 13.91 20.88
C ILE A 12 13.14 13.69 20.77
N SER A 13 13.90 14.73 21.14
CA SER A 13 15.38 14.60 21.20
C SER A 13 15.93 14.80 22.62
N GLY A 14 15.11 15.37 23.48
CA GLY A 14 15.56 15.70 24.82
C GLY A 14 14.44 16.24 25.67
N TRP A 15 14.81 16.72 26.85
CA TRP A 15 13.86 17.11 27.90
C TRP A 15 14.06 18.59 28.26
N ALA A 16 12.97 19.37 28.15
CA ALA A 16 12.95 20.81 28.49
C ALA A 16 12.34 20.93 29.88
N ILE A 17 12.94 21.78 30.73
CA ILE A 17 12.39 21.91 32.07
C ILE A 17 11.02 22.59 32.05
N TYR A 18 10.08 21.97 32.78
CA TYR A 18 8.70 22.40 32.86
C TYR A 18 8.34 23.09 34.15
N SER A 19 8.78 22.54 35.30
CA SER A 19 8.51 23.21 36.57
C SER A 19 9.57 22.94 37.61
N LYS A 20 9.56 23.78 38.63
CA LYS A 20 10.36 23.57 39.87
C LYS A 20 9.63 24.31 40.97
N ASP A 21 9.26 23.60 42.04
CA ASP A 21 8.42 24.26 43.08
C ASP A 21 9.18 24.87 44.27
N ASN A 22 10.44 24.50 44.46
CA ASN A 22 11.25 25.02 45.59
C ASN A 22 10.52 24.89 46.91
N GLY A 23 9.74 23.81 47.05
CA GLY A 23 8.83 23.66 48.20
C GLY A 23 9.49 23.74 49.56
N ILE A 24 10.62 23.05 49.67
CA ILE A 24 11.35 22.95 50.95
C ILE A 24 12.06 24.28 51.29
N ARG A 25 12.73 24.90 50.30
CA ARG A 25 13.30 26.25 50.49
C ARG A 25 12.21 27.25 50.98
N ILE A 26 11.06 27.25 50.33
CA ILE A 26 9.95 28.13 50.75
C ILE A 26 9.43 27.79 52.15
N GLY A 27 9.38 26.50 52.45
CA GLY A 27 8.83 25.98 53.70
C GLY A 27 9.75 26.25 54.88
N SER A 28 10.96 26.75 54.61
CA SER A 28 11.85 27.17 55.68
C SER A 28 11.20 28.33 56.46
N LYS A 29 10.36 29.11 55.76
CA LYS A 29 9.71 30.27 56.35
C LYS A 29 8.18 30.23 56.23
N GLY A 30 7.71 29.88 55.04
CA GLY A 30 6.27 29.81 54.80
C GLY A 30 5.64 28.56 55.40
N ASP A 31 4.33 28.44 55.25
CA ASP A 31 3.51 27.35 55.78
C ASP A 31 3.32 26.32 54.67
N VAL A 32 4.17 25.30 54.69
CA VAL A 32 4.25 24.36 53.58
C VAL A 32 4.15 22.96 54.16
N PHE A 33 3.31 22.13 53.54
CA PHE A 33 3.16 20.73 53.97
C PHE A 33 4.47 19.94 53.85
N VAL A 34 4.72 19.06 54.83
CA VAL A 34 5.61 17.93 54.60
C VAL A 34 4.90 16.97 53.63
N ILE A 35 5.56 16.65 52.52
CA ILE A 35 4.92 15.83 51.48
C ILE A 35 5.82 14.68 51.00
N ARG A 36 5.21 13.74 50.30
CA ARG A 36 5.95 12.79 49.48
C ARG A 36 5.16 12.57 48.21
N GLU A 37 5.83 11.99 47.21
CA GLU A 37 5.25 11.64 45.89
C GLU A 37 4.45 12.74 45.21
N PRO A 38 5.12 13.86 44.89
CA PRO A 38 4.52 15.00 44.21
C PRO A 38 4.31 14.75 42.71
N PHE A 39 3.35 13.88 42.39
CA PHE A 39 3.14 13.46 40.98
C PHE A 39 2.27 14.43 40.22
N ILE A 40 2.60 14.64 38.95
CA ILE A 40 1.83 15.59 38.15
C ILE A 40 0.82 14.83 37.31
N SER A 41 -0.33 15.44 37.11
CA SER A 41 -1.28 14.91 36.14
C SER A 41 -2.08 16.06 35.56
N CYS A 42 -2.56 15.86 34.32
CA CYS A 42 -3.17 16.96 33.54
C CYS A 42 -4.55 16.60 33.02
N SER A 43 -5.37 17.63 32.85
CA SER A 43 -6.64 17.46 32.15
C SER A 43 -6.48 17.99 30.73
N HIS A 44 -7.61 18.28 30.09
CA HIS A 44 -7.59 18.93 28.80
C HIS A 44 -7.37 20.43 28.97
N LEU A 45 -7.22 20.90 30.21
CA LEU A 45 -7.17 22.34 30.53
C LEU A 45 -6.00 22.83 31.37
N GLU A 46 -5.42 21.94 32.19
CA GLU A 46 -4.43 22.37 33.19
C GLU A 46 -3.73 21.17 33.76
N CYS A 47 -2.62 21.43 34.46
CA CYS A 47 -1.88 20.36 35.07
C CYS A 47 -1.81 20.66 36.55
N ARG A 48 -1.90 19.60 37.36
CA ARG A 48 -1.80 19.78 38.81
C ARG A 48 -0.74 18.87 39.39
N THR A 49 -0.14 19.29 40.52
CA THR A 49 0.65 18.42 41.33
C THR A 49 -0.18 17.77 42.45
N PHE A 50 -0.24 16.44 42.46
CA PHE A 50 -0.87 15.70 43.53
C PHE A 50 0.23 15.29 44.48
N PHE A 51 -0.12 15.08 45.74
CA PHE A 51 0.88 14.70 46.74
C PHE A 51 0.21 14.11 47.97
N LEU A 52 0.99 13.35 48.75
CA LEU A 52 0.51 12.83 50.03
C LEU A 52 1.15 13.66 51.13
N THR A 53 0.33 14.07 52.08
CA THR A 53 0.85 14.70 53.30
C THR A 53 0.38 13.96 54.51
N GLN A 54 1.17 14.03 55.59
CA GLN A 54 0.78 13.52 56.91
C GLN A 54 -0.02 14.57 57.65
N GLY A 55 -0.49 15.58 56.93
CA GLY A 55 -1.25 16.65 57.53
C GLY A 55 -0.47 17.38 58.60
N ALA A 56 0.75 17.76 58.25
CA ALA A 56 1.68 18.48 59.11
C ALA A 56 2.56 19.42 58.24
N LEU A 57 3.15 20.44 58.85
CA LEU A 57 3.88 21.47 58.08
C LEU A 57 5.35 21.40 58.41
N LEU A 58 6.20 21.87 57.50
CA LEU A 58 7.63 21.95 57.75
C LEU A 58 7.90 22.92 58.86
N ASN A 59 8.97 22.70 59.62
CA ASN A 59 9.28 23.53 60.79
C ASN A 59 8.20 23.43 61.88
N ASP A 60 7.68 22.22 62.09
CA ASP A 60 6.69 21.98 63.15
C ASP A 60 6.86 20.59 63.77
N LYS A 61 6.48 20.43 65.04
CA LYS A 61 6.68 19.14 65.73
C LYS A 61 5.93 17.97 65.09
N HIS A 62 4.80 18.24 64.44
CA HIS A 62 3.98 17.18 63.84
C HIS A 62 4.61 16.56 62.59
N SER A 63 5.71 17.17 62.12
CA SER A 63 6.46 16.69 60.97
C SER A 63 7.35 15.51 61.38
N ASN A 64 7.45 15.28 62.69
CA ASN A 64 8.22 14.14 63.21
C ASN A 64 7.94 12.89 62.37
N GLY A 65 8.98 12.39 61.69
CA GLY A 65 8.83 11.34 60.68
C GLY A 65 8.82 9.92 61.23
N THR A 66 8.73 9.80 62.55
CA THR A 66 8.65 8.47 63.19
C THR A 66 7.24 7.89 63.03
N VAL A 67 6.28 8.75 62.69
CA VAL A 67 4.94 8.33 62.27
C VAL A 67 5.07 7.27 61.19
N LYS A 68 4.18 6.28 61.24
CA LYS A 68 4.12 5.28 60.18
C LYS A 68 3.83 5.95 58.85
N ASP A 69 4.37 5.39 57.76
CA ASP A 69 3.98 5.81 56.42
C ASP A 69 2.48 5.65 56.24
N ARG A 70 1.97 4.51 56.68
CA ARG A 70 0.55 4.22 56.58
C ARG A 70 -0.20 4.67 57.83
N SER A 71 -0.46 5.97 57.88
CA SER A 71 -1.11 6.60 59.03
C SER A 71 -2.52 7.05 58.65
N PRO A 72 -3.41 7.16 59.65
CA PRO A 72 -4.74 7.69 59.36
C PRO A 72 -4.75 9.18 59.05
N TYR A 73 -3.60 9.85 59.21
CA TYR A 73 -3.52 11.28 58.95
C TYR A 73 -3.20 11.59 57.52
N ARG A 74 -2.71 10.60 56.78
CA ARG A 74 -2.19 10.86 55.45
C ARG A 74 -3.32 11.13 54.47
N THR A 75 -3.14 12.18 53.69
CA THR A 75 -4.17 12.61 52.74
C THR A 75 -3.54 12.90 51.42
N LEU A 76 -4.32 12.63 50.37
CA LEU A 76 -3.98 13.03 49.02
C LEU A 76 -4.55 14.41 48.80
N MET A 77 -3.69 15.35 48.44
CA MET A 77 -4.09 16.73 48.12
C MET A 77 -3.51 17.12 46.75
N SER A 78 -3.90 18.26 46.22
CA SER A 78 -3.28 18.74 44.99
C SER A 78 -3.16 20.24 45.01
N CYS A 79 -2.23 20.73 44.21
CA CYS A 79 -2.04 22.17 44.07
C CYS A 79 -1.59 22.45 42.64
N PRO A 80 -1.59 23.72 42.23
CA PRO A 80 -1.14 24.02 40.87
C PRO A 80 0.33 23.69 40.68
N VAL A 81 0.71 23.33 39.46
CA VAL A 81 2.09 22.93 39.19
C VAL A 81 3.07 24.08 39.45
N GLY A 82 4.14 23.80 40.19
CA GLY A 82 5.20 24.78 40.39
C GLY A 82 5.05 25.64 41.65
N GLU A 83 3.96 25.44 42.41
CA GLU A 83 3.71 26.19 43.66
C GLU A 83 4.09 25.35 44.87
N ALA A 84 4.66 25.99 45.90
CA ALA A 84 4.89 25.26 47.14
C ALA A 84 3.54 24.69 47.65
N PRO A 85 3.56 23.43 48.15
CA PRO A 85 2.32 22.82 48.63
C PRO A 85 1.92 23.34 50.00
N SER A 86 0.97 24.25 50.04
CA SER A 86 0.54 24.86 51.31
CA SER A 86 1.09 25.49 51.45
C SER A 86 -0.92 24.57 51.67
N PRO A 87 -1.27 24.64 52.97
CA PRO A 87 -2.70 24.58 53.25
C PRO A 87 -3.54 25.71 52.61
N TYR A 88 -2.88 26.78 52.15
CA TYR A 88 -3.58 27.94 51.57
C TYR A 88 -3.76 27.85 50.05
N ASN A 89 -3.06 26.92 49.40
CA ASN A 89 -3.24 26.77 47.94
C ASN A 89 -3.57 25.34 47.48
N SER A 90 -3.76 24.44 48.44
CA SER A 90 -3.96 23.01 48.13
C SER A 90 -5.38 22.56 48.36
N ARG A 91 -5.89 21.80 47.39
CA ARG A 91 -7.22 21.19 47.40
C ARG A 91 -7.12 19.84 48.07
N PHE A 92 -8.14 19.48 48.85
CA PHE A 92 -8.21 18.12 49.44
C PHE A 92 -8.78 17.17 48.41
N GLU A 93 -8.18 15.98 48.29
CA GLU A 93 -8.69 14.98 47.35
C GLU A 93 -9.24 13.74 48.06
N SER A 94 -8.43 13.11 48.89
CA SER A 94 -8.91 11.83 49.49
C SER A 94 -8.10 11.55 50.73
N VAL A 95 -8.63 10.70 51.62
CA VAL A 95 -7.77 10.25 52.74
C VAL A 95 -6.96 9.06 52.18
N ALA A 96 -5.64 9.08 52.32
CA ALA A 96 -4.84 8.11 51.56
C ALA A 96 -3.42 8.01 52.04
N TRP A 97 -2.91 6.79 52.15
CA TRP A 97 -1.48 6.60 52.26
C TRP A 97 -0.88 5.91 51.01
N SER A 98 -1.70 5.69 49.99
CA SER A 98 -1.21 5.33 48.68
C SER A 98 -2.28 5.81 47.70
N ALA A 99 -1.84 6.26 46.54
CA ALA A 99 -2.78 7.01 45.66
C ALA A 99 -2.44 7.02 44.19
N SER A 100 -3.47 7.35 43.43
CA SER A 100 -3.32 7.70 42.03
C SER A 100 -4.43 8.67 41.63
N ALA A 101 -4.23 9.38 40.52
CA ALA A 101 -5.26 10.25 39.93
C ALA A 101 -5.01 10.45 38.48
N CYS A 102 -6.09 10.69 37.76
CA CYS A 102 -6.01 11.03 36.34
C CYS A 102 -7.34 11.60 35.87
N HIS A 103 -7.30 12.31 34.74
CA HIS A 103 -8.47 12.98 34.16
C HIS A 103 -8.78 12.36 32.81
N ASP A 104 -10.05 12.11 32.58
CA ASP A 104 -10.50 11.40 31.38
C ASP A 104 -10.98 12.32 30.28
N GLY A 105 -10.91 13.63 30.53
CA GLY A 105 -11.38 14.65 29.59
C GLY A 105 -12.61 15.31 30.14
N MET A 106 -13.33 14.58 30.98
CA MET A 106 -14.57 15.11 31.60
C MET A 106 -14.43 15.38 33.09
N GLY A 107 -13.69 14.54 33.80
CA GLY A 107 -13.52 14.80 35.24
C GLY A 107 -12.34 14.07 35.81
N TRP A 108 -11.96 14.49 37.02
CA TRP A 108 -10.88 13.85 37.73
C TRP A 108 -11.30 12.56 38.43
N LEU A 109 -10.50 11.53 38.22
CA LEU A 109 -10.59 10.26 38.96
C LEU A 109 -9.47 10.35 40.04
N THR A 110 -9.82 10.17 41.29
CA THR A 110 -8.79 10.03 42.31
C THR A 110 -8.98 8.68 43.01
N ILE A 111 -7.87 8.06 43.43
CA ILE A 111 -7.91 6.77 44.08
C ILE A 111 -7.08 6.95 45.34
N GLY A 112 -7.68 6.77 46.49
CA GLY A 112 -6.91 6.90 47.71
C GLY A 112 -7.12 5.71 48.62
N ILE A 113 -6.02 5.07 49.04
CA ILE A 113 -6.11 3.87 49.84
C ILE A 113 -5.81 4.21 51.28
N SER A 114 -6.73 3.85 52.19
CA SER A 114 -6.45 3.99 53.64
C SER A 114 -6.95 2.77 54.37
N GLY A 115 -6.88 2.81 55.69
CA GLY A 115 -7.32 1.63 56.44
C GLY A 115 -6.13 0.81 56.86
N PRO A 116 -6.40 -0.28 57.58
CA PRO A 116 -5.30 -1.04 58.21
C PRO A 116 -4.53 -1.89 57.17
N ASP A 117 -3.32 -2.29 57.51
CA ASP A 117 -2.54 -3.17 56.61
C ASP A 117 -3.27 -4.44 56.17
N ASN A 118 -4.09 -5.02 57.05
CA ASN A 118 -4.72 -6.31 56.78
C ASN A 118 -6.07 -6.20 56.08
N GLY A 119 -6.45 -4.97 55.72
CA GLY A 119 -7.77 -4.79 55.13
C GLY A 119 -7.99 -3.42 54.49
N ALA A 120 -6.95 -2.92 53.81
CA ALA A 120 -7.03 -1.54 53.28
C ALA A 120 -8.11 -1.44 52.21
N VAL A 121 -8.70 -0.25 52.08
CA VAL A 121 -9.74 -0.01 51.06
C VAL A 121 -9.34 1.19 50.23
N ALA A 122 -9.35 1.00 48.91
CA ALA A 122 -9.20 2.09 47.94
C ALA A 122 -10.58 2.73 47.76
N VAL A 123 -10.65 4.03 47.94
CA VAL A 123 -11.84 4.80 47.69
C VAL A 123 -11.63 5.51 46.39
N LEU A 124 -12.52 5.26 45.41
CA LEU A 124 -12.45 5.93 44.14
C LEU A 124 -13.44 7.11 44.15
N LYS A 125 -13.01 8.26 43.65
CA LYS A 125 -13.86 9.44 43.48
C LYS A 125 -13.77 9.93 42.05
N TYR A 126 -14.89 10.39 41.51
CA TYR A 126 -14.95 11.00 40.20
C TYR A 126 -15.63 12.34 40.43
N ASN A 127 -14.95 13.42 40.05
CA ASN A 127 -15.38 14.78 40.36
C ASN A 127 -15.60 14.98 41.86
N GLY A 128 -14.77 14.34 42.69
CA GLY A 128 -14.85 14.50 44.13
C GLY A 128 -15.93 13.72 44.86
N ILE A 129 -16.77 12.98 44.11
CA ILE A 129 -17.85 12.16 44.67
C ILE A 129 -17.43 10.69 44.69
N ILE A 130 -17.63 10.01 45.81
CA ILE A 130 -17.28 8.59 45.90
C ILE A 130 -18.10 7.78 44.88
N THR A 131 -17.39 6.98 44.11
CA THR A 131 -18.01 6.20 43.06
C THR A 131 -17.77 4.70 43.18
N ASP A 132 -16.74 4.28 43.92
CA ASP A 132 -16.49 2.88 44.10
C ASP A 132 -15.51 2.68 45.23
N THR A 133 -15.41 1.43 45.70
CA THR A 133 -14.35 1.06 46.61
C THR A 133 -13.79 -0.31 46.14
N ILE A 134 -12.53 -0.58 46.49
CA ILE A 134 -11.86 -1.84 46.16
C ILE A 134 -11.14 -2.21 47.45
N LYS A 135 -11.48 -3.37 48.00
CA LYS A 135 -10.85 -3.81 49.22
C LYS A 135 -9.71 -4.81 48.94
N SER A 136 -8.71 -4.77 49.82
CA SER A 136 -7.56 -5.66 49.83
C SER A 136 -8.02 -7.10 49.64
N TRP A 137 -7.42 -7.79 48.66
CA TRP A 137 -7.77 -9.18 48.41
C TRP A 137 -6.78 -10.20 48.91
N ARG A 138 -5.62 -9.73 49.37
CA ARG A 138 -4.61 -10.60 50.01
C ARG A 138 -4.31 -10.17 51.43
N ASN A 139 -5.01 -9.15 51.93
CA ASN A 139 -4.85 -8.69 53.31
C ASN A 139 -3.42 -8.31 53.65
N ASN A 140 -2.70 -7.72 52.69
CA ASN A 140 -1.31 -7.35 52.91
C ASN A 140 -0.86 -6.09 52.13
N ILE A 141 -1.31 -4.95 52.65
CA ILE A 141 -0.95 -3.60 52.18
C ILE A 141 -1.35 -3.41 50.72
N LEU A 142 -2.65 -3.39 50.48
CA LEU A 142 -3.13 -2.97 49.17
C LEU A 142 -2.49 -1.62 48.83
N ARG A 143 -2.00 -1.48 47.60
CA ARG A 143 -1.21 -0.30 47.22
C ARG A 143 -1.20 -0.07 45.74
N THR A 144 -0.92 1.20 45.38
CA THR A 144 -1.02 1.57 43.98
C THR A 144 0.14 2.43 43.47
N GLN A 145 -0.10 3.17 42.40
CA GLN A 145 0.99 3.73 41.56
C GLN A 145 1.86 4.78 42.21
N GLU A 146 1.23 5.69 42.99
CA GLU A 146 1.85 6.94 43.39
C GLU A 146 2.25 7.84 42.19
N SER A 147 1.52 7.74 41.07
CA SER A 147 1.63 8.66 39.98
C SER A 147 0.35 8.52 39.21
N GLU A 148 0.22 9.23 38.09
CA GLU A 148 -1.05 9.28 37.37
C GLU A 148 -1.44 7.97 36.75
N CYS A 149 -2.74 7.69 36.80
CA CYS A 149 -3.33 6.60 36.05
C CYS A 149 -3.38 7.09 34.59
N ALA A 150 -3.76 6.19 33.68
CA ALA A 150 -3.78 6.52 32.27
C ALA A 150 -5.16 6.38 31.73
N CYS A 151 -5.57 7.34 30.90
CA CYS A 151 -6.94 7.33 30.38
C CYS A 151 -6.94 7.28 28.87
N VAL A 152 -7.84 6.46 28.34
CA VAL A 152 -7.97 6.21 26.90
C VAL A 152 -9.46 5.98 26.60
N ASN A 153 -10.04 6.85 25.76
CA ASN A 153 -11.36 6.61 25.16
C ASN A 153 -12.45 6.51 26.25
N GLY A 154 -12.32 7.29 27.31
CA GLY A 154 -13.34 7.34 28.36
C GLY A 154 -13.18 6.33 29.52
N SER A 155 -12.16 5.50 29.44
CA SER A 155 -11.82 4.60 30.55
C SER A 155 -10.46 4.97 31.08
N CYS A 156 -10.23 4.75 32.37
CA CYS A 156 -8.93 5.01 32.95
C CYS A 156 -8.41 3.72 33.57
N PHE A 157 -7.09 3.62 33.69
CA PHE A 157 -6.52 2.36 34.01
C PHE A 157 -5.41 2.52 35.07
N THR A 158 -5.34 1.57 35.95
CA THR A 158 -4.29 1.56 36.97
C THR A 158 -3.90 0.14 37.37
N ILE A 159 -2.88 0.03 38.22
CA ILE A 159 -2.35 -1.24 38.69
C ILE A 159 -2.33 -1.15 40.19
N MET A 160 -2.79 -2.23 40.83
CA MET A 160 -2.73 -2.38 42.28
C MET A 160 -2.03 -3.66 42.63
N THR A 161 -1.31 -3.63 43.74
CA THR A 161 -0.56 -4.77 44.26
C THR A 161 -1.07 -5.07 45.66
N ASP A 162 -1.10 -6.34 46.00
CA ASP A 162 -1.44 -6.76 47.36
C ASP A 162 -0.58 -7.97 47.68
N GLY A 163 0.08 -7.96 48.85
CA GLY A 163 1.01 -9.03 49.14
C GLY A 163 2.38 -8.52 49.52
N PRO A 164 3.35 -9.44 49.69
CA PRO A 164 4.67 -9.09 50.21
C PRO A 164 5.42 -8.08 49.32
N SER A 165 6.24 -7.26 49.96
CA SER A 165 7.14 -6.35 49.21
C SER A 165 8.52 -6.96 48.97
N ASN A 166 8.71 -8.17 49.48
CA ASN A 166 9.99 -8.88 49.45
C ASN A 166 9.83 -10.33 48.96
N GLY A 167 8.79 -10.58 48.20
CA GLY A 167 8.54 -11.90 47.65
C GLY A 167 7.41 -11.78 46.66
N GLN A 168 6.95 -12.93 46.16
CA GLN A 168 5.85 -12.96 45.23
C GLN A 168 4.62 -12.31 45.82
N ALA A 169 4.00 -11.42 45.05
CA ALA A 169 2.73 -10.83 45.43
C ALA A 169 1.70 -10.99 44.30
N SER A 170 0.59 -10.31 44.46
CA SER A 170 -0.51 -10.33 43.49
C SER A 170 -0.67 -8.94 42.89
N TYR A 171 -0.87 -8.91 41.57
CA TYR A 171 -0.94 -7.68 40.76
C TYR A 171 -2.22 -7.67 39.92
N LYS A 172 -2.99 -6.57 39.95
CA LYS A 172 -4.20 -6.49 39.13
C LYS A 172 -4.22 -5.22 38.28
N ILE A 173 -4.72 -5.35 37.05
CA ILE A 173 -5.05 -4.18 36.22
C ILE A 173 -6.50 -3.87 36.46
N LEU A 174 -6.80 -2.60 36.71
CA LEU A 174 -8.19 -2.12 36.87
C LEU A 174 -8.53 -1.20 35.71
N LYS A 175 -9.74 -1.39 35.16
CA LYS A 175 -10.35 -0.49 34.19
C LYS A 175 -11.54 0.19 34.89
N ILE A 176 -11.52 1.52 34.81
CA ILE A 176 -12.40 2.37 35.57
C ILE A 176 -13.09 3.32 34.60
N GLU A 177 -14.43 3.36 34.70
CA GLU A 177 -15.23 4.26 33.89
C GLU A 177 -16.07 5.17 34.75
N LYS A 178 -15.81 6.48 34.62
CA LYS A 178 -16.46 7.48 35.49
C LYS A 178 -16.35 7.08 36.98
N GLY A 179 -15.18 6.62 37.39
CA GLY A 179 -14.98 6.26 38.82
C GLY A 179 -15.40 4.86 39.27
N LYS A 180 -16.02 4.08 38.39
CA LYS A 180 -16.54 2.72 38.72
C LYS A 180 -15.67 1.68 38.07
N VAL A 181 -15.22 0.69 38.85
CA VAL A 181 -14.44 -0.41 38.29
C VAL A 181 -15.38 -1.23 37.41
N THR A 182 -15.07 -1.34 36.11
CA THR A 182 -15.91 -2.08 35.16
C THR A 182 -15.24 -3.38 34.70
N LYS A 183 -13.94 -3.50 34.94
CA LYS A 183 -13.22 -4.74 34.62
C LYS A 183 -11.91 -4.80 35.38
N SER A 184 -11.48 -6.01 35.74
CA SER A 184 -10.17 -6.20 36.32
C SER A 184 -9.62 -7.56 35.90
N ILE A 185 -8.32 -7.69 35.97
CA ILE A 185 -7.68 -8.96 35.68
C ILE A 185 -6.44 -9.07 36.53
N GLU A 186 -6.16 -10.26 37.08
CA GLU A 186 -4.92 -10.48 37.80
C GLU A 186 -3.82 -10.92 36.84
N LEU A 187 -2.64 -10.34 36.98
CA LEU A 187 -1.51 -10.77 36.14
C LEU A 187 -1.05 -12.15 36.58
N ASN A 188 -0.92 -13.03 35.58
CA ASN A 188 -0.25 -14.29 35.75
C ASN A 188 1.25 -14.04 35.62
N ALA A 189 1.89 -13.69 36.75
CA ALA A 189 3.23 -13.18 36.71
C ALA A 189 4.10 -13.83 37.80
N PRO A 190 4.23 -15.17 37.77
CA PRO A 190 5.18 -15.77 38.70
C PRO A 190 6.58 -15.26 38.45
N ASN A 191 7.30 -15.04 39.55
CA ASN A 191 8.65 -14.55 39.52
C ASN A 191 8.81 -13.05 39.08
N TYR A 192 7.68 -12.38 38.83
CA TYR A 192 7.71 -10.93 38.64
C TYR A 192 7.33 -10.23 39.95
N HIS A 193 7.70 -8.96 40.07
CA HIS A 193 7.27 -8.13 41.20
C HIS A 193 6.92 -6.74 40.61
N TYR A 194 5.68 -6.27 40.87
CA TYR A 194 5.20 -4.96 40.38
C TYR A 194 4.79 -4.08 41.57
N GLU A 195 5.40 -2.93 41.70
CA GLU A 195 4.94 -1.90 42.64
C GLU A 195 5.06 -0.55 41.95
N GLU A 196 4.26 0.41 42.40
CA GLU A 196 4.54 1.83 42.07
C GLU A 196 4.65 2.09 40.59
N CYS A 197 3.69 1.55 39.84
CA CYS A 197 3.76 1.63 38.39
C CYS A 197 3.62 3.05 37.88
N SER A 198 4.41 3.38 36.85
CA SER A 198 4.25 4.61 36.08
C SER A 198 3.65 4.24 34.73
N CYS A 199 2.39 4.62 34.53
CA CYS A 199 1.62 4.16 33.38
C CYS A 199 1.20 5.31 32.50
N TYR A 200 1.38 5.15 31.19
CA TYR A 200 0.96 6.19 30.26
C TYR A 200 0.22 5.56 29.08
N PRO A 201 -0.68 6.35 28.44
CA PRO A 201 -1.37 5.92 27.21
C PRO A 201 -0.51 6.10 25.96
N ASP A 202 -0.69 5.19 24.99
CA ASP A 202 0.09 5.23 23.76
C ASP A 202 -0.65 4.41 22.72
N THR A 203 -1.12 5.09 21.69
CA THR A 203 -1.77 4.44 20.56
C THR A 203 -2.93 3.53 20.99
N GLY A 204 -3.81 4.07 21.86
CA GLY A 204 -5.02 3.33 22.25
C GLY A 204 -4.79 2.24 23.29
N LYS A 205 -3.54 2.11 23.75
CA LYS A 205 -3.20 1.09 24.76
C LYS A 205 -2.50 1.79 25.89
N VAL A 206 -2.14 1.03 26.92
CA VAL A 206 -1.44 1.62 28.06
C VAL A 206 -0.13 0.86 28.33
N MET A 207 0.96 1.60 28.63
CA MET A 207 2.20 0.97 29.04
C MET A 207 2.54 1.39 30.47
N CYS A 208 2.85 0.41 31.32
CA CYS A 208 3.28 0.66 32.73
C CYS A 208 4.69 0.13 32.94
N VAL A 209 5.52 0.98 33.51
CA VAL A 209 6.89 0.60 33.86
C VAL A 209 6.96 0.82 35.36
N CYS A 210 7.45 -0.21 36.06
CA CYS A 210 7.25 -0.33 37.49
C CYS A 210 8.52 -0.63 38.27
N ARG A 211 8.33 -1.01 39.52
CA ARG A 211 9.45 -1.25 40.46
C ARG A 211 9.34 -2.69 40.95
N ASP A 212 10.39 -3.47 40.72
CA ASP A 212 10.47 -4.81 41.27
C ASP A 212 11.24 -4.68 42.60
N ASN A 213 10.54 -4.88 43.72
CA ASN A 213 11.19 -4.69 45.03
C ASN A 213 11.77 -5.98 45.59
N TRP A 214 11.51 -7.06 44.88
CA TRP A 214 11.80 -8.41 45.34
C TRP A 214 13.19 -8.86 44.88
N HIS A 215 13.42 -8.87 43.56
CA HIS A 215 14.64 -9.46 43.01
C HIS A 215 14.98 -9.01 41.58
N GLY A 216 14.72 -7.74 41.28
CA GLY A 216 15.08 -7.21 39.98
C GLY A 216 15.63 -5.82 40.06
N SER A 217 16.80 -5.61 39.43
CA SER A 217 17.44 -4.28 39.38
C SER A 217 17.20 -3.58 38.03
N ASN A 218 16.56 -4.29 37.10
CA ASN A 218 15.89 -3.67 35.94
C ASN A 218 14.42 -3.50 36.27
N ARG A 219 13.67 -2.80 35.42
CA ARG A 219 12.26 -2.54 35.71
C ARG A 219 11.32 -3.49 34.97
N PRO A 220 10.32 -4.02 35.70
CA PRO A 220 9.25 -4.78 35.06
C PRO A 220 8.31 -3.83 34.32
N TRP A 221 7.66 -4.34 33.30
CA TRP A 221 6.65 -3.58 32.62
C TRP A 221 5.42 -4.43 32.34
N VAL A 222 4.29 -3.77 32.19
CA VAL A 222 3.08 -4.43 31.69
C VAL A 222 2.37 -3.50 30.74
N SER A 223 1.89 -4.01 29.61
CA SER A 223 1.12 -3.19 28.66
C SER A 223 -0.18 -3.90 28.40
N PHE A 224 -1.22 -3.14 28.04
CA PHE A 224 -2.53 -3.78 27.81
C PHE A 224 -3.42 -2.92 26.98
N ASP A 225 -4.38 -3.57 26.35
CA ASP A 225 -5.38 -2.82 25.61
C ASP A 225 -6.58 -2.53 26.48
N GLN A 226 -7.60 -1.93 25.86
CA GLN A 226 -8.81 -1.48 26.56
C GLN A 226 -9.63 -2.65 27.12
N ASN A 227 -9.38 -3.84 26.60
CA ASN A 227 -10.01 -5.10 27.07
CA ASN A 227 -11.10 -5.86 27.09
C ASN A 227 -9.21 -5.77 28.19
N LEU A 228 -8.09 -5.16 28.55
CA LEU A 228 -7.15 -5.74 29.53
C LEU A 228 -6.42 -7.03 29.05
N ASP A 229 -6.45 -7.30 27.74
CA ASP A 229 -5.50 -8.23 27.09
C ASP A 229 -4.11 -7.62 27.31
N TYR A 230 -3.26 -8.30 28.08
CA TYR A 230 -1.96 -7.76 28.52
C TYR A 230 -0.72 -8.53 28.07
N GLN A 231 0.42 -7.84 28.13
CA GLN A 231 1.74 -8.45 27.96
C GLN A 231 2.62 -8.02 29.14
N ILE A 232 3.55 -8.88 29.53
CA ILE A 232 4.49 -8.55 30.59
C ILE A 232 5.94 -8.84 30.16
N GLY A 233 6.87 -8.16 30.82
CA GLY A 233 8.28 -8.39 30.60
C GLY A 233 9.08 -7.53 31.55
N TYR A 234 10.40 -7.56 31.40
CA TYR A 234 11.28 -6.58 31.99
C TYR A 234 12.05 -5.84 30.90
N ILE A 235 12.43 -4.59 31.18
CA ILE A 235 13.27 -3.84 30.25
C ILE A 235 14.63 -4.57 30.11
N CYS A 236 15.01 -4.89 28.85
CA CYS A 236 16.17 -5.76 28.56
C CYS A 236 17.53 -5.08 28.69
N SER A 237 17.54 -3.75 28.58
CA SER A 237 18.79 -2.99 28.60
C SER A 237 19.67 -3.31 29.78
N GLY A 238 20.98 -3.44 29.50
CA GLY A 238 21.99 -3.53 30.57
C GLY A 238 22.28 -2.18 31.21
N VAL A 239 21.61 -1.12 30.74
CA VAL A 239 21.56 0.17 31.43
C VAL A 239 20.47 0.06 32.51
N PHE A 240 20.86 -0.38 33.70
CA PHE A 240 19.84 -0.81 34.68
C PHE A 240 19.09 0.39 35.25
N GLY A 241 17.77 0.26 35.41
CA GLY A 241 16.93 1.41 35.78
C GLY A 241 16.58 1.61 37.25
N ASP A 242 16.71 0.57 38.08
CA ASP A 242 16.28 0.66 39.47
C ASP A 242 17.37 1.28 40.34
N ASN A 243 17.04 1.52 41.61
CA ASN A 243 18.01 1.94 42.61
C ASN A 243 17.63 1.25 43.90
N PRO A 244 18.53 0.39 44.44
CA PRO A 244 19.87 0.11 43.97
C PRO A 244 19.93 -0.78 42.73
N ARG A 245 21.14 -0.90 42.18
CA ARG A 245 21.37 -1.66 40.97
C ARG A 245 22.85 -1.99 40.85
N PRO A 246 23.19 -2.95 39.97
CA PRO A 246 24.63 -3.12 39.71
C PRO A 246 25.17 -2.05 38.76
N ASN A 247 26.47 -2.03 38.52
CA ASN A 247 27.00 -1.26 37.41
C ASN A 247 26.45 -1.80 36.08
N ASP A 248 26.36 -0.93 35.08
CA ASP A 248 25.82 -1.35 33.78
C ASP A 248 26.62 -2.53 33.26
N GLY A 249 25.93 -3.45 32.61
CA GLY A 249 26.53 -4.66 32.10
C GLY A 249 25.56 -5.38 31.20
N THR A 250 25.53 -6.71 31.29
CA THR A 250 24.60 -7.47 30.49
C THR A 250 23.23 -7.51 31.17
N GLY A 251 22.21 -7.07 30.44
CA GLY A 251 20.84 -7.06 30.96
C GLY A 251 20.15 -8.40 30.79
N SER A 252 18.86 -8.41 31.10
CA SER A 252 18.01 -9.60 30.94
C SER A 252 16.59 -9.13 30.63
N CYS A 253 15.85 -9.94 29.86
CA CYS A 253 14.43 -9.66 29.64
C CYS A 253 13.56 -10.23 30.79
N GLY A 254 14.22 -10.81 31.80
CA GLY A 254 13.54 -11.15 33.05
C GLY A 254 14.24 -10.38 34.16
N PRO A 255 13.88 -10.64 35.43
CA PRO A 255 14.45 -9.88 36.55
C PRO A 255 15.96 -10.12 36.79
N VAL A 256 16.71 -9.03 36.87
CA VAL A 256 18.13 -9.10 37.08
C VAL A 256 18.37 -9.17 38.58
N SER A 257 18.84 -10.31 39.07
CA SER A 257 18.88 -10.58 40.52
C SER A 257 19.92 -9.74 41.27
N SER A 258 21.03 -9.42 40.63
CA SER A 258 22.07 -8.62 41.30
CA SER A 258 23.29 -8.60 41.69
C SER A 258 21.53 -7.27 41.81
N ASN A 259 21.69 -7.01 43.11
CA ASN A 259 21.18 -5.79 43.77
C ASN A 259 19.66 -5.61 43.55
N GLY A 260 18.97 -6.73 43.34
CA GLY A 260 17.58 -6.68 42.92
C GLY A 260 16.61 -6.29 44.03
N ALA A 261 16.87 -6.71 45.28
CA ALA A 261 15.97 -6.36 46.40
C ALA A 261 15.91 -4.85 46.56
N ASN A 262 14.78 -4.38 47.08
CA ASN A 262 14.53 -2.94 47.29
C ASN A 262 14.40 -2.23 45.96
N GLY A 263 14.28 -0.91 45.95
CA GLY A 263 14.03 -0.25 44.64
C GLY A 263 13.68 1.20 44.84
N ILE A 264 13.20 1.84 43.77
CA ILE A 264 12.69 3.20 43.88
C ILE A 264 11.60 3.33 42.81
N LYS A 265 10.55 4.10 43.06
CA LYS A 265 9.56 4.34 41.99
C LYS A 265 10.32 5.04 40.84
N GLY A 266 10.02 4.66 39.60
CA GLY A 266 10.64 5.28 38.42
C GLY A 266 9.73 5.01 37.22
N PHE A 267 10.25 5.34 36.06
CA PHE A 267 9.45 5.26 34.84
C PHE A 267 10.42 5.03 33.67
N SER A 268 9.86 4.70 32.52
CA SER A 268 10.62 4.75 31.27
C SER A 268 9.61 4.89 30.13
N PHE A 269 10.05 5.39 28.97
CA PHE A 269 9.16 5.48 27.78
C PHE A 269 9.71 4.59 26.68
N ARG A 270 8.87 3.70 26.16
CA ARG A 270 9.23 2.83 25.03
C ARG A 270 8.99 3.55 23.72
N TYR A 271 10.03 3.56 22.88
CA TYR A 271 9.87 3.99 21.50
C TYR A 271 10.35 2.86 20.60
N ASP A 272 9.42 2.10 19.99
CA ASP A 272 9.80 1.01 19.08
C ASP A 272 10.58 -0.01 19.97
N ASN A 273 11.78 -0.44 19.57
CA ASN A 273 12.59 -1.27 20.46
C ASN A 273 13.51 -0.48 21.37
N GLY A 274 13.44 0.87 21.30
CA GLY A 274 14.28 1.71 22.14
C GLY A 274 13.55 2.21 23.36
N VAL A 275 14.31 2.85 24.25
CA VAL A 275 13.74 3.28 25.53
C VAL A 275 14.45 4.54 26.06
N TRP A 276 13.67 5.49 26.58
CA TRP A 276 14.22 6.53 27.42
C TRP A 276 14.05 6.07 28.84
N ILE A 277 15.19 5.97 29.54
CA ILE A 277 15.20 5.52 30.92
C ILE A 277 15.52 6.75 31.75
N GLY A 278 14.70 7.04 32.75
CA GLY A 278 15.10 7.99 33.79
C GLY A 278 15.65 7.22 34.97
N ARG A 279 16.77 7.67 35.54
CA ARG A 279 17.31 6.91 36.67
C ARG A 279 18.18 7.78 37.56
N THR A 280 18.43 7.31 38.77
CA THR A 280 19.38 7.98 39.63
C THR A 280 20.76 7.87 39.00
N LYS A 281 21.68 8.74 39.40
CA LYS A 281 23.04 8.65 38.90
C LYS A 281 23.83 7.65 39.71
N SER A 282 23.58 7.63 41.01
CA SER A 282 24.20 6.66 41.90
C SER A 282 23.57 5.27 41.76
N THR A 283 24.39 4.23 41.88
CA THR A 283 23.89 2.85 41.82
C THR A 283 23.40 2.37 43.19
N SER A 284 23.73 3.12 44.25
CA SER A 284 23.52 2.67 45.63
C SER A 284 22.66 3.61 46.49
N SER A 285 22.66 4.90 46.14
CA SER A 285 22.00 5.97 46.90
C SER A 285 20.97 6.63 45.99
N ARG A 286 19.97 7.27 46.57
CA ARG A 286 18.94 8.03 45.79
C ARG A 286 19.53 9.42 45.49
N SER A 287 20.56 9.41 44.65
CA SER A 287 21.35 10.62 44.38
C SER A 287 21.47 10.81 42.89
N GLY A 288 21.29 12.06 42.45
CA GLY A 288 21.37 12.38 41.04
C GLY A 288 20.17 11.90 40.26
N PHE A 289 20.08 12.37 39.02
CA PHE A 289 19.07 11.89 38.09
C PHE A 289 19.53 12.21 36.69
N GLU A 290 19.15 11.34 35.75
CA GLU A 290 19.59 11.48 34.35
C GLU A 290 18.61 10.78 33.46
N MET A 291 18.51 11.26 32.23
CA MET A 291 17.71 10.60 31.20
C MET A 291 18.65 9.97 30.18
N ILE A 292 18.45 8.69 29.89
CA ILE A 292 19.28 7.94 28.96
C ILE A 292 18.43 7.45 27.80
N TRP A 293 18.84 7.76 26.58
CA TRP A 293 18.21 7.19 25.39
C TRP A 293 19.03 5.99 24.92
N ASP A 294 18.44 4.80 25.02
CA ASP A 294 19.09 3.56 24.56
C ASP A 294 18.26 3.07 23.37
N PRO A 295 18.77 3.25 22.15
CA PRO A 295 17.89 2.99 20.98
C PRO A 295 17.46 1.52 20.76
N ASN A 296 18.07 0.56 21.45
CA ASN A 296 17.60 -0.83 21.39
C ASN A 296 17.30 -1.42 22.79
N GLY A 297 17.13 -0.55 23.79
CA GLY A 297 17.17 -0.96 25.19
C GLY A 297 15.89 -1.63 25.68
N TRP A 298 14.81 -1.57 24.90
CA TRP A 298 13.60 -2.26 25.33
C TRP A 298 13.76 -3.76 25.21
N THR A 299 14.38 -4.20 24.11
CA THR A 299 14.43 -5.63 23.78
C THR A 299 15.84 -6.25 23.74
N GLU A 300 16.89 -5.42 23.74
CA GLU A 300 18.27 -5.93 23.64
C GLU A 300 19.04 -5.71 24.95
N THR A 301 19.97 -6.61 25.21
CA THR A 301 20.57 -6.70 26.54
C THR A 301 21.92 -6.05 26.68
N ASP A 302 22.43 -5.41 25.64
CA ASP A 302 23.70 -4.72 25.77
C ASP A 302 23.63 -3.49 26.71
N SER A 303 24.78 -3.00 27.15
CA SER A 303 24.81 -1.81 28.01
C SER A 303 25.16 -0.51 27.24
N SER A 304 25.13 -0.57 25.91
CA SER A 304 25.35 0.59 25.08
C SER A 304 24.12 1.47 25.01
N PHE A 305 24.33 2.78 24.99
CA PHE A 305 23.26 3.74 24.82
C PHE A 305 23.81 4.92 24.03
N SER A 306 22.93 5.77 23.51
CA SER A 306 23.41 6.81 22.63
C SER A 306 23.35 8.24 23.16
N VAL A 307 22.51 8.52 24.15
CA VAL A 307 22.37 9.88 24.69
C VAL A 307 22.20 9.86 26.21
N ARG A 308 22.90 10.71 26.94
CA ARG A 308 22.64 10.93 28.37
C ARG A 308 22.34 12.43 28.58
N GLN A 309 21.27 12.77 29.28
CA GLN A 309 21.00 14.15 29.60
C GLN A 309 20.92 14.31 31.12
N ASP A 310 21.78 15.14 31.70
CA ASP A 310 21.81 15.30 33.13
C ASP A 310 20.62 16.11 33.62
N ILE A 311 20.08 15.70 34.77
CA ILE A 311 18.91 16.34 35.36
C ILE A 311 19.21 16.85 36.77
N VAL A 312 19.87 16.00 37.58
CA VAL A 312 20.31 16.38 38.94
C VAL A 312 21.69 15.75 39.13
N ALA A 313 22.63 16.55 39.63
CA ALA A 313 24.00 16.08 39.87
C ALA A 313 24.03 14.95 40.90
N ILE A 314 24.99 14.03 40.77
CA ILE A 314 25.14 12.93 41.73
C ILE A 314 25.38 13.40 43.18
N THR A 315 25.87 14.63 43.33
CA THR A 315 26.14 15.19 44.67
C THR A 315 24.90 15.77 45.37
N ASP A 316 23.73 15.65 44.70
CA ASP A 316 22.44 16.12 45.24
C ASP A 316 21.41 15.00 45.29
N TRP A 317 20.50 15.07 46.26
CA TRP A 317 19.48 14.03 46.47
C TRP A 317 18.42 14.07 45.38
N SER A 318 17.98 12.89 45.00
CA SER A 318 16.83 12.80 44.11
C SER A 318 15.77 11.98 44.86
N GLY A 319 15.11 11.06 44.19
CA GLY A 319 13.98 10.37 44.80
C GLY A 319 13.08 9.76 43.77
N TYR A 320 11.82 9.57 44.15
CA TYR A 320 10.84 8.99 43.27
C TYR A 320 10.77 9.77 41.98
N SER A 321 10.40 9.09 40.90
CA SER A 321 10.09 9.79 39.66
C SER A 321 8.95 9.06 38.98
N GLY A 322 8.24 9.77 38.10
CA GLY A 322 7.12 9.15 37.39
C GLY A 322 6.87 9.84 36.09
N SER A 323 6.15 9.15 35.20
CA SER A 323 5.71 9.72 33.92
C SER A 323 4.43 10.53 34.12
N PHE A 324 4.22 11.53 33.27
CA PHE A 324 2.87 12.03 33.01
C PHE A 324 2.85 12.41 31.56
N VAL A 325 1.66 12.49 30.97
CA VAL A 325 1.59 12.90 29.59
C VAL A 325 0.78 14.18 29.48
N GLN A 326 0.90 14.86 28.34
CA GLN A 326 -0.05 15.85 27.90
C GLN A 326 -0.67 15.40 26.59
N HIS A 327 -2.00 15.23 26.64
CA HIS A 327 -2.78 14.75 25.48
C HIS A 327 -2.93 15.85 24.43
N PRO A 328 -3.16 15.46 23.17
CA PRO A 328 -3.50 16.42 22.11
C PRO A 328 -4.60 17.41 22.50
N GLU A 329 -5.59 16.94 23.27
CA GLU A 329 -6.72 17.81 23.67
C GLU A 329 -6.21 19.01 24.47
N LEU A 330 -5.10 18.81 25.21
CA LEU A 330 -4.51 19.90 25.97
C LEU A 330 -3.55 20.75 25.14
N THR A 331 -2.67 20.11 24.37
CA THR A 331 -1.53 20.74 23.73
C THR A 331 -1.82 21.25 22.33
N GLY A 332 -2.81 20.68 21.64
CA GLY A 332 -3.06 20.97 20.23
C GLY A 332 -2.15 20.21 19.25
N LEU A 333 -1.22 19.42 19.79
CA LEU A 333 -0.37 18.55 18.96
C LEU A 333 -1.14 17.37 18.39
N ASP A 334 -0.50 16.65 17.48
CA ASP A 334 -1.12 15.42 16.94
C ASP A 334 -0.43 14.17 17.51
N CYS A 335 0.26 14.33 18.64
CA CYS A 335 0.94 13.21 19.25
C CYS A 335 0.86 13.34 20.75
N MET A 336 1.14 12.25 21.43
CA MET A 336 1.06 12.21 22.90
C MET A 336 2.38 12.68 23.46
N ARG A 337 2.38 13.71 24.28
CA ARG A 337 3.64 14.28 24.75
C ARG A 337 4.08 13.63 26.08
N PRO A 338 5.29 13.02 26.12
CA PRO A 338 5.81 12.45 27.37
C PRO A 338 6.45 13.54 28.23
N CYS A 339 6.20 13.45 29.53
CA CYS A 339 6.82 14.32 30.52
C CYS A 339 7.21 13.45 31.68
N PHE A 340 8.04 13.96 32.59
CA PHE A 340 8.24 13.26 33.87
C PHE A 340 8.46 14.25 34.98
N TRP A 341 8.23 13.77 36.20
CA TRP A 341 8.54 14.53 37.39
C TRP A 341 9.58 13.75 38.19
N VAL A 342 10.31 14.50 39.02
CA VAL A 342 11.27 13.94 39.97
C VAL A 342 11.02 14.59 41.32
N GLU A 343 10.98 13.74 42.36
CA GLU A 343 10.84 14.12 43.74
C GLU A 343 12.26 14.22 44.29
N LEU A 344 12.56 15.32 44.98
CA LEU A 344 13.90 15.55 45.51
C LEU A 344 13.74 15.43 47.02
N ILE A 345 14.15 14.29 47.56
CA ILE A 345 13.84 13.93 48.95
C ILE A 345 14.87 14.52 49.88
N ARG A 346 14.43 15.24 50.90
CA ARG A 346 15.32 15.81 51.92
C ARG A 346 14.93 15.27 53.29
N GLY A 347 15.90 15.26 54.20
CA GLY A 347 15.65 14.88 55.59
C GLY A 347 16.07 13.46 55.88
N GLN A 348 15.31 12.78 56.74
CA GLN A 348 15.60 11.37 57.06
C GLN A 348 15.44 10.41 55.86
N PRO A 349 16.26 9.35 55.81
CA PRO A 349 17.32 8.88 56.73
C PRO A 349 18.69 9.54 56.53
N LYS A 350 18.91 10.17 55.38
CA LYS A 350 20.23 10.67 54.99
C LYS A 350 20.69 11.92 55.73
N GLU A 351 19.72 12.69 56.25
CA GLU A 351 20.03 14.00 56.82
C GLU A 351 19.40 14.16 58.18
N ASN A 352 20.04 14.97 59.02
CA ASN A 352 19.65 15.09 60.42
C ASN A 352 18.51 16.08 60.67
N THR A 353 17.30 15.65 60.31
CA THR A 353 16.09 16.42 60.60
C THR A 353 15.11 15.45 61.22
N ILE A 354 14.02 15.95 61.80
CA ILE A 354 13.03 15.05 62.38
C ILE A 354 12.11 14.51 61.29
N TRP A 355 12.13 15.19 60.13
CA TRP A 355 11.16 15.00 59.04
C TRP A 355 11.80 14.46 57.74
N THR A 356 10.95 14.02 56.81
CA THR A 356 11.35 13.70 55.46
C THR A 356 10.31 14.33 54.57
N SER A 357 10.76 15.11 53.58
CA SER A 357 9.85 15.73 52.62
C SER A 357 10.50 15.70 51.25
N GLY A 358 9.73 15.96 50.19
CA GLY A 358 10.34 16.15 48.88
C GLY A 358 9.93 17.48 48.30
N SER A 359 10.78 18.05 47.45
CA SER A 359 10.31 19.09 46.51
C SER A 359 10.26 18.44 45.14
N SER A 360 9.88 19.23 44.14
CA SER A 360 9.78 18.62 42.84
C SER A 360 10.32 19.46 41.69
N ILE A 361 10.67 18.75 40.62
CA ILE A 361 11.03 19.33 39.33
C ILE A 361 10.30 18.49 38.27
N SER A 362 10.11 19.05 37.08
CA SER A 362 9.50 18.25 36.02
C SER A 362 10.00 18.74 34.69
N PHE A 363 9.88 17.87 33.69
CA PHE A 363 10.42 18.11 32.33
C PHE A 363 9.44 17.58 31.32
N CYS A 364 9.39 18.20 30.16
CA CYS A 364 8.64 17.63 29.02
C CYS A 364 9.54 17.33 27.84
N GLY A 365 9.22 16.24 27.12
CA GLY A 365 10.06 15.79 26.01
C GLY A 365 9.75 16.71 24.84
N VAL A 366 10.78 17.20 24.17
CA VAL A 366 10.62 18.07 22.99
C VAL A 366 11.55 17.63 21.86
N ASN A 367 11.15 17.92 20.61
CA ASN A 367 12.06 17.74 19.47
C ASN A 367 12.64 19.12 19.11
N SER A 368 13.41 19.70 20.01
CA SER A 368 14.05 20.97 19.74
C SER A 368 15.23 20.94 20.70
N ASP A 369 16.06 21.97 20.69
CA ASP A 369 17.30 21.95 21.49
C ASP A 369 17.08 21.95 23.02
N THR A 370 17.88 21.17 23.73
CA THR A 370 17.79 21.14 25.19
C THR A 370 19.16 21.13 25.75
N VAL A 371 19.23 21.13 27.08
CA VAL A 371 20.53 21.09 27.76
C VAL A 371 20.41 20.32 29.06
N GLY A 372 21.50 19.64 29.40
CA GLY A 372 21.66 18.99 30.70
C GLY A 372 22.14 19.99 31.72
N TRP A 373 21.68 19.82 32.96
CA TRP A 373 22.19 20.66 34.06
C TRP A 373 21.91 19.91 35.35
N SER A 374 21.96 20.65 36.47
CA SER A 374 21.47 20.14 37.74
C SER A 374 20.45 21.11 38.33
N TRP A 375 19.23 20.62 38.60
CA TRP A 375 18.21 21.44 39.26
C TRP A 375 17.80 20.77 40.58
N PRO A 376 18.65 20.89 41.61
CA PRO A 376 18.41 20.15 42.83
C PRO A 376 17.47 20.91 43.77
N ASP A 377 17.23 20.30 44.94
CA ASP A 377 16.30 20.87 45.90
C ASP A 377 16.73 22.24 46.39
N GLY A 378 17.97 22.35 46.88
CA GLY A 378 18.49 23.65 47.29
C GLY A 378 18.23 24.15 48.70
N ALA A 379 17.53 23.38 49.51
CA ALA A 379 17.30 23.78 50.91
C ALA A 379 18.56 23.52 51.73
N GLU A 380 18.74 24.34 52.76
CA GLU A 380 19.87 24.20 53.68
C GLU A 380 19.35 23.61 54.98
N LEU A 381 19.70 22.35 55.23
CA LEU A 381 19.18 21.61 56.39
C LEU A 381 20.22 21.53 57.51
N PRO A 382 19.77 21.42 58.78
CA PRO A 382 18.37 21.39 59.26
C PRO A 382 17.72 22.77 59.30
N PHE A 383 16.41 22.80 59.55
CA PHE A 383 15.68 24.06 59.83
C PHE A 383 15.80 24.42 61.33
N SER A 384 14.70 24.87 61.94
CA SER A 384 14.69 25.21 63.38
C SER A 384 14.05 24.12 64.24
N ILE A 385 13.07 23.43 63.66
CA ILE A 385 12.42 22.30 64.32
C ILE A 385 12.62 21.06 63.44
N VAL B 1 -10.04 37.10 20.57
CA VAL B 1 -9.42 38.42 20.20
C VAL B 1 -7.93 38.28 20.02
N ILE B 2 -7.38 38.50 18.82
CA ILE B 2 -5.95 38.81 18.78
C ILE B 2 -5.82 40.32 18.82
N LEU B 3 -4.88 40.80 19.63
CA LEU B 3 -4.58 42.24 19.72
C LEU B 3 -4.03 42.70 18.38
N THR B 4 -4.61 43.76 17.81
CA THR B 4 -4.19 44.18 16.46
C THR B 4 -2.80 44.82 16.49
N GLY B 5 -2.54 45.60 17.53
CA GLY B 5 -1.29 46.36 17.68
C GLY B 5 -1.11 47.44 16.63
N ASN B 6 -2.20 47.88 16.00
CA ASN B 6 -2.09 48.86 14.93
C ASN B 6 -2.25 50.32 15.37
N SER B 7 -2.77 50.54 16.59
CA SER B 7 -2.93 51.92 17.08
C SER B 7 -1.59 52.57 17.39
N SER B 8 -1.59 53.90 17.42
CA SER B 8 -0.40 54.68 17.77
C SER B 8 -0.44 55.08 19.25
N LEU B 9 0.68 55.51 19.79
CA LEU B 9 0.69 55.85 21.22
C LEU B 9 -0.30 56.99 21.53
N CYS B 10 -0.98 56.88 22.68
CA CYS B 10 -1.89 57.92 23.13
C CYS B 10 -1.18 59.25 23.38
N PRO B 11 -1.82 60.38 23.02
CA PRO B 11 -1.33 61.69 23.48
C PRO B 11 -1.40 61.73 25.00
N ILE B 12 -0.30 62.15 25.63
CA ILE B 12 -0.23 62.26 27.08
C ILE B 12 0.45 63.54 27.52
N SER B 13 0.16 63.95 28.74
CA SER B 13 0.84 65.09 29.36
C SER B 13 1.69 64.72 30.56
N GLY B 14 1.41 63.53 31.14
CA GLY B 14 2.13 63.08 32.33
C GLY B 14 1.69 61.69 32.74
N TRP B 15 2.06 61.33 33.96
CA TRP B 15 1.98 59.96 34.43
C TRP B 15 1.17 59.92 35.72
N ALA B 16 0.11 59.12 35.70
CA ALA B 16 -0.77 58.88 36.86
C ALA B 16 -0.39 57.56 37.50
N ILE B 17 -0.38 57.54 38.83
CA ILE B 17 0.10 56.34 39.51
C ILE B 17 -0.95 55.23 39.39
N TYR B 18 -0.46 54.06 39.00
CA TYR B 18 -1.29 52.89 38.76
C TYR B 18 -1.18 51.85 39.86
N SER B 19 0.03 51.54 40.36
CA SER B 19 0.06 50.54 41.40
C SER B 19 1.25 50.81 42.32
N LYS B 20 1.17 50.20 43.50
CA LYS B 20 2.30 50.17 44.44
C LYS B 20 2.06 48.93 45.30
N ASP B 21 3.04 48.02 45.38
CA ASP B 21 2.76 46.75 46.04
C ASP B 21 3.23 46.65 47.51
N ASN B 22 4.09 47.58 47.92
CA ASN B 22 4.66 47.56 49.29
C ASN B 22 5.19 46.17 49.70
N GLY B 23 5.76 45.43 48.75
CA GLY B 23 6.09 44.03 48.93
C GLY B 23 7.06 43.80 50.08
N ILE B 24 8.02 44.68 50.18
CA ILE B 24 9.11 44.52 51.21
C ILE B 24 8.62 44.90 52.63
N ARG B 25 7.89 46.01 52.76
CA ARG B 25 7.20 46.37 54.01
C ARG B 25 6.30 45.21 54.50
N ILE B 26 5.47 44.67 53.62
CA ILE B 26 4.61 43.55 54.00
C ILE B 26 5.43 42.30 54.37
N GLY B 27 6.53 42.09 53.64
CA GLY B 27 7.40 40.93 53.77
C GLY B 27 8.16 40.95 55.09
N SER B 28 8.10 42.08 55.80
CA SER B 28 8.72 42.19 57.13
C SER B 28 8.05 41.20 58.08
N LYS B 29 6.78 40.92 57.82
CA LYS B 29 6.00 40.04 58.67
C LYS B 29 5.36 38.86 57.89
N GLY B 30 4.81 39.16 56.74
CA GLY B 30 4.17 38.13 55.93
C GLY B 30 5.18 37.25 55.20
N ASP B 31 4.65 36.29 54.45
CA ASP B 31 5.44 35.33 53.69
C ASP B 31 5.51 35.83 52.26
N VAL B 32 6.61 36.51 51.95
CA VAL B 32 6.74 37.20 50.69
C VAL B 32 8.05 36.80 50.04
N PHE B 33 8.01 36.50 48.75
CA PHE B 33 9.24 36.10 48.03
C PHE B 33 10.26 37.23 48.01
N VAL B 34 11.54 36.85 48.10
CA VAL B 34 12.61 37.72 47.64
C VAL B 34 12.52 37.72 46.10
N ILE B 35 12.39 38.89 45.48
CA ILE B 35 12.23 38.95 44.02
C ILE B 35 13.17 39.96 43.33
N ARG B 36 13.27 39.84 42.02
CA ARG B 36 13.84 40.91 41.19
C ARG B 36 13.02 41.03 39.94
N GLU B 37 13.20 42.15 39.23
CA GLU B 37 12.49 42.45 37.96
C GLU B 37 10.97 42.23 37.92
N PRO B 38 10.22 42.97 38.75
CA PRO B 38 8.77 42.86 38.85
C PRO B 38 8.05 43.54 37.68
N PHE B 39 8.16 42.94 36.49
CA PHE B 39 7.62 43.58 35.30
C PHE B 39 6.13 43.33 35.10
N ILE B 40 5.42 44.33 34.61
CA ILE B 40 3.97 44.18 34.37
C ILE B 40 3.71 43.88 32.91
N SER B 41 2.70 43.04 32.66
CA SER B 41 2.22 42.79 31.33
C SER B 41 0.72 42.51 31.45
N CYS B 42 -0.02 42.84 30.37
CA CYS B 42 -1.46 42.84 30.39
C CYS B 42 -2.01 42.02 29.27
N SER B 43 -3.17 41.45 29.51
CA SER B 43 -3.93 40.84 28.43
C SER B 43 -5.04 41.78 27.95
N HIS B 44 -6.03 41.22 27.26
CA HIS B 44 -7.23 41.99 26.90
C HIS B 44 -8.16 42.12 28.11
N LEU B 45 -7.82 41.44 29.22
CA LEU B 45 -8.71 41.32 30.40
C LEU B 45 -8.12 41.88 31.68
N GLU B 46 -6.82 41.69 31.90
CA GLU B 46 -6.22 42.01 33.20
C GLU B 46 -4.74 42.25 33.08
N CYS B 47 -4.14 42.75 34.15
CA CYS B 47 -2.70 42.99 34.17
C CYS B 47 -2.11 42.18 35.30
N ARG B 48 -0.88 41.68 35.08
CA ARG B 48 -0.18 40.90 36.08
C ARG B 48 1.23 41.42 36.26
N THR B 49 1.77 41.25 37.47
CA THR B 49 3.17 41.43 37.70
C THR B 49 3.91 40.09 37.59
N PHE B 50 4.86 40.00 36.66
CA PHE B 50 5.74 38.85 36.54
C PHE B 50 6.99 39.19 37.35
N PHE B 51 7.70 38.19 37.87
CA PHE B 51 8.94 38.44 38.60
C PHE B 51 9.78 37.17 38.66
N LEU B 52 11.07 37.34 39.00
CA LEU B 52 11.96 36.20 39.25
C LEU B 52 12.20 36.07 40.75
N THR B 53 12.08 34.87 41.26
CA THR B 53 12.49 34.61 42.64
C THR B 53 13.52 33.51 42.71
N GLN B 54 14.33 33.54 43.78
CA GLN B 54 15.31 32.49 44.08
C GLN B 54 14.63 31.38 44.86
N GLY B 55 13.30 31.35 44.80
CA GLY B 55 12.51 30.42 45.58
C GLY B 55 12.84 30.45 47.05
N ALA B 56 12.79 31.65 47.64
CA ALA B 56 13.16 31.92 49.03
C ALA B 56 12.31 33.09 49.51
N LEU B 57 12.02 33.16 50.81
CA LEU B 57 11.19 34.26 51.34
C LEU B 57 12.01 35.24 52.12
N LEU B 58 11.52 36.48 52.22
CA LEU B 58 12.13 37.50 53.07
C LEU B 58 12.13 37.06 54.53
N ASN B 59 13.16 37.47 55.28
CA ASN B 59 13.27 37.06 56.68
C ASN B 59 13.50 35.55 56.80
N ASP B 60 14.29 35.00 55.90
CA ASP B 60 14.67 33.59 55.94
C ASP B 60 16.11 33.40 55.48
N LYS B 61 16.77 32.38 56.00
CA LYS B 61 18.17 32.13 55.65
C LYS B 61 18.40 31.87 54.18
N HIS B 62 17.39 31.30 53.51
CA HIS B 62 17.52 31.00 52.07
C HIS B 62 17.55 32.25 51.17
N SER B 63 17.26 33.42 51.76
CA SER B 63 17.32 34.69 51.04
C SER B 63 18.77 35.19 50.87
N ASN B 64 19.71 34.51 51.55
CA ASN B 64 21.14 34.83 51.44
C ASN B 64 21.48 35.05 49.98
N GLY B 65 21.93 36.27 49.67
CA GLY B 65 22.04 36.74 48.28
C GLY B 65 23.23 36.13 47.56
N THR B 66 24.16 35.58 48.34
CA THR B 66 25.39 34.96 47.81
C THR B 66 25.11 33.85 46.79
N VAL B 67 23.87 33.38 46.74
CA VAL B 67 23.39 32.54 45.65
C VAL B 67 23.63 33.27 44.34
N LYS B 68 24.27 32.60 43.39
CA LYS B 68 24.52 33.17 42.08
C LYS B 68 23.19 33.67 41.49
N ASP B 69 23.24 34.74 40.69
CA ASP B 69 22.03 35.22 40.00
C ASP B 69 21.44 34.16 39.10
N ARG B 70 22.32 33.46 38.40
CA ARG B 70 21.88 32.42 37.49
C ARG B 70 21.93 31.05 38.15
N SER B 71 20.95 30.84 39.03
CA SER B 71 20.84 29.61 39.77
C SER B 71 19.75 28.68 39.26
N PRO B 72 19.89 27.38 39.59
CA PRO B 72 18.82 26.47 39.18
C PRO B 72 17.54 26.67 39.99
N TYR B 73 17.55 27.48 41.03
CA TYR B 73 16.37 27.71 41.86
C TYR B 73 15.50 28.82 41.34
N ARG B 74 15.99 29.60 40.37
CA ARG B 74 15.32 30.83 40.03
C ARG B 74 14.14 30.48 39.15
N THR B 75 13.01 31.09 39.45
CA THR B 75 11.77 30.84 38.71
C THR B 75 11.07 32.11 38.33
N LEU B 76 10.38 32.06 37.20
CA LEU B 76 9.51 33.13 36.80
C LEU B 76 8.12 32.80 37.35
N MET B 77 7.57 33.73 38.11
CA MET B 77 6.23 33.61 38.71
C MET B 77 5.41 34.87 38.37
N SER B 78 4.13 34.86 38.63
CA SER B 78 3.34 36.08 38.46
C SER B 78 2.26 36.18 39.51
N CYS B 79 1.85 37.41 39.78
CA CYS B 79 0.76 37.66 40.75
C CYS B 79 -0.04 38.86 40.23
N PRO B 80 -1.22 39.09 40.80
CA PRO B 80 -1.99 40.27 40.40
C PRO B 80 -1.20 41.55 40.69
N VAL B 81 -1.39 42.56 39.85
CA VAL B 81 -0.77 43.86 40.05
C VAL B 81 -1.11 44.48 41.42
N GLY B 82 -0.07 44.94 42.11
CA GLY B 82 -0.25 45.68 43.36
C GLY B 82 -0.28 44.82 44.62
N GLU B 83 -0.20 43.49 44.47
CA GLU B 83 -0.19 42.57 45.61
C GLU B 83 1.23 42.17 45.95
N ALA B 84 1.51 42.01 47.25
CA ALA B 84 2.82 41.48 47.62
C ALA B 84 2.99 40.07 47.01
N PRO B 85 4.19 39.82 46.44
CA PRO B 85 4.40 38.51 45.79
C PRO B 85 4.62 37.40 46.80
N SER B 86 3.61 36.54 46.99
CA SER B 86 3.68 35.50 48.02
CA SER B 86 3.35 35.98 49.17
C SER B 86 3.53 34.13 47.41
N PRO B 87 4.06 33.06 48.07
CA PRO B 87 3.69 31.73 47.57
C PRO B 87 2.18 31.44 47.59
N TYR B 88 1.41 32.25 48.32
CA TYR B 88 -0.03 31.99 48.48
C TYR B 88 -0.87 32.75 47.43
N ASN B 89 -0.24 33.69 46.70
CA ASN B 89 -0.99 34.39 45.65
C ASN B 89 -0.33 34.38 44.27
N SER B 90 0.78 33.65 44.14
CA SER B 90 1.62 33.68 42.94
C SER B 90 1.48 32.38 42.14
N ARG B 91 1.29 32.55 40.84
CA ARG B 91 1.25 31.48 39.84
C ARG B 91 2.70 31.15 39.40
N PHE B 92 3.00 29.88 39.23
CA PHE B 92 4.29 29.48 38.64
C PHE B 92 4.22 29.62 37.13
N GLU B 93 5.28 30.17 36.52
CA GLU B 93 5.34 30.29 35.06
C GLU B 93 6.42 29.44 34.40
N SER B 94 7.65 29.55 34.88
CA SER B 94 8.76 28.89 34.16
C SER B 94 9.95 28.79 35.06
N VAL B 95 10.86 27.85 34.78
CA VAL B 95 12.14 27.88 35.54
C VAL B 95 13.01 28.85 34.75
N ALA B 96 13.57 29.86 35.43
CA ALA B 96 14.18 30.98 34.71
C ALA B 96 15.06 31.84 35.56
N TRP B 97 16.22 32.15 34.99
CA TRP B 97 17.01 33.24 35.53
C TRP B 97 17.10 34.46 34.59
N SER B 98 16.38 34.40 33.45
CA SER B 98 16.17 35.58 32.67
C SER B 98 14.88 35.29 31.93
N ALA B 99 14.06 36.33 31.71
CA ALA B 99 12.69 36.06 31.27
C ALA B 99 12.01 37.18 30.50
N SER B 100 10.94 36.79 29.80
CA SER B 100 9.97 37.72 29.26
C SER B 100 8.58 37.07 29.26
N ALA B 101 7.55 37.89 29.11
CA ALA B 101 6.21 37.38 28.90
C ALA B 101 5.32 38.42 28.28
N CYS B 102 4.32 37.97 27.51
CA CYS B 102 3.37 38.89 26.92
C CYS B 102 2.16 38.12 26.44
N HIS B 103 1.05 38.81 26.29
CA HIS B 103 -0.19 38.19 25.84
C HIS B 103 -0.58 38.70 24.46
N ASP B 104 -1.01 37.78 23.59
CA ASP B 104 -1.35 38.11 22.19
C ASP B 104 -2.83 38.37 21.95
N GLY B 105 -3.63 38.31 23.00
CA GLY B 105 -5.09 38.46 22.91
C GLY B 105 -5.78 37.13 23.14
N MET B 106 -5.06 36.04 22.84
CA MET B 106 -5.59 34.69 23.02
C MET B 106 -4.91 33.90 24.14
N GLY B 107 -3.64 34.15 24.37
CA GLY B 107 -3.00 33.44 25.47
C GLY B 107 -1.68 34.03 25.85
N TRP B 108 -1.19 33.63 27.01
CA TRP B 108 0.10 34.08 27.49
C TRP B 108 1.23 33.32 26.86
N LEU B 109 2.21 34.08 26.35
CA LEU B 109 3.54 33.57 25.98
C LEU B 109 4.47 33.87 27.19
N THR B 110 5.19 32.89 27.71
CA THR B 110 6.25 33.17 28.70
C THR B 110 7.54 32.59 28.13
N ILE B 111 8.67 33.26 28.41
CA ILE B 111 9.98 32.82 27.95
C ILE B 111 10.83 32.76 29.17
N GLY B 112 11.35 31.58 29.47
CA GLY B 112 12.20 31.46 30.64
C GLY B 112 13.50 30.77 30.30
N ILE B 113 14.62 31.42 30.57
CA ILE B 113 15.95 30.88 30.25
C ILE B 113 16.60 30.26 31.51
N SER B 114 17.01 29.00 31.45
CA SER B 114 17.77 28.39 32.56
C SER B 114 18.83 27.55 31.92
N GLY B 115 19.58 26.83 32.73
CA GLY B 115 20.70 26.05 32.20
C GLY B 115 22.01 26.77 32.50
N PRO B 116 23.11 26.15 32.08
CA PRO B 116 24.46 26.63 32.35
C PRO B 116 24.78 27.86 31.49
N ASP B 117 25.76 28.64 31.95
CA ASP B 117 26.20 29.82 31.19
C ASP B 117 26.66 29.48 29.77
N ASN B 118 27.25 28.30 29.57
CA ASN B 118 27.78 27.95 28.26
C ASN B 118 26.80 27.26 27.33
N GLY B 119 25.54 27.15 27.76
CA GLY B 119 24.57 26.44 26.93
C GLY B 119 23.14 26.61 27.41
N ALA B 120 22.82 27.84 27.86
CA ALA B 120 21.48 28.14 28.37
C ALA B 120 20.40 27.89 27.31
N VAL B 121 19.22 27.51 27.78
CA VAL B 121 18.08 27.24 26.87
C VAL B 121 16.88 28.05 27.31
N ALA B 122 16.28 28.76 26.36
CA ALA B 122 15.02 29.48 26.55
C ALA B 122 13.88 28.49 26.29
N VAL B 123 13.03 28.29 27.29
CA VAL B 123 11.83 27.49 27.14
C VAL B 123 10.70 28.46 26.91
N LEU B 124 10.02 28.30 25.77
CA LEU B 124 8.87 29.11 25.45
C LEU B 124 7.58 28.29 25.77
N LYS B 125 6.66 28.93 26.47
CA LYS B 125 5.33 28.35 26.75
C LYS B 125 4.23 29.25 26.23
N TYR B 126 3.15 28.65 25.75
CA TYR B 126 1.97 29.39 25.41
C TYR B 126 0.80 28.70 26.11
N ASN B 127 0.05 29.48 26.89
CA ASN B 127 -0.98 28.91 27.77
C ASN B 127 -0.36 27.84 28.71
N GLY B 128 0.88 28.07 29.13
CA GLY B 128 1.53 27.17 30.10
C GLY B 128 2.08 25.85 29.55
N ILE B 129 1.91 25.62 28.25
CA ILE B 129 2.38 24.40 27.60
C ILE B 129 3.66 24.73 26.82
N ILE B 130 4.68 23.88 26.95
CA ILE B 130 5.93 24.14 26.18
C ILE B 130 5.68 24.07 24.67
N THR B 131 6.13 25.11 23.96
CA THR B 131 5.87 25.23 22.52
C THR B 131 7.15 25.35 21.72
N ASP B 132 8.26 25.68 22.37
CA ASP B 132 9.49 25.78 21.63
C ASP B 132 10.62 25.97 22.61
N THR B 133 11.83 25.74 22.12
CA THR B 133 13.02 26.09 22.86
C THR B 133 14.04 26.79 21.93
N ILE B 134 14.90 27.59 22.52
CA ILE B 134 15.93 28.31 21.79
C ILE B 134 17.20 28.15 22.61
N LYS B 135 18.23 27.53 22.03
CA LYS B 135 19.50 27.37 22.76
C LYS B 135 20.51 28.46 22.41
N SER B 136 21.36 28.78 23.39
CA SER B 136 22.48 29.69 23.27
C SER B 136 23.26 29.40 21.98
N TRP B 137 23.51 30.44 21.19
CA TRP B 137 24.28 30.31 19.96
C TRP B 137 25.71 30.85 20.06
N ARG B 138 26.03 31.56 21.14
CA ARG B 138 27.40 32.02 21.39
C ARG B 138 27.98 31.44 22.68
N ASN B 139 27.21 30.57 23.34
CA ASN B 139 27.65 29.92 24.56
C ASN B 139 28.15 30.85 25.64
N ASN B 140 27.47 31.99 25.81
CA ASN B 140 27.89 32.96 26.81
C ASN B 140 26.70 33.78 27.35
N ILE B 141 25.91 33.10 28.18
CA ILE B 141 24.80 33.68 28.94
C ILE B 141 23.70 34.24 28.01
N LEU B 142 23.03 33.34 27.31
CA LEU B 142 21.80 33.72 26.57
C LEU B 142 20.85 34.39 27.57
N ARG B 143 20.30 35.52 27.15
CA ARG B 143 19.55 36.38 28.06
C ARG B 143 18.58 37.25 27.29
N THR B 144 17.54 37.71 28.00
CA THR B 144 16.46 38.43 27.35
C THR B 144 16.00 39.69 28.12
N GLN B 145 14.79 40.13 27.87
CA GLN B 145 14.37 41.48 28.25
C GLN B 145 14.30 41.81 29.75
N GLU B 146 13.80 40.87 30.55
CA GLU B 146 13.33 41.15 31.89
C GLU B 146 12.17 42.15 31.91
N SER B 147 11.36 42.17 30.85
CA SER B 147 10.12 42.92 30.83
C SER B 147 9.30 42.34 29.70
N GLU B 148 8.15 42.94 29.43
CA GLU B 148 7.20 42.31 28.51
C GLU B 148 7.63 42.35 27.06
N CYS B 149 7.38 41.24 26.37
CA CYS B 149 7.56 41.18 24.93
C CYS B 149 6.42 41.98 24.32
N ALA B 150 6.44 42.20 22.99
CA ALA B 150 5.44 43.06 22.33
C ALA B 150 4.66 42.24 21.36
N CYS B 151 3.35 42.41 21.33
CA CYS B 151 2.54 41.59 20.43
C CYS B 151 1.79 42.47 19.45
N VAL B 152 1.80 42.07 18.18
CA VAL B 152 1.13 42.79 17.09
C VAL B 152 0.54 41.77 16.16
N ASN B 153 -0.78 41.80 15.99
CA ASN B 153 -1.46 41.04 14.91
C ASN B 153 -1.21 39.53 15.04
N GLY B 154 -1.14 39.02 16.28
CA GLY B 154 -1.00 37.56 16.54
C GLY B 154 0.41 37.01 16.57
N SER B 155 1.40 37.89 16.39
CA SER B 155 2.79 37.51 16.56
C SER B 155 3.36 38.32 17.71
N CYS B 156 4.31 37.75 18.46
CA CYS B 156 4.91 38.48 19.55
C CYS B 156 6.41 38.53 19.30
N PHE B 157 7.07 39.55 19.85
CA PHE B 157 8.44 39.85 19.46
C PHE B 157 9.29 40.12 20.68
N THR B 158 10.50 39.63 20.64
CA THR B 158 11.45 39.88 21.73
C THR B 158 12.88 39.98 21.19
N ILE B 159 13.82 40.27 22.08
CA ILE B 159 15.21 40.44 21.73
C ILE B 159 15.95 39.59 22.69
N MET B 160 16.92 38.84 22.17
CA MET B 160 17.83 38.05 23.01
C MET B 160 19.27 38.39 22.69
N THR B 161 20.13 38.32 23.70
CA THR B 161 21.54 38.63 23.55
C THR B 161 22.35 37.41 24.01
N ASP B 162 23.50 37.20 23.38
CA ASP B 162 24.39 36.09 23.75
C ASP B 162 25.80 36.60 23.51
N GLY B 163 26.66 36.46 24.51
CA GLY B 163 27.99 37.03 24.40
C GLY B 163 28.36 37.94 25.57
N PRO B 164 29.53 38.60 25.48
CA PRO B 164 30.01 39.42 26.59
C PRO B 164 29.06 40.56 27.01
N SER B 165 29.09 40.88 28.29
CA SER B 165 28.36 42.03 28.84
C SER B 165 29.25 43.29 28.89
N ASN B 166 30.51 43.11 28.49
CA ASN B 166 31.51 44.17 28.53
C ASN B 166 32.25 44.34 27.21
N GLY B 167 31.62 43.96 26.11
CA GLY B 167 32.22 44.08 24.79
C GLY B 167 31.18 43.71 23.78
N GLN B 168 31.61 43.57 22.52
CA GLN B 168 30.67 43.24 21.45
C GLN B 168 30.03 41.88 21.76
N ALA B 169 28.70 41.83 21.63
CA ALA B 169 27.97 40.59 21.73
C ALA B 169 27.10 40.41 20.48
N SER B 170 26.24 39.41 20.53
CA SER B 170 25.33 39.09 19.40
C SER B 170 23.88 39.29 19.86
N TYR B 171 23.06 39.91 19.00
CA TYR B 171 21.70 40.34 19.35
C TYR B 171 20.73 39.82 18.29
N LYS B 172 19.64 39.17 18.69
CA LYS B 172 18.67 38.66 17.72
C LYS B 172 17.28 39.12 18.05
N ILE B 173 16.49 39.38 17.01
CA ILE B 173 15.07 39.64 17.19
C ILE B 173 14.39 38.33 16.86
N LEU B 174 13.42 37.92 17.70
CA LEU B 174 12.63 36.72 17.51
C LEU B 174 11.17 37.10 17.24
N LYS B 175 10.55 36.44 16.25
CA LYS B 175 9.11 36.55 16.00
C LYS B 175 8.49 35.20 16.37
N ILE B 176 7.49 35.27 17.26
CA ILE B 176 6.93 34.09 17.93
C ILE B 176 5.44 34.09 17.69
N GLU B 177 4.91 32.96 17.18
CA GLU B 177 3.48 32.84 16.92
C GLU B 177 2.92 31.66 17.68
N LYS B 178 1.97 31.92 18.60
CA LYS B 178 1.44 30.87 19.51
C LYS B 178 2.59 30.07 20.16
N GLY B 179 3.60 30.80 20.60
CA GLY B 179 4.73 30.20 21.35
C GLY B 179 5.80 29.52 20.50
N LYS B 180 5.64 29.51 19.17
CA LYS B 180 6.64 28.93 18.24
C LYS B 180 7.45 30.01 17.56
N VAL B 181 8.78 29.92 17.58
CA VAL B 181 9.61 30.87 16.80
C VAL B 181 9.37 30.61 15.31
N THR B 182 8.85 31.61 14.61
CA THR B 182 8.62 31.48 13.17
C THR B 182 9.61 32.28 12.32
N LYS B 183 10.37 33.17 12.95
CA LYS B 183 11.40 33.97 12.25
C LYS B 183 12.38 34.57 13.24
N SER B 184 13.62 34.72 12.81
CA SER B 184 14.58 35.46 13.61
C SER B 184 15.57 36.14 12.68
N ILE B 185 16.24 37.15 13.21
CA ILE B 185 17.28 37.85 12.47
C ILE B 185 18.30 38.37 13.45
N GLU B 186 19.58 38.29 13.07
CA GLU B 186 20.60 38.82 13.92
C GLU B 186 20.87 40.28 13.53
N LEU B 187 21.01 41.14 14.55
CA LEU B 187 21.29 42.56 14.29
C LEU B 187 22.71 42.72 13.82
N ASN B 188 22.87 43.40 12.68
CA ASN B 188 24.20 43.80 12.22
C ASN B 188 24.55 45.09 12.93
N ALA B 189 25.17 44.97 14.11
CA ALA B 189 25.31 46.10 15.02
C ALA B 189 26.69 46.19 15.64
N PRO B 190 27.76 46.30 14.79
CA PRO B 190 29.07 46.49 15.39
C PRO B 190 29.11 47.77 16.22
N ASN B 191 29.80 47.69 17.34
CA ASN B 191 29.91 48.85 18.20
C ASN B 191 28.63 49.22 19.00
N TYR B 192 27.52 48.52 18.73
CA TYR B 192 26.35 48.63 19.61
C TYR B 192 26.39 47.56 20.71
N HIS B 193 25.65 47.80 21.78
CA HIS B 193 25.45 46.78 22.84
C HIS B 193 23.97 46.83 23.28
N TYR B 194 23.29 45.68 23.20
CA TYR B 194 21.88 45.59 23.59
C TYR B 194 21.70 44.56 24.70
N GLU B 195 21.16 45.01 25.82
CA GLU B 195 20.72 44.11 26.90
C GLU B 195 19.37 44.60 27.40
N GLU B 196 18.60 43.68 27.97
CA GLU B 196 17.45 44.08 28.82
C GLU B 196 16.52 45.04 28.12
N CYS B 197 16.12 44.67 26.90
CA CYS B 197 15.34 45.60 26.10
C CYS B 197 13.95 45.80 26.70
N SER B 198 13.43 47.02 26.55
CA SER B 198 12.04 47.37 26.88
C SER B 198 11.34 47.68 25.57
N CYS B 199 10.50 46.75 25.17
CA CYS B 199 9.86 46.77 23.83
C CYS B 199 8.35 46.96 23.86
N TYR B 200 7.85 47.85 23.01
CA TYR B 200 6.41 48.08 23.00
C TYR B 200 5.95 48.17 21.55
N PRO B 201 4.68 47.79 21.30
CA PRO B 201 4.05 47.95 19.98
C PRO B 201 3.58 49.38 19.72
N ASP B 202 3.70 49.80 18.45
CA ASP B 202 3.28 51.15 18.07
C ASP B 202 3.09 51.13 16.58
N THR B 203 1.85 51.37 16.19
CA THR B 203 1.45 51.52 14.79
C THR B 203 1.87 50.30 13.92
N GLY B 204 1.61 49.08 14.40
CA GLY B 204 1.94 47.87 13.62
C GLY B 204 3.41 47.44 13.70
N LYS B 205 4.25 48.23 14.37
CA LYS B 205 5.68 47.91 14.49
C LYS B 205 6.02 47.81 15.94
N VAL B 206 7.29 47.51 16.24
CA VAL B 206 7.73 47.41 17.63
C VAL B 206 8.95 48.34 17.82
N MET B 207 9.01 49.04 18.98
CA MET B 207 10.19 49.81 19.33
C MET B 207 10.75 49.24 20.61
N CYS B 208 12.07 49.02 20.64
CA CYS B 208 12.76 48.55 21.85
C CYS B 208 13.81 49.55 22.24
N VAL B 209 13.82 49.90 23.52
CA VAL B 209 14.85 50.79 24.07
C VAL B 209 15.55 49.97 25.13
N CYS B 210 16.89 49.97 25.08
CA CYS B 210 17.66 48.96 25.78
C CYS B 210 18.79 49.52 26.63
N ARG B 211 19.66 48.62 27.04
CA ARG B 211 20.78 48.98 27.94
C ARG B 211 22.09 48.61 27.23
N ASP B 212 22.97 49.61 27.06
CA ASP B 212 24.31 49.35 26.52
C ASP B 212 25.23 49.22 27.74
N ASN B 213 25.70 48.01 28.02
CA ASN B 213 26.51 47.77 29.22
C ASN B 213 28.01 47.89 28.91
N TRP B 214 28.31 48.06 27.64
CA TRP B 214 29.70 48.07 27.17
C TRP B 214 30.32 49.48 27.21
N HIS B 215 29.73 50.42 26.49
CA HIS B 215 30.37 51.73 26.29
C HIS B 215 29.37 52.84 25.87
N GLY B 216 28.16 52.77 26.41
CA GLY B 216 27.12 53.77 26.08
C GLY B 216 26.39 54.22 27.36
N SER B 217 26.35 55.53 27.60
CA SER B 217 25.58 56.11 28.73
C SER B 217 24.23 56.70 28.27
N ASN B 218 24.03 56.73 26.97
CA ASN B 218 22.69 56.85 26.35
C ASN B 218 22.18 55.47 26.00
N ARG B 219 20.90 55.37 25.64
CA ARG B 219 20.29 54.06 25.40
C ARG B 219 20.21 53.72 23.92
N PRO B 220 20.63 52.49 23.58
CA PRO B 220 20.40 51.99 22.22
C PRO B 220 18.94 51.65 22.01
N TRP B 221 18.55 51.68 20.75
CA TRP B 221 17.22 51.26 20.38
C TRP B 221 17.27 50.44 19.11
N VAL B 222 16.22 49.64 18.97
CA VAL B 222 15.97 48.89 17.75
C VAL B 222 14.47 48.86 17.46
N SER B 223 14.06 49.14 16.23
CA SER B 223 12.64 49.10 15.85
C SER B 223 12.49 48.17 14.65
N PHE B 224 11.33 47.56 14.49
CA PHE B 224 11.22 46.60 13.36
C PHE B 224 9.77 46.38 13.04
N ASP B 225 9.49 45.98 11.80
CA ASP B 225 8.15 45.60 11.43
C ASP B 225 7.91 44.10 11.65
N GLN B 226 6.74 43.62 11.21
CA GLN B 226 6.31 42.22 11.40
C GLN B 226 7.19 41.23 10.62
N ASN B 227 7.89 41.74 9.60
CA ASN B 227 8.85 40.96 8.76
CA ASN B 227 9.15 40.23 7.60
C ASN B 227 10.25 40.93 9.38
N LEU B 228 10.44 41.68 10.45
CA LEU B 228 11.74 41.83 11.13
C LEU B 228 12.71 42.71 10.30
N ASP B 229 12.18 43.46 9.33
CA ASP B 229 12.94 44.58 8.76
C ASP B 229 13.21 45.60 9.87
N TYR B 230 14.47 45.84 10.20
CA TYR B 230 14.80 46.64 11.43
C TYR B 230 15.58 47.94 11.16
N GLN B 231 15.54 48.84 12.14
CA GLN B 231 16.47 49.96 12.21
C GLN B 231 17.09 50.02 13.61
N ILE B 232 18.30 50.57 13.69
CA ILE B 232 18.98 50.70 14.94
C ILE B 232 19.56 52.08 15.10
N GLY B 233 19.79 52.45 16.37
CA GLY B 233 20.36 53.74 16.72
C GLY B 233 20.56 53.85 18.22
N TYR B 234 20.95 55.04 18.65
CA TYR B 234 20.92 55.41 20.06
C TYR B 234 20.09 56.67 20.20
N ILE B 235 19.46 56.82 21.37
CA ILE B 235 18.72 58.05 21.66
C ILE B 235 19.69 59.26 21.66
N CYS B 236 19.37 60.28 20.85
CA CYS B 236 20.30 61.41 20.59
C CYS B 236 20.40 62.41 21.72
N SER B 237 19.35 62.51 22.53
CA SER B 237 19.30 63.53 23.58
C SER B 237 20.51 63.55 24.50
N GLY B 238 20.96 64.77 24.83
CA GLY B 238 21.98 64.95 25.86
C GLY B 238 21.43 64.85 27.27
N VAL B 239 20.14 64.54 27.39
CA VAL B 239 19.53 64.14 28.68
C VAL B 239 19.83 62.64 28.78
N PHE B 240 20.97 62.26 29.37
CA PHE B 240 21.42 60.84 29.24
C PHE B 240 20.54 59.91 30.07
N GLY B 241 20.23 58.73 29.51
CA GLY B 241 19.22 57.86 30.11
C GLY B 241 19.70 56.72 30.98
N ASP B 242 20.97 56.31 30.83
CA ASP B 242 21.51 55.17 31.55
C ASP B 242 21.91 55.54 32.98
N ASN B 243 22.30 54.54 33.76
CA ASN B 243 22.92 54.75 35.06
C ASN B 243 23.99 53.67 35.23
N PRO B 244 25.27 54.08 35.36
CA PRO B 244 25.78 55.46 35.49
C PRO B 244 25.76 56.23 34.17
N ARG B 245 25.99 57.52 34.26
CA ARG B 245 26.03 58.37 33.09
C ARG B 245 26.80 59.63 33.46
N PRO B 246 27.18 60.45 32.46
CA PRO B 246 27.71 61.79 32.78
C PRO B 246 26.58 62.77 33.13
N ASN B 247 26.94 63.96 33.60
CA ASN B 247 25.97 65.06 33.67
C ASN B 247 25.44 65.37 32.27
N ASP B 248 24.22 65.90 32.19
CA ASP B 248 23.62 66.19 30.88
C ASP B 248 24.52 67.14 30.11
N GLY B 249 24.58 66.96 28.80
CA GLY B 249 25.51 67.70 27.95
C GLY B 249 25.14 67.46 26.50
N THR B 250 26.14 67.46 25.62
CA THR B 250 25.90 67.11 24.23
C THR B 250 25.76 65.60 24.04
N GLY B 251 24.64 65.18 23.47
CA GLY B 251 24.39 63.79 23.17
C GLY B 251 25.04 63.35 21.89
N SER B 252 24.73 62.11 21.50
CA SER B 252 25.18 61.50 20.27
C SER B 252 24.15 60.50 19.82
N CYS B 253 24.04 60.36 18.51
CA CYS B 253 23.19 59.34 17.94
C CYS B 253 23.91 57.98 17.85
N GLY B 254 25.11 57.92 18.42
CA GLY B 254 25.81 56.67 18.63
C GLY B 254 26.10 56.58 20.11
N PRO B 255 26.80 55.51 20.55
CA PRO B 255 27.08 55.28 21.97
C PRO B 255 27.97 56.39 22.57
N VAL B 256 27.48 56.98 23.65
CA VAL B 256 28.20 57.99 24.40
C VAL B 256 29.13 57.27 25.35
N SER B 257 30.44 57.39 25.10
CA SER B 257 31.42 56.56 25.81
C SER B 257 31.63 57.00 27.27
N SER B 258 31.44 58.29 27.57
CA SER B 258 31.68 58.76 28.96
C SER B 258 30.74 58.06 29.91
N ASN B 259 31.29 57.45 30.96
CA ASN B 259 30.53 56.67 31.97
C ASN B 259 29.65 55.55 31.34
N GLY B 260 30.09 55.08 30.18
CA GLY B 260 29.32 54.18 29.33
C GLY B 260 29.26 52.74 29.84
N ALA B 261 30.35 52.23 30.42
CA ALA B 261 30.35 50.85 30.98
C ALA B 261 29.31 50.71 32.07
N ASN B 262 28.78 49.50 32.21
CA ASN B 262 27.74 49.19 33.20
C ASN B 262 26.44 49.85 32.78
N GLY B 263 25.40 49.77 33.59
CA GLY B 263 24.12 50.32 33.14
C GLY B 263 22.98 49.89 34.03
N ILE B 264 21.75 50.13 33.59
CA ILE B 264 20.59 49.71 34.35
C ILE B 264 19.52 49.46 33.31
N LYS B 265 18.69 48.46 33.55
CA LYS B 265 17.54 48.27 32.67
C LYS B 265 16.66 49.53 32.76
N GLY B 266 16.21 50.03 31.60
CA GLY B 266 15.34 51.20 31.55
C GLY B 266 14.52 51.14 30.27
N PHE B 267 13.84 52.25 30.01
CA PHE B 267 12.95 52.32 28.86
C PHE B 267 12.84 53.80 28.43
N SER B 268 12.27 54.02 27.26
CA SER B 268 11.85 55.35 26.84
C SER B 268 10.73 55.18 25.82
N PHE B 269 9.92 56.21 25.63
CA PHE B 269 8.83 56.18 24.61
C PHE B 269 9.09 57.25 23.56
N ARG B 270 9.10 56.87 22.28
CA ARG B 270 9.30 57.85 21.21
C ARG B 270 7.95 58.41 20.79
N TYR B 271 7.90 59.74 20.66
CA TYR B 271 6.74 60.42 20.10
C TYR B 271 7.32 61.36 19.04
N ASP B 272 7.18 60.99 17.76
CA ASP B 272 7.69 61.81 16.67
C ASP B 272 9.22 61.88 16.87
N ASN B 273 9.82 63.08 16.86
CA ASN B 273 11.25 63.22 17.18
C ASN B 273 11.50 63.46 18.66
N GLY B 274 10.41 63.43 19.47
CA GLY B 274 10.54 63.65 20.90
C GLY B 274 10.59 62.33 21.65
N VAL B 275 10.90 62.42 22.94
CA VAL B 275 11.05 61.21 23.76
C VAL B 275 10.68 61.50 25.21
N TRP B 276 9.89 60.58 25.78
CA TRP B 276 9.75 60.47 27.22
C TRP B 276 10.80 59.49 27.71
N ILE B 277 11.72 60.02 28.50
CA ILE B 277 12.81 59.26 29.13
C ILE B 277 12.48 59.04 30.59
N GLY B 278 12.49 57.79 31.05
CA GLY B 278 12.51 57.52 32.50
C GLY B 278 13.94 57.27 32.93
N ARG B 279 14.34 57.82 34.06
CA ARG B 279 15.73 57.62 34.50
C ARG B 279 15.88 57.81 35.96
N THR B 280 16.96 57.27 36.48
CA THR B 280 17.30 57.58 37.87
C THR B 280 17.59 59.07 38.04
N LYS B 281 17.48 59.58 39.27
CA LYS B 281 17.87 60.95 39.50
C LYS B 281 19.37 61.11 39.66
N SER B 282 20.02 60.15 40.29
CA SER B 282 21.49 60.16 40.44
C SER B 282 22.16 59.74 39.14
N THR B 283 23.32 60.32 38.86
CA THR B 283 24.12 59.90 37.71
C THR B 283 25.04 58.72 38.06
N SER B 284 25.21 58.43 39.35
CA SER B 284 26.19 57.43 39.80
C SER B 284 25.60 56.25 40.55
N SER B 285 24.44 56.45 41.16
CA SER B 285 23.80 55.49 42.06
C SER B 285 22.41 55.18 41.53
N ARG B 286 21.85 54.02 41.90
CA ARG B 286 20.51 53.63 41.48
C ARG B 286 19.51 54.29 42.44
N SER B 287 19.43 55.62 42.33
CA SER B 287 18.71 56.44 43.32
C SER B 287 17.82 57.41 42.62
N GLY B 288 16.57 57.47 43.08
CA GLY B 288 15.59 58.40 42.55
C GLY B 288 15.05 57.90 41.22
N PHE B 289 13.98 58.53 40.76
CA PHE B 289 13.46 58.24 39.43
C PHE B 289 12.62 59.44 38.98
N GLU B 290 12.68 59.73 37.68
CA GLU B 290 11.97 60.88 37.09
C GLU B 290 11.63 60.57 35.66
N MET B 291 10.57 61.19 35.21
CA MET B 291 10.16 61.15 33.80
C MET B 291 10.48 62.50 33.17
N ILE B 292 11.14 62.48 32.01
CA ILE B 292 11.52 63.70 31.31
C ILE B 292 10.98 63.69 29.90
N TRP B 293 10.26 64.76 29.55
CA TRP B 293 9.78 64.96 28.18
C TRP B 293 10.76 65.87 27.45
N ASP B 294 11.43 65.30 26.47
CA ASP B 294 12.36 66.07 25.66
C ASP B 294 11.78 66.08 24.26
N PRO B 295 11.14 67.19 23.84
CA PRO B 295 10.36 67.20 22.58
C PRO B 295 11.16 66.96 21.27
N ASN B 296 12.48 67.03 21.32
CA ASN B 296 13.34 66.73 20.16
C ASN B 296 14.41 65.70 20.47
N GLY B 297 14.22 64.98 21.58
CA GLY B 297 15.28 64.18 22.18
C GLY B 297 15.56 62.85 21.48
N TRP B 298 14.69 62.45 20.53
CA TRP B 298 14.95 61.20 19.85
C TRP B 298 16.07 61.39 18.85
N THR B 299 16.02 62.52 18.12
CA THR B 299 16.92 62.77 16.99
C THR B 299 17.95 63.90 17.19
N GLU B 300 17.78 64.75 18.21
CA GLU B 300 18.64 65.95 18.37
C GLU B 300 19.47 65.82 19.66
N THR B 301 20.67 66.40 19.64
CA THR B 301 21.69 66.13 20.69
C THR B 301 21.80 67.16 21.82
N ASP B 302 20.94 68.18 21.79
CA ASP B 302 20.99 69.17 22.86
C ASP B 302 20.55 68.56 24.21
N SER B 303 20.92 69.21 25.32
CA SER B 303 20.50 68.74 26.65
C SER B 303 19.24 69.48 27.19
N SER B 304 18.54 70.20 26.31
CA SER B 304 17.33 70.88 26.67
C SER B 304 16.15 69.94 26.71
N PHE B 305 15.24 70.19 27.65
CA PHE B 305 14.03 69.41 27.76
C PHE B 305 12.92 70.32 28.29
N SER B 306 11.68 69.85 28.26
CA SER B 306 10.59 70.77 28.59
C SER B 306 9.79 70.42 29.83
N VAL B 307 9.75 69.15 30.22
CA VAL B 307 8.97 68.71 31.40
C VAL B 307 9.78 67.67 32.21
N ARG B 308 9.77 67.81 33.53
CA ARG B 308 10.29 66.80 34.44
C ARG B 308 9.18 66.46 35.44
N GLN B 309 8.87 65.18 35.62
CA GLN B 309 7.94 64.75 36.63
C GLN B 309 8.62 63.81 37.60
N ASP B 310 8.67 64.19 38.88
CA ASP B 310 9.32 63.34 39.87
C ASP B 310 8.50 62.10 40.17
N ILE B 311 9.21 61.00 40.41
CA ILE B 311 8.61 59.70 40.69
C ILE B 311 9.13 59.12 41.99
N VAL B 312 10.45 59.18 42.19
CA VAL B 312 11.09 58.75 43.44
C VAL B 312 12.17 59.78 43.77
N ALA B 313 12.19 60.25 45.01
CA ALA B 313 13.22 61.21 45.43
C ALA B 313 14.62 60.63 45.31
N ILE B 314 15.61 61.50 45.11
CA ILE B 314 17.01 61.06 44.93
C ILE B 314 17.56 60.41 46.24
N THR B 315 16.91 60.71 47.36
CA THR B 315 17.29 60.15 48.66
C THR B 315 16.73 58.73 48.85
N ASP B 316 15.98 58.21 47.87
CA ASP B 316 15.46 56.83 47.96
C ASP B 316 15.95 55.95 46.81
N TRP B 317 16.03 54.64 47.07
CA TRP B 317 16.56 53.70 46.08
C TRP B 317 15.53 53.44 45.00
N SER B 318 16.00 53.32 43.77
CA SER B 318 15.12 52.87 42.68
C SER B 318 15.74 51.57 42.14
N GLY B 319 15.83 51.45 40.83
CA GLY B 319 16.29 50.19 40.23
C GLY B 319 15.82 50.08 38.79
N TYR B 320 15.67 48.83 38.36
CA TYR B 320 15.23 48.54 37.00
C TYR B 320 13.92 49.22 36.71
N SER B 321 13.68 49.52 35.44
CA SER B 321 12.39 50.00 35.04
C SER B 321 12.13 49.49 33.65
N GLY B 322 10.86 49.48 33.27
CA GLY B 322 10.45 48.97 31.97
C GLY B 322 9.14 49.50 31.49
N SER B 323 8.92 49.39 30.20
CA SER B 323 7.65 49.75 29.60
C SER B 323 6.63 48.63 29.73
N PHE B 324 5.33 48.98 29.77
CA PHE B 324 4.28 48.04 29.42
C PHE B 324 3.20 48.87 28.76
N VAL B 325 2.40 48.25 27.92
CA VAL B 325 1.31 48.98 27.34
C VAL B 325 -0.03 48.40 27.76
N GLN B 326 -1.08 49.18 27.57
CA GLN B 326 -2.42 48.67 27.58
C GLN B 326 -3.07 48.89 26.21
N HIS B 327 -3.44 47.80 25.54
CA HIS B 327 -4.00 47.83 24.19
C HIS B 327 -5.47 48.31 24.20
N PRO B 328 -5.92 48.89 23.07
CA PRO B 328 -7.36 49.24 22.93
C PRO B 328 -8.31 48.13 23.36
N GLU B 329 -7.95 46.88 23.09
CA GLU B 329 -8.81 45.74 23.44
C GLU B 329 -9.05 45.65 24.93
N LEU B 330 -8.08 46.11 25.73
CA LEU B 330 -8.25 46.15 27.16
C LEU B 330 -8.98 47.44 27.63
N THR B 331 -8.59 48.59 27.08
CA THR B 331 -8.98 49.90 27.62
C THR B 331 -10.21 50.49 26.97
N GLY B 332 -10.55 50.05 25.76
CA GLY B 332 -11.63 50.68 25.02
C GLY B 332 -11.21 51.98 24.33
N LEU B 333 -9.97 52.40 24.52
CA LEU B 333 -9.44 53.56 23.81
C LEU B 333 -9.15 53.30 22.35
N ASP B 334 -8.87 54.40 21.62
CA ASP B 334 -8.54 54.31 20.20
C ASP B 334 -7.04 54.40 19.96
N CYS B 335 -6.25 54.33 21.03
CA CYS B 335 -4.80 54.50 20.97
C CYS B 335 -4.12 53.55 21.94
N MET B 336 -2.81 53.40 21.79
CA MET B 336 -2.03 52.45 22.59
C MET B 336 -1.56 53.23 23.82
N ARG B 337 -1.90 52.76 25.02
CA ARG B 337 -1.57 53.53 26.20
C ARG B 337 -0.20 53.09 26.73
N PRO B 338 0.73 54.06 26.91
CA PRO B 338 2.01 53.72 27.53
C PRO B 338 1.96 53.78 29.05
N CYS B 339 2.63 52.80 29.64
CA CYS B 339 2.78 52.72 31.08
C CYS B 339 4.21 52.34 31.37
N PHE B 340 4.64 52.48 32.62
CA PHE B 340 5.94 51.93 33.03
C PHE B 340 5.92 51.44 34.48
N TRP B 341 6.85 50.55 34.80
CA TRP B 341 7.01 50.12 36.19
C TRP B 341 8.42 50.48 36.59
N VAL B 342 8.58 50.63 37.89
CA VAL B 342 9.89 50.80 38.50
C VAL B 342 10.04 49.81 39.65
N GLU B 343 11.23 49.19 39.70
CA GLU B 343 11.64 48.30 40.73
C GLU B 343 12.41 49.13 41.75
N LEU B 344 12.04 49.00 43.02
CA LEU B 344 12.68 49.77 44.11
C LEU B 344 13.52 48.75 44.86
N ILE B 345 14.83 48.74 44.56
CA ILE B 345 15.73 47.69 45.04
C ILE B 345 16.22 48.00 46.45
N ARG B 346 16.03 47.06 47.37
CA ARG B 346 16.52 47.16 48.75
C ARG B 346 17.50 46.04 49.07
N GLY B 347 18.43 46.35 49.96
CA GLY B 347 19.36 45.32 50.44
C GLY B 347 20.73 45.49 49.80
N GLN B 348 21.41 44.37 49.55
CA GLN B 348 22.76 44.42 48.92
C GLN B 348 22.73 44.96 47.47
N PRO B 349 23.84 45.59 47.03
CA PRO B 349 25.07 45.86 47.80
C PRO B 349 25.01 47.14 48.64
N LYS B 350 23.99 47.97 48.43
CA LYS B 350 23.92 49.29 49.04
C LYS B 350 23.59 49.27 50.54
N GLU B 351 22.90 48.22 50.99
CA GLU B 351 22.40 48.11 52.37
C GLU B 351 22.83 46.80 53.03
N ASN B 352 22.87 46.83 54.36
CA ASN B 352 23.46 45.76 55.14
C ASN B 352 22.45 44.68 55.53
N THR B 353 22.04 43.90 54.54
CA THR B 353 21.16 42.74 54.75
C THR B 353 21.82 41.58 54.06
N ILE B 354 21.35 40.35 54.29
CA ILE B 354 21.95 39.21 53.60
C ILE B 354 21.36 39.08 52.19
N TRP B 355 20.23 39.76 52.00
CA TRP B 355 19.40 39.61 50.79
C TRP B 355 19.33 40.89 49.93
N THR B 356 18.85 40.74 48.69
CA THR B 356 18.49 41.83 47.82
C THR B 356 17.11 41.51 47.24
N SER B 357 16.18 42.46 47.35
CA SER B 357 14.86 42.30 46.75
C SER B 357 14.38 43.65 46.22
N GLY B 358 13.31 43.63 45.45
CA GLY B 358 12.72 44.89 45.01
C GLY B 358 11.24 44.87 45.37
N SER B 359 10.66 46.06 45.55
CA SER B 359 9.20 46.21 45.46
C SER B 359 8.91 46.99 44.19
N SER B 360 7.65 47.27 43.93
CA SER B 360 7.36 47.95 42.70
C SER B 360 6.32 49.05 42.81
N ILE B 361 6.41 49.96 41.84
CA ILE B 361 5.43 51.01 41.58
C ILE B 361 5.19 51.03 40.06
N SER B 362 4.05 51.54 39.63
CA SER B 362 3.83 51.65 38.19
C SER B 362 2.92 52.85 37.91
N PHE B 363 3.00 53.36 36.70
CA PHE B 363 2.32 54.59 36.29
C PHE B 363 1.79 54.40 34.88
N CYS B 364 0.67 55.04 34.57
CA CYS B 364 0.19 55.07 33.19
C CYS B 364 0.13 56.51 32.64
N GLY B 365 0.42 56.63 31.35
CA GLY B 365 0.43 57.91 30.67
C GLY B 365 -0.98 58.37 30.45
N VAL B 366 -1.26 59.61 30.81
CA VAL B 366 -2.62 60.18 30.60
C VAL B 366 -2.53 61.58 30.04
N ASN B 367 -3.56 61.99 29.28
CA ASN B 367 -3.71 63.40 28.88
C ASN B 367 -4.68 64.14 29.83
N SER B 368 -4.35 64.20 31.12
CA SER B 368 -5.18 64.87 32.11
C SER B 368 -4.18 65.25 33.21
N ASP B 369 -4.64 65.96 34.23
CA ASP B 369 -3.70 66.49 35.21
C ASP B 369 -3.00 65.43 36.04
N THR B 370 -1.72 65.65 36.34
CA THR B 370 -0.94 64.72 37.13
C THR B 370 -0.07 65.50 38.07
N VAL B 371 0.69 64.80 38.89
CA VAL B 371 1.56 65.48 39.83
C VAL B 371 2.79 64.63 40.09
N GLY B 372 3.90 65.33 40.32
CA GLY B 372 5.14 64.70 40.73
C GLY B 372 5.15 64.48 42.23
N TRP B 373 5.75 63.38 42.66
CA TRP B 373 5.91 63.11 44.09
C TRP B 373 7.04 62.13 44.29
N SER B 374 7.14 61.53 45.48
CA SER B 374 8.04 60.40 45.73
C SER B 374 7.24 59.23 46.32
N TRP B 375 7.28 58.07 45.65
CA TRP B 375 6.60 56.87 46.12
C TRP B 375 7.65 55.78 46.30
N PRO B 376 8.49 55.90 47.36
CA PRO B 376 9.62 54.98 47.51
C PRO B 376 9.22 53.65 48.12
N ASP B 377 10.17 52.74 48.27
CA ASP B 377 9.88 51.45 48.87
C ASP B 377 9.26 51.52 50.27
N GLY B 378 9.94 52.20 51.21
CA GLY B 378 9.39 52.44 52.54
C GLY B 378 9.69 51.44 53.65
N ALA B 379 10.43 50.37 53.32
CA ALA B 379 10.78 49.39 54.35
C ALA B 379 11.94 49.94 55.16
N GLU B 380 11.99 49.52 56.41
CA GLU B 380 13.08 49.89 57.33
C GLU B 380 13.95 48.67 57.51
N LEU B 381 15.18 48.75 57.03
CA LEU B 381 16.12 47.63 57.01
C LEU B 381 17.19 47.83 58.09
N PRO B 382 17.84 46.75 58.57
CA PRO B 382 17.66 45.33 58.24
C PRO B 382 16.37 44.74 58.83
N PHE B 383 16.01 43.53 58.39
CA PHE B 383 14.99 42.69 59.02
C PHE B 383 15.64 41.76 60.09
N SER B 384 14.91 40.73 60.52
CA SER B 384 15.41 39.77 61.57
C SER B 384 16.50 38.82 61.06
N ILE B 385 16.27 38.25 59.87
CA ILE B 385 17.24 37.42 59.18
C ILE B 385 17.56 38.10 57.85
C1 NAG C . 25.52 33.69 53.18
C2 NAG C . 25.87 33.37 54.63
C3 NAG C . 27.37 33.38 54.88
C4 NAG C . 28.19 32.67 53.79
C5 NAG C . 27.67 33.00 52.38
C6 NAG C . 28.35 32.14 51.31
C7 NAG C . 24.44 33.94 56.52
C8 NAG C . 23.96 35.01 57.46
N2 NAG C . 25.23 34.33 55.52
O3 NAG C . 27.62 32.76 56.14
O4 NAG C . 29.52 33.13 53.92
O5 NAG C . 26.26 32.88 52.28
O6 NAG C . 27.84 30.83 51.32
O7 NAG C . 24.09 32.76 56.69
C1 NAG C . 30.47 32.07 54.15
C2 NAG C . 31.87 32.59 53.80
C3 NAG C . 32.99 31.59 54.13
C4 NAG C . 32.74 30.71 55.37
C5 NAG C . 31.25 30.38 55.57
C6 NAG C . 30.95 29.66 56.87
C7 NAG C . 32.45 34.11 51.95
C8 NAG C . 33.55 33.99 50.94
N2 NAG C . 31.92 32.97 52.39
O3 NAG C . 34.19 32.31 54.30
O4 NAG C . 33.44 29.48 55.25
O5 NAG C . 30.46 31.56 55.48
O6 NAG C . 30.35 28.42 56.57
O7 NAG C . 32.09 35.23 52.34
C1 MAN C . 34.87 29.46 55.50
C2 MAN C . 35.25 28.08 56.04
C3 MAN C . 36.30 28.13 57.17
C4 MAN C . 37.39 29.18 56.95
C5 MAN C . 36.82 30.53 56.47
C6 MAN C . 37.49 31.00 55.17
O2 MAN C . 35.69 27.28 54.96
O3 MAN C . 36.91 26.85 57.33
O4 MAN C . 38.09 29.38 58.16
O5 MAN C . 35.40 30.49 56.34
O6 MAN C . 37.93 32.34 55.28
C1 MAN C . 36.51 26.17 58.55
C2 MAN C . 37.38 24.93 58.75
C3 MAN C . 37.05 23.90 57.68
C4 MAN C . 35.55 23.56 57.66
C5 MAN C . 34.67 24.81 57.71
C6 MAN C . 33.23 24.44 58.09
O2 MAN C . 37.11 24.40 60.03
O3 MAN C . 37.81 22.73 57.86
O4 MAN C . 35.28 22.85 56.46
O5 MAN C . 35.14 25.79 58.64
O6 MAN C . 32.34 25.04 57.17
C1 NAG D . 9.57 11.84 67.28
C2 NAG D . 10.24 12.41 68.53
C3 NAG D . 10.95 11.32 69.34
C4 NAG D . 10.06 10.09 69.57
C5 NAG D . 9.32 9.65 68.30
C6 NAG D . 8.26 8.59 68.63
C7 NAG D . 10.99 14.76 68.54
C8 NAG D . 12.11 15.71 68.23
N2 NAG D . 11.16 13.48 68.15
O3 NAG D . 11.35 11.88 70.58
O4 NAG D . 10.82 9.00 70.05
O5 NAG D . 8.70 10.75 67.62
O6 NAG D . 7.05 9.19 69.04
O7 NAG D . 9.99 15.16 69.14
CA CA E . 14.69 -3.70 42.73
CA CA F . 21.53 -0.69 24.04
CA CA G . 3.51 32.90 59.84
C ACT H . 1.50 -14.33 40.38
O ACT H . 1.26 -13.28 41.00
OXT ACT H . 1.19 -14.31 39.17
CH3 ACT H . 2.09 -15.55 41.03
C ACT I . 4.12 2.65 47.67
O ACT I . 5.14 2.00 47.97
OXT ACT I . 3.29 2.07 46.91
CH3 ACT I . 3.97 4.03 48.24
C ACT J . 2.89 1.83 51.35
O ACT J . 3.61 0.81 51.36
OXT ACT J . 3.14 2.66 52.25
CH3 ACT J . 1.81 2.05 50.35
P PO4 K . 7.19 -0.35 48.62
O1 PO4 K . 8.53 -0.98 48.91
O2 PO4 K . 6.15 -1.36 49.06
O3 PO4 K . 7.04 -0.06 47.14
O4 PO4 K . 7.03 0.96 49.36
C1 GOL L . -8.50 25.26 46.39
O1 GOL L . -9.42 24.68 47.31
C2 GOL L . -7.84 26.48 47.02
O2 GOL L . -6.84 26.06 47.93
C3 GOL L . -8.85 27.33 47.76
O3 GOL L . -8.99 26.86 49.10
C1 GOL M . 13.00 8.15 18.55
O1 GOL M . 14.26 8.76 18.43
C2 GOL M . 12.21 8.93 19.60
O2 GOL M . 11.91 10.23 19.16
C3 GOL M . 12.92 8.97 20.94
O3 GOL M . 13.78 10.07 21.08
C1 GOL N . 5.88 5.19 20.54
O1 GOL N . 4.54 5.52 20.25
C2 GOL N . 6.49 4.42 19.37
O2 GOL N . 6.04 4.94 18.13
C3 GOL N . 6.11 2.94 19.45
O3 GOL N . 6.64 2.36 20.62
C1 GOL O . -2.04 30.70 41.51
O1 GOL O . -2.43 29.47 40.95
C2 GOL O . -2.82 31.07 42.77
O2 GOL O . -1.96 31.62 43.73
C3 GOL O . -3.52 29.87 43.40
O3 GOL O . -2.55 29.03 43.97
C1 GOL P . 27.80 -5.84 28.51
O1 GOL P . 28.49 -4.64 28.79
C2 GOL P . 27.39 -5.95 27.03
O2 GOL P . 27.15 -4.67 26.48
C3 GOL P . 26.17 -6.84 26.88
O3 GOL P . 26.43 -8.23 27.01
CA CA Q . 16.19 68.39 23.58
CA CA R . 25.90 51.94 29.98
C ACT S . 21.68 37.65 33.52
O ACT S . 22.17 38.72 33.09
OXT ACT S . 22.13 37.21 34.60
CH3 ACT S . 20.63 36.91 32.75
C ACT T . 19.62 40.53 32.58
O ACT T . 19.29 40.24 31.40
OXT ACT T . 20.63 41.24 32.72
CH3 ACT T . 18.92 40.06 33.81
C1 GOL U . 4.28 64.52 24.69
O1 GOL U . 3.63 63.83 25.73
C2 GOL U . 3.83 64.07 23.31
O2 GOL U . 3.39 65.19 22.54
C3 GOL U . 2.76 63.01 23.43
O3 GOL U . 1.48 63.60 23.54
C1 GOL V . 22.96 42.84 34.02
O1 GOL V . 22.46 41.52 33.92
C2 GOL V . 23.49 43.25 32.67
O2 GOL V . 22.55 42.94 31.68
C3 GOL V . 24.83 42.57 32.41
O3 GOL V . 24.65 41.46 31.57
C1 GOL W . 8.49 52.02 15.40
O1 GOL W . 9.09 53.04 14.61
C2 GOL W . 7.12 52.46 15.94
O2 GOL W . 6.14 52.53 14.91
C3 GOL W . 7.20 53.82 16.62
O3 GOL W . 8.41 54.02 17.34
C1 GOL X . 4.95 59.02 17.25
O1 GOL X . 6.02 58.21 16.81
C2 GOL X . 4.03 58.22 18.18
O2 GOL X . 4.82 57.46 19.08
C3 GOL X . 3.22 57.25 17.34
O3 GOL X . 2.64 56.35 18.24
C1 GOL Y . 18.07 38.70 36.35
O1 GOL Y . 19.01 37.72 35.94
C2 GOL Y . 18.79 39.86 37.04
O2 GOL Y . 19.41 39.39 38.22
C3 GOL Y . 17.83 40.99 37.38
O3 GOL Y . 16.69 40.46 38.01
N VAL A 1 -32.91 -37.30 -44.99
CA VAL A 1 -31.69 -37.61 -45.79
C VAL A 1 -30.89 -38.75 -45.16
N ILE A 2 -31.32 -40.00 -45.38
CA ILE A 2 -30.55 -41.15 -44.90
C ILE A 2 -29.23 -41.31 -45.67
N LEU A 3 -28.17 -41.63 -44.94
CA LEU A 3 -26.86 -41.79 -45.55
C LEU A 3 -26.72 -43.10 -46.31
N THR A 4 -26.36 -42.98 -47.59
CA THR A 4 -26.28 -44.14 -48.47
C THR A 4 -25.19 -45.14 -48.05
N GLY A 5 -23.99 -44.65 -47.79
CA GLY A 5 -22.86 -45.51 -47.46
C GLY A 5 -22.42 -46.39 -48.62
N ASN A 6 -22.79 -45.99 -49.83
CA ASN A 6 -22.45 -46.78 -51.00
C ASN A 6 -21.12 -46.35 -51.63
N SER A 7 -20.63 -45.15 -51.28
CA SER A 7 -19.36 -44.67 -51.83
C SER A 7 -18.14 -45.41 -51.29
N SER A 8 -17.06 -45.39 -52.04
CA SER A 8 -15.85 -46.09 -51.64
C SER A 8 -14.83 -45.04 -51.09
N LEU A 9 -13.77 -45.49 -50.42
CA LEU A 9 -12.87 -44.54 -49.78
C LEU A 9 -12.19 -43.60 -50.76
N CYS A 10 -12.13 -42.31 -50.41
CA CYS A 10 -11.45 -41.31 -51.23
C CYS A 10 -9.99 -41.68 -51.42
N PRO A 11 -9.45 -41.47 -52.62
CA PRO A 11 -8.01 -41.61 -52.74
C PRO A 11 -7.31 -40.53 -51.90
N ILE A 12 -6.30 -40.92 -51.13
CA ILE A 12 -5.51 -39.95 -50.35
C ILE A 12 -3.98 -40.16 -50.46
N SER A 13 -3.23 -39.13 -50.08
CA SER A 13 -1.78 -39.17 -50.04
C SER A 13 -1.21 -39.00 -48.63
N GLY A 14 -2.01 -38.36 -47.77
CA GLY A 14 -1.59 -38.08 -46.41
C GLY A 14 -2.69 -37.54 -45.52
N TRP A 15 -2.30 -37.04 -44.37
CA TRP A 15 -3.26 -36.64 -43.36
C TRP A 15 -3.10 -35.16 -42.96
N ALA A 16 -4.21 -34.44 -42.99
CA ALA A 16 -4.20 -33.03 -42.65
C ALA A 16 -4.80 -32.88 -41.27
N ILE A 17 -4.30 -31.94 -40.48
CA ILE A 17 -4.82 -31.83 -39.12
C ILE A 17 -6.20 -31.19 -39.15
N TYR A 18 -7.11 -31.80 -38.40
CA TYR A 18 -8.49 -31.36 -38.37
C TYR A 18 -8.87 -30.66 -37.07
N SER A 19 -8.40 -31.20 -35.96
CA SER A 19 -8.72 -30.59 -34.67
C SER A 19 -7.68 -30.89 -33.60
N LYS A 20 -7.75 -30.08 -32.55
CA LYS A 20 -6.95 -30.28 -31.36
C LYS A 20 -7.65 -29.47 -30.28
N ASP A 21 -7.97 -30.11 -29.16
CA ASP A 21 -8.81 -29.44 -28.17
C ASP A 21 -8.06 -28.82 -26.97
N ASN A 22 -6.79 -29.18 -26.81
CA ASN A 22 -6.00 -28.67 -25.69
C ASN A 22 -6.72 -28.82 -24.36
N GLY A 23 -7.57 -29.84 -24.28
CA GLY A 23 -8.45 -30.03 -23.14
C GLY A 23 -7.77 -30.04 -21.79
N ILE A 24 -6.64 -30.71 -21.72
CA ILE A 24 -5.93 -30.86 -20.44
C ILE A 24 -5.22 -29.55 -20.10
N ARG A 25 -4.66 -28.89 -21.12
CA ARG A 25 -4.00 -27.61 -20.91
C ARG A 25 -4.99 -26.57 -20.41
N ILE A 26 -6.20 -26.60 -20.97
CA ILE A 26 -7.26 -25.67 -20.56
C ILE A 26 -7.74 -26.08 -19.16
N GLY A 27 -7.79 -27.39 -18.93
CA GLY A 27 -8.31 -27.94 -17.68
C GLY A 27 -7.53 -27.51 -16.46
N SER A 28 -6.31 -27.01 -16.69
CA SER A 28 -5.43 -26.55 -15.61
C SER A 28 -6.06 -25.37 -14.87
N LYS A 29 -6.88 -24.60 -15.57
CA LYS A 29 -7.53 -23.42 -15.01
C LYS A 29 -9.05 -23.48 -15.10
N GLY A 30 -9.57 -23.80 -16.28
CA GLY A 30 -11.02 -23.90 -16.47
C GLY A 30 -11.66 -25.13 -15.86
N ASP A 31 -12.97 -25.24 -15.99
CA ASP A 31 -13.70 -26.39 -15.50
C ASP A 31 -13.87 -27.43 -16.62
N VAL A 32 -13.00 -28.42 -16.62
CA VAL A 32 -12.96 -29.38 -17.71
C VAL A 32 -13.07 -30.79 -17.13
N PHE A 33 -13.90 -31.63 -17.76
CA PHE A 33 -14.07 -33.01 -17.28
C PHE A 33 -12.78 -33.80 -17.36
N VAL A 34 -12.62 -34.76 -16.46
CA VAL A 34 -11.64 -35.82 -16.63
C VAL A 34 -12.31 -36.80 -17.60
N ILE A 35 -11.62 -37.13 -18.69
CA ILE A 35 -12.23 -37.96 -19.74
C ILE A 35 -11.32 -39.05 -20.31
N ARG A 36 -11.93 -39.99 -21.02
CA ARG A 36 -11.22 -40.98 -21.84
C ARG A 36 -11.99 -41.23 -23.14
N GLU A 37 -11.33 -41.89 -24.09
CA GLU A 37 -11.94 -42.24 -25.39
C GLU A 37 -12.78 -41.11 -26.03
N PRO A 38 -12.11 -39.99 -26.36
CA PRO A 38 -12.74 -38.85 -27.05
C PRO A 38 -12.92 -39.08 -28.57
N PHE A 39 -13.86 -39.95 -28.94
CA PHE A 39 -14.04 -40.30 -30.35
C PHE A 39 -14.93 -39.33 -31.10
N ILE A 40 -14.63 -39.12 -32.38
CA ILE A 40 -15.49 -38.28 -33.22
C ILE A 40 -16.51 -39.09 -34.04
N SER A 41 -17.68 -38.51 -34.22
CA SER A 41 -18.68 -39.04 -35.12
C SER A 41 -19.46 -37.87 -35.70
N CYS A 42 -19.74 -37.95 -37.00
CA CYS A 42 -20.33 -36.85 -37.75
C CYS A 42 -21.72 -37.17 -38.29
N SER A 43 -22.52 -36.13 -38.48
CA SER A 43 -23.83 -36.29 -39.10
C SER A 43 -23.76 -35.85 -40.56
N HIS A 44 -24.87 -35.36 -41.09
CA HIS A 44 -24.88 -34.82 -42.44
C HIS A 44 -24.68 -33.31 -42.35
N LEU A 45 -24.59 -32.83 -41.11
CA LEU A 45 -24.52 -31.41 -40.81
C LEU A 45 -23.26 -31.06 -40.04
N GLU A 46 -22.91 -31.87 -39.06
CA GLU A 46 -21.78 -31.55 -38.20
C GLU A 46 -21.04 -32.77 -37.63
N CYS A 47 -19.95 -32.47 -36.93
CA CYS A 47 -19.15 -33.49 -36.23
C CYS A 47 -19.08 -33.20 -34.73
N ARG A 48 -19.11 -34.24 -33.90
CA ARG A 48 -19.05 -34.03 -32.46
C ARG A 48 -18.07 -34.94 -31.73
N THR A 49 -17.47 -34.44 -30.67
CA THR A 49 -16.66 -35.33 -29.85
C THR A 49 -17.46 -36.02 -28.75
N PHE A 50 -17.53 -37.34 -28.83
CA PHE A 50 -18.12 -38.11 -27.76
C PHE A 50 -17.02 -38.51 -26.82
N PHE A 51 -17.37 -38.76 -25.57
CA PHE A 51 -16.36 -39.13 -24.60
C PHE A 51 -16.97 -39.65 -23.32
N LEU A 52 -16.23 -40.45 -22.57
CA LEU A 52 -16.71 -40.96 -21.29
C LEU A 52 -16.11 -40.16 -20.14
N THR A 53 -16.95 -39.75 -19.21
CA THR A 53 -16.46 -39.09 -18.00
C THR A 53 -16.86 -39.82 -16.73
N GLN A 54 -16.07 -39.62 -15.67
CA GLN A 54 -16.38 -40.14 -14.36
C GLN A 54 -17.17 -39.10 -13.58
N GLY A 55 -17.70 -38.13 -14.29
CA GLY A 55 -18.48 -37.07 -13.67
C GLY A 55 -17.66 -36.31 -12.67
N ALA A 56 -16.41 -36.03 -13.02
CA ALA A 56 -15.49 -35.26 -12.18
C ALA A 56 -14.60 -34.35 -13.03
N LEU A 57 -14.16 -33.24 -12.44
CA LEU A 57 -13.36 -32.27 -13.18
C LEU A 57 -11.88 -32.35 -12.82
N LEU A 58 -11.04 -31.85 -13.72
CA LEU A 58 -9.60 -31.74 -13.47
C LEU A 58 -9.37 -30.77 -12.33
N ASN A 59 -8.31 -30.99 -11.56
CA ASN A 59 -8.01 -30.16 -10.39
C ASN A 59 -9.04 -30.31 -9.27
N ASP A 60 -9.58 -31.51 -9.15
CA ASP A 60 -10.57 -31.81 -8.11
C ASP A 60 -10.33 -33.19 -7.50
N LYS A 61 -10.74 -33.34 -6.24
CA LYS A 61 -10.49 -34.58 -5.53
C LYS A 61 -11.23 -35.76 -6.16
N HIS A 62 -12.42 -35.49 -6.72
CA HIS A 62 -13.24 -36.53 -7.33
C HIS A 62 -12.60 -37.10 -8.60
N SER A 63 -11.46 -36.54 -8.98
CA SER A 63 -10.75 -36.99 -10.15
C SER A 63 -9.85 -38.17 -9.81
N ASN A 64 -9.79 -38.50 -8.52
CA ASN A 64 -9.00 -39.63 -8.07
C ASN A 64 -9.29 -40.84 -8.98
N GLY A 65 -8.24 -41.38 -9.58
CA GLY A 65 -8.38 -42.46 -10.55
C GLY A 65 -8.54 -43.83 -9.91
N THR A 66 -8.34 -43.90 -8.60
CA THR A 66 -8.44 -45.17 -7.88
C THR A 66 -9.76 -45.85 -8.21
N VAL A 67 -10.75 -45.06 -8.61
CA VAL A 67 -12.08 -45.56 -8.91
C VAL A 67 -12.10 -46.54 -10.10
N LYS A 68 -12.77 -47.66 -9.93
CA LYS A 68 -12.96 -48.58 -11.05
C LYS A 68 -13.29 -47.80 -12.32
N ASP A 69 -12.91 -48.36 -13.47
CA ASP A 69 -13.29 -47.77 -14.74
C ASP A 69 -14.79 -47.94 -14.93
N ARG A 70 -15.29 -49.09 -14.51
CA ARG A 70 -16.69 -49.41 -14.66
C ARG A 70 -17.49 -48.98 -13.43
N SER A 71 -17.60 -47.67 -13.23
CA SER A 71 -18.33 -47.15 -12.09
C SER A 71 -19.74 -46.71 -12.51
N PRO A 72 -20.65 -46.61 -11.54
CA PRO A 72 -21.97 -46.08 -11.85
C PRO A 72 -21.99 -44.58 -12.17
N TYR A 73 -20.87 -43.89 -12.03
CA TYR A 73 -20.82 -42.46 -12.30
C TYR A 73 -20.41 -42.13 -13.74
N ARG A 74 -19.84 -43.11 -14.43
CA ARG A 74 -19.36 -42.84 -15.77
C ARG A 74 -20.53 -42.61 -16.72
N THR A 75 -20.42 -41.54 -17.51
CA THR A 75 -21.47 -41.16 -18.45
C THR A 75 -20.88 -40.84 -19.81
N LEU A 76 -21.64 -41.15 -20.86
CA LEU A 76 -21.28 -40.77 -22.21
C LEU A 76 -21.82 -39.37 -22.45
N MET A 77 -20.94 -38.47 -22.87
CA MET A 77 -21.34 -37.10 -23.20
C MET A 77 -20.76 -36.72 -24.57
N SER A 78 -21.10 -35.53 -25.04
CA SER A 78 -20.52 -35.02 -26.28
C SER A 78 -20.43 -33.51 -26.28
N CYS A 79 -19.52 -33.01 -27.11
CA CYS A 79 -19.33 -31.59 -27.31
C CYS A 79 -18.84 -31.36 -28.73
N PRO A 80 -18.89 -30.11 -29.18
CA PRO A 80 -18.37 -29.79 -30.50
C PRO A 80 -16.91 -30.14 -30.58
N VAL A 81 -16.47 -30.56 -31.76
CA VAL A 81 -15.07 -30.88 -31.96
C VAL A 81 -14.15 -29.67 -31.80
N GLY A 82 -13.04 -29.88 -31.08
CA GLY A 82 -12.04 -28.84 -30.87
C GLY A 82 -12.23 -28.01 -29.61
N GLU A 83 -13.26 -28.33 -28.84
CA GLU A 83 -13.54 -27.61 -27.61
C GLU A 83 -13.21 -28.47 -26.38
N ALA A 84 -12.64 -27.85 -25.35
CA ALA A 84 -12.39 -28.55 -24.10
C ALA A 84 -13.71 -29.05 -23.54
N PRO A 85 -13.74 -30.32 -23.09
CA PRO A 85 -14.97 -30.93 -22.60
C PRO A 85 -15.34 -30.38 -21.23
N SER A 86 -16.33 -29.50 -21.19
CA SER A 86 -16.75 -28.87 -19.94
CA SER A 86 -16.70 -28.89 -19.85
C SER A 86 -18.23 -29.15 -19.64
N PRO A 87 -18.59 -29.08 -18.35
CA PRO A 87 -20.01 -29.15 -17.98
C PRO A 87 -20.81 -28.01 -18.61
N TYR A 88 -20.14 -27.00 -19.16
CA TYR A 88 -20.83 -25.83 -19.70
C TYR A 88 -20.96 -25.86 -21.23
N ASN A 89 -20.27 -26.79 -21.88
CA ASN A 89 -20.43 -26.97 -23.33
C ASN A 89 -20.81 -28.39 -23.76
N SER A 90 -20.96 -29.30 -22.79
CA SER A 90 -21.17 -30.72 -23.09
C SER A 90 -22.60 -31.21 -22.90
N ARG A 91 -23.09 -31.94 -23.91
CA ARG A 91 -24.40 -32.58 -23.90
C ARG A 91 -24.30 -33.93 -23.20
N PHE A 92 -25.35 -34.29 -22.46
CA PHE A 92 -25.40 -35.62 -21.87
C PHE A 92 -25.97 -36.60 -22.90
N GLU A 93 -25.45 -37.81 -22.94
CA GLU A 93 -25.91 -38.79 -23.92
C GLU A 93 -26.52 -40.02 -23.28
N SER A 94 -25.75 -40.68 -22.43
CA SER A 94 -26.18 -41.93 -21.81
C SER A 94 -25.33 -42.25 -20.59
N VAL A 95 -25.87 -43.08 -19.69
CA VAL A 95 -25.05 -43.58 -18.58
C VAL A 95 -24.24 -44.76 -19.13
N ALA A 96 -22.93 -44.76 -18.90
CA ALA A 96 -22.08 -45.64 -19.69
C ALA A 96 -20.65 -45.74 -19.18
N TRP A 97 -20.13 -46.96 -19.07
CA TRP A 97 -18.69 -47.16 -18.94
C TRP A 97 -18.08 -47.80 -20.21
N SER A 98 -18.93 -48.04 -21.19
CA SER A 98 -18.46 -48.44 -22.52
C SER A 98 -19.47 -47.91 -23.52
N ALA A 99 -19.01 -47.40 -24.65
CA ALA A 99 -19.98 -46.71 -25.50
C ALA A 99 -19.66 -46.76 -26.99
N SER A 100 -20.64 -46.34 -27.77
CA SER A 100 -20.50 -46.06 -29.20
C SER A 100 -21.64 -45.17 -29.65
N ALA A 101 -21.39 -44.38 -30.69
CA ALA A 101 -22.46 -43.58 -31.30
C ALA A 101 -22.20 -43.38 -32.78
N CYS A 102 -23.26 -43.06 -33.50
CA CYS A 102 -23.17 -42.74 -34.91
C CYS A 102 -24.51 -42.13 -35.38
N HIS A 103 -24.49 -41.51 -36.55
CA HIS A 103 -25.66 -40.82 -37.12
C HIS A 103 -25.99 -41.52 -38.43
N ASP A 104 -27.27 -41.77 -38.67
CA ASP A 104 -27.71 -42.45 -39.88
C ASP A 104 -28.15 -41.45 -40.94
N GLY A 105 -28.06 -40.17 -40.62
CA GLY A 105 -28.45 -39.13 -41.54
C GLY A 105 -29.70 -38.45 -41.03
N MET A 106 -30.52 -39.19 -40.29
CA MET A 106 -31.75 -38.60 -39.77
C MET A 106 -31.71 -38.40 -38.26
N GLY A 107 -30.90 -39.19 -37.57
CA GLY A 107 -30.81 -39.07 -36.13
C GLY A 107 -29.65 -39.80 -35.48
N TRP A 108 -29.27 -39.35 -34.28
CA TRP A 108 -28.14 -39.93 -33.56
C TRP A 108 -28.48 -41.20 -32.81
N LEU A 109 -27.78 -42.30 -33.14
CA LEU A 109 -27.80 -43.49 -32.28
C LEU A 109 -26.71 -43.41 -31.21
N THR A 110 -27.08 -43.59 -29.95
CA THR A 110 -26.07 -43.77 -28.91
C THR A 110 -26.22 -45.13 -28.22
N ILE A 111 -25.07 -45.71 -27.87
CA ILE A 111 -25.03 -47.01 -27.20
C ILE A 111 -24.19 -46.89 -25.91
N GLY A 112 -24.82 -47.06 -24.76
CA GLY A 112 -24.13 -46.92 -23.49
C GLY A 112 -24.35 -48.15 -22.65
N ILE A 113 -23.26 -48.79 -22.24
CA ILE A 113 -23.33 -49.96 -21.38
C ILE A 113 -23.04 -49.57 -19.93
N SER A 114 -23.96 -49.94 -19.04
CA SER A 114 -23.76 -49.76 -17.60
C SER A 114 -24.25 -51.00 -16.88
N GLY A 115 -24.20 -50.95 -15.56
CA GLY A 115 -24.55 -52.11 -14.76
C GLY A 115 -23.31 -52.86 -14.31
N PRO A 116 -23.53 -54.01 -13.63
CA PRO A 116 -22.44 -54.77 -13.08
C PRO A 116 -21.79 -55.67 -14.13
N ASP A 117 -20.59 -56.16 -13.83
CA ASP A 117 -19.85 -57.01 -14.75
C ASP A 117 -20.60 -58.27 -15.16
N ASN A 118 -21.36 -58.86 -14.25
CA ASN A 118 -22.03 -60.12 -14.55
C ASN A 118 -23.38 -59.96 -15.23
N GLY A 119 -23.75 -58.75 -15.59
CA GLY A 119 -25.07 -58.53 -16.16
C GLY A 119 -25.24 -57.12 -16.67
N ALA A 120 -24.22 -56.64 -17.35
CA ALA A 120 -24.25 -55.32 -17.95
C ALA A 120 -25.31 -55.21 -19.03
N VAL A 121 -25.77 -54.00 -19.27
CA VAL A 121 -26.84 -53.81 -20.23
C VAL A 121 -26.59 -52.57 -21.09
N ALA A 122 -26.52 -52.78 -22.40
CA ALA A 122 -26.42 -51.67 -23.35
C ALA A 122 -27.78 -51.04 -23.56
N VAL A 123 -27.82 -49.73 -23.38
CA VAL A 123 -29.03 -48.95 -23.59
C VAL A 123 -28.87 -48.20 -24.90
N LEU A 124 -29.76 -48.51 -25.85
CA LEU A 124 -29.72 -47.90 -27.18
C LEU A 124 -30.66 -46.69 -27.23
N LYS A 125 -30.14 -45.55 -27.65
CA LYS A 125 -30.97 -44.36 -27.84
C LYS A 125 -30.89 -43.87 -29.28
N TYR A 126 -32.00 -43.36 -29.78
CA TYR A 126 -32.07 -42.70 -31.08
C TYR A 126 -32.78 -41.38 -30.85
N ASN A 127 -32.12 -40.28 -31.21
CA ASN A 127 -32.67 -38.96 -30.91
C ASN A 127 -32.91 -38.78 -29.41
N GLY A 128 -32.08 -39.42 -28.58
CA GLY A 128 -32.13 -39.23 -27.13
C GLY A 128 -33.20 -40.04 -26.40
N ILE A 129 -33.88 -40.92 -27.11
CA ILE A 129 -34.96 -41.71 -26.52
C ILE A 129 -34.61 -43.20 -26.54
N ILE A 130 -34.89 -43.88 -25.43
CA ILE A 130 -34.53 -45.29 -25.36
C ILE A 130 -35.28 -46.14 -26.36
N THR A 131 -34.56 -46.88 -27.17
CA THR A 131 -35.19 -47.60 -28.27
C THR A 131 -34.98 -49.10 -28.16
N ASP A 132 -33.94 -49.50 -27.44
CA ASP A 132 -33.69 -50.91 -27.18
C ASP A 132 -32.70 -51.11 -26.05
N THR A 133 -32.64 -52.33 -25.54
CA THR A 133 -31.59 -52.74 -24.62
C THR A 133 -31.00 -54.08 -25.06
N ILE A 134 -29.69 -54.22 -24.89
CA ILE A 134 -29.00 -55.48 -25.14
C ILE A 134 -28.31 -55.87 -23.83
N LYS A 135 -28.65 -57.04 -23.32
CA LYS A 135 -28.03 -57.53 -22.09
C LYS A 135 -26.89 -58.50 -22.35
N SER A 136 -25.89 -58.42 -21.47
CA SER A 136 -24.75 -59.34 -21.44
C SER A 136 -25.19 -60.78 -21.60
N TRP A 137 -24.55 -61.50 -22.52
CA TRP A 137 -24.94 -62.89 -22.75
C TRP A 137 -23.92 -63.89 -22.21
N ARG A 138 -22.74 -63.39 -21.85
CA ARG A 138 -21.71 -64.24 -21.26
C ARG A 138 -21.50 -63.92 -19.77
N ASN A 139 -22.19 -62.88 -19.29
CA ASN A 139 -22.07 -62.42 -17.91
C ASN A 139 -20.62 -62.09 -17.55
N ASN A 140 -19.95 -61.41 -18.46
CA ASN A 140 -18.54 -61.07 -18.27
C ASN A 140 -18.15 -59.80 -19.01
N ILE A 141 -18.56 -58.68 -18.43
CA ILE A 141 -18.28 -57.35 -18.94
C ILE A 141 -18.64 -57.17 -20.42
N LEU A 142 -19.94 -57.12 -20.72
CA LEU A 142 -20.35 -56.68 -22.04
C LEU A 142 -19.66 -55.35 -22.31
N ARG A 143 -19.18 -55.17 -23.53
CA ARG A 143 -18.40 -54.00 -23.89
C ARG A 143 -18.38 -53.80 -25.39
N THR A 144 -18.09 -52.57 -25.81
CA THR A 144 -18.19 -52.22 -27.22
C THR A 144 -17.02 -51.37 -27.75
N GLN A 145 -17.30 -50.59 -28.79
CA GLN A 145 -16.25 -50.05 -29.65
C GLN A 145 -15.37 -48.98 -29.01
N GLU A 146 -15.98 -48.10 -28.21
CA GLU A 146 -15.27 -46.91 -27.74
C GLU A 146 -14.91 -45.96 -28.88
N SER A 147 -15.67 -46.07 -29.97
CA SER A 147 -15.60 -45.17 -31.14
C SER A 147 -16.90 -45.25 -31.93
N GLU A 148 -16.98 -44.59 -33.09
CA GLU A 148 -18.25 -44.52 -33.83
C GLU A 148 -18.63 -45.82 -34.52
N CYS A 149 -19.88 -46.22 -34.33
CA CYS A 149 -20.47 -47.25 -35.19
C CYS A 149 -20.52 -46.76 -36.63
N ALA A 150 -20.94 -47.64 -37.53
CA ALA A 150 -20.97 -47.31 -38.95
C ALA A 150 -22.35 -47.53 -39.54
N CYS A 151 -22.80 -46.53 -40.31
CA CYS A 151 -24.17 -46.55 -40.85
C CYS A 151 -24.19 -46.63 -42.38
N VAL A 152 -25.01 -47.52 -42.90
CA VAL A 152 -25.20 -47.63 -44.35
C VAL A 152 -26.66 -47.90 -44.66
N ASN A 153 -27.23 -47.08 -45.54
CA ASN A 153 -28.55 -47.37 -46.11
C ASN A 153 -29.65 -47.43 -45.04
N GLY A 154 -29.46 -46.67 -43.96
CA GLY A 154 -30.47 -46.60 -42.90
C GLY A 154 -30.30 -47.62 -41.78
N SER A 155 -29.30 -48.47 -41.93
CA SER A 155 -28.90 -49.44 -40.89
C SER A 155 -27.54 -49.07 -40.30
N CYS A 156 -27.44 -49.10 -38.98
CA CYS A 156 -26.13 -48.85 -38.35
C CYS A 156 -25.60 -50.15 -37.73
N PHE A 157 -24.28 -50.27 -37.67
CA PHE A 157 -23.62 -51.52 -37.29
C PHE A 157 -22.52 -51.31 -36.24
N THR A 158 -22.41 -52.26 -35.33
CA THR A 158 -21.37 -52.22 -34.29
C THR A 158 -21.00 -53.62 -33.81
N ILE A 159 -19.88 -53.71 -33.10
CA ILE A 159 -19.43 -54.98 -32.51
C ILE A 159 -19.55 -54.93 -30.98
N MET A 160 -20.00 -56.02 -30.38
CA MET A 160 -19.92 -56.16 -28.92
C MET A 160 -19.22 -57.44 -28.53
N THR A 161 -18.53 -57.38 -27.40
CA THR A 161 -17.77 -58.50 -26.91
C THR A 161 -18.25 -58.81 -25.51
N ASP A 162 -18.27 -60.08 -25.16
CA ASP A 162 -18.58 -60.49 -23.81
C ASP A 162 -17.65 -61.66 -23.47
N GLY A 163 -16.99 -61.58 -22.32
CA GLY A 163 -16.07 -62.66 -21.96
C GLY A 163 -14.69 -62.17 -21.58
N PRO A 164 -13.75 -63.09 -21.44
CA PRO A 164 -12.39 -62.82 -20.97
C PRO A 164 -11.69 -61.80 -21.85
N SER A 165 -10.91 -60.92 -21.23
CA SER A 165 -10.02 -60.03 -21.98
C SER A 165 -8.60 -60.63 -22.10
N ASN A 166 -8.45 -61.86 -21.62
CA ASN A 166 -7.16 -62.56 -21.62
C ASN A 166 -7.31 -63.98 -22.17
N GLY A 167 -8.30 -64.17 -23.01
CA GLY A 167 -8.62 -65.49 -23.51
C GLY A 167 -9.76 -65.47 -24.50
N GLN A 168 -10.17 -66.67 -24.92
CA GLN A 168 -11.29 -66.81 -25.84
C GLN A 168 -12.52 -66.10 -25.27
N ALA A 169 -13.16 -65.27 -26.10
CA ALA A 169 -14.40 -64.59 -25.71
C ALA A 169 -15.48 -64.72 -26.78
N SER A 170 -16.58 -64.01 -26.60
CA SER A 170 -17.65 -64.03 -27.59
C SER A 170 -17.85 -62.68 -28.26
N TYR A 171 -18.15 -62.71 -29.56
CA TYR A 171 -18.20 -61.47 -30.34
C TYR A 171 -19.46 -61.45 -31.22
N LYS A 172 -20.11 -60.31 -31.30
CA LYS A 172 -21.33 -60.23 -32.09
C LYS A 172 -21.40 -58.96 -32.91
N ILE A 173 -21.83 -59.13 -34.15
CA ILE A 173 -22.17 -58.00 -34.99
C ILE A 173 -23.66 -57.70 -34.77
N LEU A 174 -23.96 -56.43 -34.51
CA LEU A 174 -25.35 -55.99 -34.35
C LEU A 174 -25.77 -55.07 -35.51
N LYS A 175 -26.97 -55.30 -36.03
CA LYS A 175 -27.54 -54.43 -37.06
C LYS A 175 -28.66 -53.65 -36.42
N ILE A 176 -28.55 -52.32 -36.43
CA ILE A 176 -29.44 -51.45 -35.69
C ILE A 176 -30.11 -50.46 -36.65
N GLU A 177 -31.44 -50.45 -36.66
CA GLU A 177 -32.17 -49.49 -37.49
C GLU A 177 -33.00 -48.56 -36.61
N LYS A 178 -32.69 -47.26 -36.67
CA LYS A 178 -33.45 -46.28 -35.86
C LYS A 178 -33.50 -46.68 -34.37
N GLY A 179 -32.40 -47.25 -33.87
CA GLY A 179 -32.27 -47.55 -32.44
C GLY A 179 -32.67 -48.95 -32.03
N LYS A 180 -33.23 -49.71 -32.97
CA LYS A 180 -33.76 -51.02 -32.64
C LYS A 180 -32.86 -52.09 -33.25
N VAL A 181 -32.42 -53.04 -32.43
CA VAL A 181 -31.66 -54.17 -32.97
C VAL A 181 -32.53 -55.04 -33.90
N THR A 182 -32.17 -55.13 -35.18
CA THR A 182 -32.96 -55.88 -36.15
C THR A 182 -32.37 -57.23 -36.56
N LYS A 183 -31.09 -57.44 -36.29
CA LYS A 183 -30.43 -58.68 -36.64
C LYS A 183 -29.09 -58.73 -35.94
N SER A 184 -28.72 -59.92 -35.47
CA SER A 184 -27.39 -60.11 -34.88
C SER A 184 -26.83 -61.48 -35.23
N ILE A 185 -25.50 -61.59 -35.25
CA ILE A 185 -24.84 -62.88 -35.47
C ILE A 185 -23.54 -62.95 -34.68
N GLU A 186 -23.29 -64.09 -34.07
CA GLU A 186 -22.06 -64.25 -33.33
C GLU A 186 -20.99 -64.75 -34.28
N LEU A 187 -19.81 -64.14 -34.21
CA LEU A 187 -18.73 -64.53 -35.10
C LEU A 187 -18.21 -65.89 -34.68
N ASN A 188 -18.18 -66.82 -35.64
CA ASN A 188 -17.48 -68.08 -35.48
C ASN A 188 -15.99 -67.77 -35.66
N ALA A 189 -15.31 -67.53 -34.54
CA ALA A 189 -13.96 -66.98 -34.59
C ALA A 189 -13.02 -67.58 -33.54
N PRO A 190 -12.96 -68.92 -33.47
CA PRO A 190 -12.05 -69.47 -32.47
C PRO A 190 -10.60 -69.01 -32.66
N ASN A 191 -9.97 -68.60 -31.57
CA ASN A 191 -8.57 -68.18 -31.57
C ASN A 191 -8.38 -66.73 -32.04
N TYR A 192 -9.49 -66.05 -32.28
CA TYR A 192 -9.50 -64.63 -32.54
C TYR A 192 -9.90 -63.94 -31.24
N HIS A 193 -9.53 -62.67 -31.10
CA HIS A 193 -9.94 -61.88 -29.94
C HIS A 193 -10.23 -60.48 -30.46
N TYR A 194 -11.47 -60.03 -30.23
CA TYR A 194 -11.97 -58.78 -30.78
C TYR A 194 -12.40 -57.84 -29.65
N GLU A 195 -11.83 -56.64 -29.64
CA GLU A 195 -12.26 -55.63 -28.69
C GLU A 195 -12.09 -54.25 -29.27
N GLU A 196 -12.89 -53.31 -28.77
CA GLU A 196 -12.68 -51.90 -29.09
C GLU A 196 -12.48 -51.72 -30.59
N CYS A 197 -13.43 -52.22 -31.36
CA CYS A 197 -13.36 -52.16 -32.80
C CYS A 197 -13.52 -50.75 -33.34
N SER A 198 -12.86 -50.49 -34.46
CA SER A 198 -12.99 -49.25 -35.20
C SER A 198 -13.62 -49.63 -36.53
N CYS A 199 -14.88 -49.24 -36.70
CA CYS A 199 -15.67 -49.66 -37.84
C CYS A 199 -16.07 -48.49 -38.72
N TYR A 200 -15.88 -48.66 -40.03
CA TYR A 200 -16.16 -47.63 -40.98
C TYR A 200 -16.85 -48.24 -42.21
N PRO A 201 -17.79 -47.48 -42.82
CA PRO A 201 -18.51 -47.90 -44.01
C PRO A 201 -17.65 -47.80 -45.26
N ASP A 202 -17.78 -48.78 -46.14
CA ASP A 202 -17.08 -48.74 -47.39
C ASP A 202 -17.96 -49.37 -48.43
N THR A 203 -18.20 -48.65 -49.52
CA THR A 203 -18.91 -49.25 -50.66
C THR A 203 -20.05 -50.21 -50.22
N GLY A 204 -20.93 -49.75 -49.33
CA GLY A 204 -22.09 -50.54 -48.92
C GLY A 204 -21.85 -51.60 -47.86
N LYS A 205 -20.58 -51.83 -47.53
CA LYS A 205 -20.23 -52.78 -46.47
C LYS A 205 -19.60 -52.06 -45.28
N VAL A 206 -19.28 -52.80 -44.22
CA VAL A 206 -18.56 -52.24 -43.10
C VAL A 206 -17.23 -52.98 -42.85
N MET A 207 -16.21 -52.22 -42.49
CA MET A 207 -14.91 -52.77 -42.09
C MET A 207 -14.56 -52.37 -40.66
N CYS A 208 -14.24 -53.35 -39.82
CA CYS A 208 -13.82 -53.09 -38.45
C CYS A 208 -12.39 -53.63 -38.23
N VAL A 209 -11.49 -52.76 -37.76
CA VAL A 209 -10.14 -53.13 -37.36
C VAL A 209 -10.06 -52.93 -35.85
N CYS A 210 -9.61 -53.97 -35.14
CA CYS A 210 -9.84 -54.04 -33.71
C CYS A 210 -8.59 -54.30 -32.87
N ARG A 211 -8.81 -54.77 -31.65
CA ARG A 211 -7.72 -55.02 -30.71
C ARG A 211 -7.81 -56.43 -30.15
N ASP A 212 -6.76 -57.21 -30.35
CA ASP A 212 -6.64 -58.53 -29.77
C ASP A 212 -5.83 -58.45 -28.48
N ASN A 213 -6.53 -58.54 -27.34
CA ASN A 213 -5.89 -58.40 -26.04
C ASN A 213 -5.37 -59.73 -25.51
N TRP A 214 -5.58 -60.78 -26.30
CA TRP A 214 -5.32 -62.14 -25.86
C TRP A 214 -3.92 -62.61 -26.31
N HIS A 215 -3.70 -62.69 -27.61
CA HIS A 215 -2.45 -63.24 -28.12
C HIS A 215 -2.12 -62.72 -29.53
N GLY A 216 -2.34 -61.43 -29.74
CA GLY A 216 -2.13 -60.84 -31.06
C GLY A 216 -1.54 -59.44 -31.01
N SER A 217 -0.38 -59.28 -31.63
CA SER A 217 0.28 -57.98 -31.70
C SER A 217 -0.03 -57.31 -33.04
N ASN A 218 -0.62 -58.06 -33.95
CA ASN A 218 -1.25 -57.49 -35.15
C ASN A 218 -2.75 -57.33 -34.92
N ARG A 219 -3.43 -56.57 -35.77
CA ARG A 219 -4.84 -56.30 -35.56
C ARG A 219 -5.81 -57.24 -36.26
N PRO A 220 -6.79 -57.76 -35.51
CA PRO A 220 -7.82 -58.55 -36.16
C PRO A 220 -8.81 -57.62 -36.85
N TRP A 221 -9.46 -58.13 -37.90
CA TRP A 221 -10.52 -57.38 -38.55
C TRP A 221 -11.69 -58.29 -38.82
N VAL A 222 -12.81 -57.64 -39.09
CA VAL A 222 -14.05 -58.29 -39.53
C VAL A 222 -14.79 -57.31 -40.46
N SER A 223 -15.25 -57.83 -41.59
CA SER A 223 -16.03 -57.06 -42.54
C SER A 223 -17.32 -57.81 -42.85
N PHE A 224 -18.37 -57.06 -43.16
CA PHE A 224 -19.70 -57.66 -43.37
C PHE A 224 -20.56 -56.76 -44.25
N ASP A 225 -21.53 -57.38 -44.92
CA ASP A 225 -22.53 -56.63 -45.67
C ASP A 225 -23.76 -56.32 -44.82
N GLN A 226 -24.77 -55.74 -45.44
CA GLN A 226 -25.96 -55.30 -44.70
C GLN A 226 -26.76 -56.48 -44.17
N ASN A 227 -26.39 -57.69 -44.59
CA ASN A 227 -27.08 -58.90 -44.16
CA ASN A 227 -27.56 -58.70 -43.95
C ASN A 227 -26.31 -59.62 -43.05
N LEU A 228 -25.19 -59.02 -42.65
CA LEU A 228 -24.28 -59.58 -41.65
C LEU A 228 -23.55 -60.84 -42.14
N ASP A 229 -23.49 -61.00 -43.45
CA ASP A 229 -22.61 -62.01 -44.02
C ASP A 229 -21.20 -61.48 -43.78
N TYR A 230 -20.38 -62.21 -43.03
CA TYR A 230 -19.12 -61.62 -42.61
C TYR A 230 -17.85 -62.33 -43.08
N GLN A 231 -16.75 -61.60 -42.98
CA GLN A 231 -15.44 -62.19 -43.15
C GLN A 231 -14.54 -61.79 -41.98
N ILE A 232 -13.62 -62.67 -41.62
CA ILE A 232 -12.67 -62.40 -40.54
C ILE A 232 -11.22 -62.65 -40.93
N GLY A 233 -10.32 -61.99 -40.21
CA GLY A 233 -8.89 -62.14 -40.48
C GLY A 233 -8.05 -61.26 -39.57
N TYR A 234 -6.74 -61.30 -39.79
CA TYR A 234 -5.79 -60.42 -39.12
C TYR A 234 -5.01 -59.66 -40.17
N ILE A 235 -4.63 -58.42 -39.85
CA ILE A 235 -3.78 -57.68 -40.78
C ILE A 235 -2.44 -58.42 -40.93
N CYS A 236 -2.06 -58.70 -42.18
CA CYS A 236 -0.97 -59.62 -42.46
C CYS A 236 0.39 -58.95 -42.38
N SER A 237 0.41 -57.63 -42.50
CA SER A 237 1.68 -56.91 -42.57
C SER A 237 2.53 -57.11 -41.32
N GLY A 238 3.82 -57.32 -41.55
CA GLY A 238 4.79 -57.33 -40.47
C GLY A 238 5.00 -55.94 -39.91
N VAL A 239 4.21 -54.97 -40.39
CA VAL A 239 4.20 -53.65 -39.74
C VAL A 239 3.16 -53.71 -38.62
N PHE A 240 3.56 -54.28 -37.49
CA PHE A 240 2.60 -54.57 -36.43
C PHE A 240 1.89 -53.32 -35.93
N GLY A 241 0.58 -53.45 -35.73
CA GLY A 241 -0.24 -52.31 -35.38
C GLY A 241 -0.61 -52.13 -33.92
N ASP A 242 -0.43 -53.18 -33.10
CA ASP A 242 -0.86 -53.11 -31.71
C ASP A 242 0.21 -52.45 -30.82
N ASN A 243 -0.09 -52.36 -29.53
CA ASN A 243 0.88 -51.91 -28.55
C ASN A 243 0.51 -52.52 -27.20
N PRO A 244 1.41 -53.35 -26.66
CA PRO A 244 2.76 -53.66 -27.12
C PRO A 244 2.82 -54.47 -28.40
N ARG A 245 4.02 -54.62 -28.94
CA ARG A 245 4.26 -55.37 -30.16
C ARG A 245 5.75 -55.64 -30.31
N PRO A 246 6.10 -56.65 -31.10
CA PRO A 246 7.51 -56.85 -31.40
C PRO A 246 8.00 -55.83 -32.42
N ASN A 247 9.29 -55.85 -32.74
CA ASN A 247 9.80 -55.06 -33.86
C ASN A 247 9.23 -55.56 -35.18
N ASP A 248 9.06 -54.65 -36.13
CA ASP A 248 8.58 -55.07 -37.44
C ASP A 248 9.44 -56.22 -37.93
N GLY A 249 8.78 -57.20 -38.54
CA GLY A 249 9.42 -58.39 -39.09
C GLY A 249 8.41 -59.12 -39.94
N THR A 250 8.40 -60.44 -39.87
CA THR A 250 7.41 -61.23 -40.61
C THR A 250 6.07 -61.26 -39.87
N GLY A 251 5.06 -60.70 -40.52
CA GLY A 251 3.71 -60.73 -39.98
C GLY A 251 3.00 -62.04 -40.27
N SER A 252 1.70 -62.06 -40.01
CA SER A 252 0.88 -63.23 -40.24
C SER A 252 -0.57 -62.82 -40.50
N CYS A 253 -1.29 -63.66 -41.24
CA CYS A 253 -2.69 -63.38 -41.48
C CYS A 253 -3.51 -63.99 -40.34
N GLY A 254 -2.79 -64.61 -39.41
CA GLY A 254 -3.36 -65.02 -38.14
C GLY A 254 -2.83 -64.13 -37.04
N PRO A 255 -3.23 -64.41 -35.79
CA PRO A 255 -2.73 -63.69 -34.61
C PRO A 255 -1.23 -63.89 -34.36
N VAL A 256 -0.49 -62.78 -34.38
CA VAL A 256 0.93 -62.83 -34.09
C VAL A 256 1.07 -62.95 -32.58
N SER A 257 1.63 -64.06 -32.12
CA SER A 257 1.69 -64.34 -30.69
C SER A 257 2.64 -63.43 -29.91
N SER A 258 3.83 -63.20 -30.47
CA SER A 258 4.86 -62.42 -29.78
CA SER A 258 4.95 -62.26 -29.92
C SER A 258 4.32 -61.07 -29.29
N ASN A 259 4.46 -60.81 -28.00
CA ASN A 259 4.07 -59.53 -27.42
C ASN A 259 2.58 -59.32 -27.62
N GLY A 260 1.87 -60.42 -27.83
CA GLY A 260 0.46 -60.35 -28.21
C GLY A 260 -0.49 -59.92 -27.13
N ALA A 261 -0.25 -60.39 -25.90
CA ALA A 261 -1.15 -60.07 -24.79
C ALA A 261 -1.23 -58.57 -24.55
N ASN A 262 -2.37 -58.12 -24.04
CA ASN A 262 -2.64 -56.70 -23.88
C ASN A 262 -2.76 -56.06 -25.25
N GLY A 263 -2.91 -54.74 -25.28
CA GLY A 263 -3.05 -54.01 -26.52
C GLY A 263 -3.52 -52.58 -26.33
N ILE A 264 -3.91 -51.95 -27.42
CA ILE A 264 -4.44 -50.60 -27.37
C ILE A 264 -5.55 -50.46 -28.42
N LYS A 265 -6.59 -49.71 -28.10
CA LYS A 265 -7.59 -49.40 -29.10
C LYS A 265 -6.88 -48.73 -30.27
N GLY A 266 -7.18 -49.19 -31.48
CA GLY A 266 -6.54 -48.65 -32.66
C GLY A 266 -7.41 -48.82 -33.89
N PHE A 267 -6.83 -48.53 -35.05
CA PHE A 267 -7.59 -48.55 -36.29
C PHE A 267 -6.67 -48.73 -37.51
N SER A 268 -7.28 -49.13 -38.63
CA SER A 268 -6.57 -49.17 -39.93
C SER A 268 -7.57 -49.09 -41.10
N PHE A 269 -7.16 -48.45 -42.20
CA PHE A 269 -8.03 -48.33 -43.38
C PHE A 269 -7.49 -49.20 -44.51
N ARG A 270 -8.35 -50.08 -45.04
CA ARG A 270 -7.96 -50.93 -46.16
C ARG A 270 -8.17 -50.23 -47.50
N TYR A 271 -7.13 -50.26 -48.33
CA TYR A 271 -7.23 -49.80 -49.71
C TYR A 271 -6.75 -50.93 -50.63
N ASP A 272 -7.71 -51.69 -51.16
CA ASP A 272 -7.38 -52.86 -51.98
C ASP A 272 -6.58 -53.88 -51.15
N ASN A 273 -5.36 -54.22 -51.60
CA ASN A 273 -4.46 -55.09 -50.82
C ASN A 273 -3.49 -54.33 -49.90
N GLY A 274 -3.60 -53.01 -49.90
CA GLY A 274 -2.82 -52.17 -49.00
C GLY A 274 -3.57 -51.72 -47.76
N VAL A 275 -2.85 -51.02 -46.88
CA VAL A 275 -3.42 -50.53 -45.62
C VAL A 275 -2.70 -49.28 -45.11
N TRP A 276 -3.49 -48.33 -44.60
CA TRP A 276 -3.01 -47.20 -43.85
C TRP A 276 -3.09 -47.62 -42.39
N ILE A 277 -1.94 -47.73 -41.74
CA ILE A 277 -1.85 -48.13 -40.35
C ILE A 277 -1.49 -46.93 -39.49
N GLY A 278 -2.32 -46.65 -38.49
CA GLY A 278 -1.97 -45.71 -37.44
C GLY A 278 -1.49 -46.51 -36.25
N ARG A 279 -0.31 -46.16 -35.72
CA ARG A 279 0.19 -46.86 -34.52
C ARG A 279 1.05 -45.97 -33.65
N THR A 280 1.31 -46.44 -32.43
CA THR A 280 2.23 -45.75 -31.57
C THR A 280 3.61 -45.84 -32.21
N LYS A 281 4.51 -44.95 -31.82
CA LYS A 281 5.87 -45.03 -32.32
C LYS A 281 6.67 -46.04 -31.50
N SER A 282 6.37 -46.10 -30.20
CA SER A 282 7.01 -47.07 -29.33
C SER A 282 6.37 -48.45 -29.48
N THR A 283 7.18 -49.47 -29.23
CA THR A 283 6.72 -50.86 -29.27
C THR A 283 6.22 -51.34 -27.91
N SER A 284 6.58 -50.61 -26.86
CA SER A 284 6.29 -51.06 -25.51
C SER A 284 5.40 -50.11 -24.73
N SER A 285 5.48 -48.82 -25.07
CA SER A 285 4.73 -47.80 -24.33
C SER A 285 3.72 -47.08 -25.23
N ARG A 286 2.68 -46.51 -24.62
CA ARG A 286 1.68 -45.74 -25.35
C ARG A 286 2.25 -44.35 -25.67
N SER A 287 3.27 -44.34 -26.53
CA SER A 287 4.07 -43.15 -26.79
C SER A 287 4.26 -42.91 -28.27
N GLY A 288 4.13 -41.66 -28.68
CA GLY A 288 4.20 -41.30 -30.09
C GLY A 288 3.02 -41.79 -30.92
N PHE A 289 2.88 -41.25 -32.11
CA PHE A 289 1.92 -41.80 -33.06
C PHE A 289 2.38 -41.51 -34.48
N GLU A 290 2.06 -42.42 -35.39
CA GLU A 290 2.45 -42.29 -36.80
C GLU A 290 1.46 -42.98 -37.72
N MET A 291 1.37 -42.49 -38.95
CA MET A 291 0.57 -43.13 -39.99
C MET A 291 1.52 -43.76 -40.99
N ILE A 292 1.32 -45.04 -41.30
CA ILE A 292 2.19 -45.74 -42.23
C ILE A 292 1.36 -46.30 -43.37
N TRP A 293 1.77 -46.01 -44.60
CA TRP A 293 1.16 -46.62 -45.76
C TRP A 293 1.90 -47.86 -46.25
N ASP A 294 1.24 -49.02 -46.17
CA ASP A 294 1.80 -50.26 -46.72
C ASP A 294 0.93 -50.82 -47.85
N PRO A 295 1.40 -50.67 -49.09
CA PRO A 295 0.59 -50.97 -50.28
C PRO A 295 0.02 -52.37 -50.33
N ASN A 296 0.71 -53.33 -49.71
CA ASN A 296 0.25 -54.71 -49.72
C ASN A 296 0.03 -55.27 -48.31
N GLY A 297 0.02 -54.37 -47.32
CA GLY A 297 -0.01 -54.74 -45.92
C GLY A 297 -1.25 -55.47 -45.46
N TRP A 298 -2.34 -55.36 -46.21
CA TRP A 298 -3.54 -56.07 -45.80
C TRP A 298 -3.37 -57.58 -45.95
N THR A 299 -2.73 -58.01 -47.03
CA THR A 299 -2.64 -59.42 -47.38
C THR A 299 -1.23 -60.02 -47.40
N GLU A 300 -0.21 -59.18 -47.52
CA GLU A 300 1.17 -59.67 -47.57
C GLU A 300 1.94 -59.46 -46.26
N THR A 301 2.76 -60.44 -45.90
CA THR A 301 3.41 -60.50 -44.58
C THR A 301 4.77 -59.81 -44.43
N ASP A 302 5.28 -59.20 -45.49
CA ASP A 302 6.54 -58.48 -45.36
C ASP A 302 6.45 -57.28 -44.41
N SER A 303 7.60 -56.71 -44.07
CA SER A 303 7.68 -55.57 -43.17
C SER A 303 7.98 -54.28 -43.92
N SER A 304 8.00 -54.36 -45.24
CA SER A 304 8.26 -53.21 -46.09
C SER A 304 7.05 -52.30 -46.12
N PHE A 305 7.28 -50.99 -46.18
CA PHE A 305 6.21 -50.01 -46.36
C PHE A 305 6.73 -48.83 -47.18
N SER A 306 5.81 -48.04 -47.73
CA SER A 306 6.21 -46.97 -48.62
C SER A 306 6.20 -45.56 -48.01
N VAL A 307 5.39 -45.33 -46.98
CA VAL A 307 5.25 -43.95 -46.45
C VAL A 307 5.00 -43.86 -44.92
N ARG A 308 5.79 -43.05 -44.24
CA ARG A 308 5.54 -42.77 -42.82
C ARG A 308 5.24 -41.28 -42.62
N GLN A 309 4.14 -40.98 -41.93
CA GLN A 309 3.83 -39.60 -41.57
C GLN A 309 3.76 -39.47 -40.05
N ASP A 310 4.64 -38.65 -39.49
CA ASP A 310 4.68 -38.44 -38.05
C ASP A 310 3.45 -37.66 -37.56
N ILE A 311 2.97 -38.00 -36.37
CA ILE A 311 1.79 -37.36 -35.81
C ILE A 311 2.07 -36.86 -34.39
N VAL A 312 2.67 -37.73 -33.58
CA VAL A 312 3.13 -37.35 -32.24
C VAL A 312 4.54 -37.92 -32.04
N ALA A 313 5.46 -37.10 -31.56
CA ALA A 313 6.82 -37.57 -31.33
C ALA A 313 6.82 -38.70 -30.31
N ILE A 314 7.83 -39.57 -30.41
CA ILE A 314 7.95 -40.72 -29.52
C ILE A 314 8.19 -40.30 -28.06
N THR A 315 8.67 -39.08 -27.87
CA THR A 315 8.93 -38.58 -26.52
C THR A 315 7.66 -38.04 -25.86
N ASP A 316 6.54 -38.18 -26.57
CA ASP A 316 5.26 -37.70 -26.04
C ASP A 316 4.21 -38.81 -25.93
N TRP A 317 3.30 -38.63 -25.00
CA TRP A 317 2.26 -39.61 -24.74
C TRP A 317 1.17 -39.60 -25.80
N SER A 318 0.75 -40.79 -26.21
CA SER A 318 -0.41 -40.93 -27.06
C SER A 318 -1.46 -41.71 -26.28
N GLY A 319 -2.06 -42.72 -26.91
CA GLY A 319 -3.17 -43.43 -26.30
C GLY A 319 -4.07 -44.00 -27.36
N TYR A 320 -5.33 -44.22 -27.00
CA TYR A 320 -6.32 -44.81 -27.90
C TYR A 320 -6.45 -44.02 -29.19
N SER A 321 -6.71 -44.71 -30.31
CA SER A 321 -7.09 -44.02 -31.54
C SER A 321 -8.26 -44.74 -32.20
N GLY A 322 -9.00 -44.04 -33.05
CA GLY A 322 -10.11 -44.66 -33.76
C GLY A 322 -10.37 -43.99 -35.10
N SER A 323 -11.02 -44.72 -36.01
CA SER A 323 -11.46 -44.17 -37.29
C SER A 323 -12.76 -43.35 -37.15
N PHE A 324 -12.88 -42.29 -37.94
CA PHE A 324 -14.18 -41.70 -38.23
C PHE A 324 -14.24 -41.25 -39.69
N VAL A 325 -15.41 -41.38 -40.27
CA VAL A 325 -15.58 -41.04 -41.67
C VAL A 325 -16.37 -39.74 -41.79
N GLN A 326 -16.23 -39.09 -42.93
CA GLN A 326 -17.12 -38.03 -43.37
C GLN A 326 -17.82 -38.42 -44.68
N HIS A 327 -19.15 -38.58 -44.60
CA HIS A 327 -19.99 -39.10 -45.71
C HIS A 327 -20.16 -38.04 -46.80
N PRO A 328 -20.37 -38.46 -48.06
CA PRO A 328 -20.64 -37.49 -49.14
C PRO A 328 -21.74 -36.51 -48.77
N GLU A 329 -22.68 -36.95 -47.95
CA GLU A 329 -23.81 -36.12 -47.56
C GLU A 329 -23.36 -34.91 -46.75
N LEU A 330 -22.27 -35.06 -46.01
CA LEU A 330 -21.74 -33.93 -45.23
C LEU A 330 -20.76 -33.11 -46.05
N THR A 331 -19.97 -33.77 -46.90
CA THR A 331 -18.86 -33.07 -47.53
C THR A 331 -19.19 -32.58 -48.94
N GLY A 332 -20.12 -33.29 -49.60
CA GLY A 332 -20.40 -33.02 -51.00
C GLY A 332 -19.36 -33.64 -51.92
N LEU A 333 -18.59 -34.58 -51.39
CA LEU A 333 -17.66 -35.30 -52.26
C LEU A 333 -18.36 -36.52 -52.86
N ASP A 334 -17.70 -37.20 -53.80
CA ASP A 334 -18.28 -38.42 -54.35
C ASP A 334 -17.60 -39.66 -53.80
N CYS A 335 -16.90 -39.47 -52.69
CA CYS A 335 -16.23 -40.57 -52.03
C CYS A 335 -16.28 -40.46 -50.53
N MET A 336 -16.06 -41.60 -49.88
CA MET A 336 -16.03 -41.70 -48.42
C MET A 336 -14.71 -41.18 -47.86
N ARG A 337 -14.79 -40.11 -47.07
CA ARG A 337 -13.58 -39.56 -46.45
C ARG A 337 -13.21 -40.27 -45.15
N PRO A 338 -11.96 -40.75 -45.09
CA PRO A 338 -11.44 -41.31 -43.85
C PRO A 338 -10.78 -40.23 -42.99
N CYS A 339 -10.99 -40.36 -41.69
CA CYS A 339 -10.40 -39.47 -40.73
C CYS A 339 -10.07 -40.35 -39.54
N PHE A 340 -9.26 -39.82 -38.64
CA PHE A 340 -8.98 -40.51 -37.39
C PHE A 340 -8.73 -39.52 -36.26
N TRP A 341 -9.00 -39.99 -35.05
CA TRP A 341 -8.66 -39.26 -33.85
C TRP A 341 -7.60 -40.02 -33.06
N VAL A 342 -6.86 -39.28 -32.24
CA VAL A 342 -5.95 -39.85 -31.26
C VAL A 342 -6.21 -39.23 -29.89
N GLU A 343 -6.20 -40.09 -28.88
CA GLU A 343 -6.32 -39.71 -27.48
C GLU A 343 -4.93 -39.53 -26.92
N LEU A 344 -4.68 -38.41 -26.27
CA LEU A 344 -3.39 -38.16 -25.65
C LEU A 344 -3.55 -38.28 -24.14
N ILE A 345 -3.08 -39.39 -23.59
CA ILE A 345 -3.35 -39.72 -22.20
C ILE A 345 -2.28 -39.13 -21.28
N ARG A 346 -2.75 -38.41 -20.27
CA ARG A 346 -1.86 -37.82 -19.27
C ARG A 346 -2.23 -38.36 -17.90
N GLY A 347 -1.24 -38.52 -17.04
CA GLY A 347 -1.48 -38.98 -15.70
C GLY A 347 -1.17 -40.46 -15.52
N GLN A 348 -1.84 -41.08 -14.56
CA GLN A 348 -1.60 -42.48 -14.24
C GLN A 348 -1.82 -43.40 -15.44
N PRO A 349 -1.09 -44.51 -15.51
CA PRO A 349 -0.10 -44.91 -14.52
C PRO A 349 1.31 -44.36 -14.80
N LYS A 350 1.51 -43.77 -15.96
CA LYS A 350 2.85 -43.34 -16.38
C LYS A 350 3.30 -42.04 -15.71
N GLU A 351 2.34 -41.24 -15.24
CA GLU A 351 2.66 -39.98 -14.60
C GLU A 351 2.12 -39.87 -13.17
N ASN A 352 2.72 -38.96 -12.40
CA ASN A 352 2.45 -38.80 -10.97
C ASN A 352 1.31 -37.82 -10.66
N THR A 353 0.08 -38.28 -10.85
CA THR A 353 -1.10 -37.50 -10.47
C THR A 353 -2.19 -38.45 -10.00
N ILE A 354 -3.19 -37.91 -9.32
CA ILE A 354 -4.28 -38.74 -8.81
C ILE A 354 -5.19 -39.22 -9.93
N TRP A 355 -5.22 -38.46 -11.02
CA TRP A 355 -6.17 -38.66 -12.12
C TRP A 355 -5.53 -39.15 -13.41
N THR A 356 -6.35 -39.73 -14.28
CA THR A 356 -5.94 -40.02 -15.64
C THR A 356 -6.99 -39.43 -16.59
N SER A 357 -6.51 -38.70 -17.59
CA SER A 357 -7.39 -38.11 -18.59
C SER A 357 -6.67 -38.03 -19.92
N GLY A 358 -7.41 -37.65 -20.94
CA GLY A 358 -6.84 -37.49 -22.27
C GLY A 358 -7.35 -36.22 -22.91
N SER A 359 -6.52 -35.65 -23.78
CA SER A 359 -7.00 -34.65 -24.73
C SER A 359 -7.02 -35.27 -26.13
N SER A 360 -7.36 -34.51 -27.14
CA SER A 360 -7.45 -35.14 -28.45
C SER A 360 -6.91 -34.32 -29.61
N ILE A 361 -6.57 -35.05 -30.66
CA ILE A 361 -6.24 -34.47 -31.95
C ILE A 361 -6.93 -35.27 -33.02
N SER A 362 -7.16 -34.66 -34.17
CA SER A 362 -7.71 -35.45 -35.26
C SER A 362 -7.20 -34.98 -36.60
N PHE A 363 -7.22 -35.91 -37.56
CA PHE A 363 -6.72 -35.64 -38.89
C PHE A 363 -7.68 -36.19 -39.92
N CYS A 364 -7.71 -35.58 -41.09
CA CYS A 364 -8.49 -36.17 -42.19
C CYS A 364 -7.62 -36.45 -43.41
N GLY A 365 -7.91 -37.58 -44.06
CA GLY A 365 -7.15 -38.00 -45.23
C GLY A 365 -7.47 -37.07 -46.38
N VAL A 366 -6.46 -36.74 -47.18
CA VAL A 366 -6.67 -35.82 -48.31
C VAL A 366 -5.71 -36.13 -49.45
N ASN A 367 -6.10 -35.76 -50.66
CA ASN A 367 -5.21 -35.95 -51.81
C ASN A 367 -4.61 -34.60 -52.20
N SER A 368 -3.91 -34.01 -51.25
CA SER A 368 -3.19 -32.77 -51.48
C SER A 368 -1.98 -32.75 -50.54
N ASP A 369 -1.14 -31.73 -50.64
CA ASP A 369 0.06 -31.72 -49.83
C ASP A 369 -0.22 -31.79 -48.33
N THR A 370 0.55 -32.60 -47.63
CA THR A 370 0.49 -32.62 -46.17
C THR A 370 1.91 -32.61 -45.59
N VAL A 371 2.01 -32.68 -44.27
CA VAL A 371 3.29 -32.72 -43.60
C VAL A 371 3.23 -33.42 -42.24
N GLY A 372 4.29 -34.12 -41.89
CA GLY A 372 4.40 -34.76 -40.60
C GLY A 372 4.93 -33.80 -39.55
N TRP A 373 4.59 -34.07 -38.29
CA TRP A 373 5.02 -33.21 -37.18
C TRP A 373 4.62 -33.88 -35.87
N SER A 374 4.67 -33.11 -34.78
CA SER A 374 4.21 -33.59 -33.48
C SER A 374 3.23 -32.60 -32.86
N TRP A 375 2.00 -33.07 -32.60
CA TRP A 375 0.98 -32.25 -31.98
C TRP A 375 0.54 -32.88 -30.65
N PRO A 376 1.41 -32.82 -29.62
CA PRO A 376 1.16 -33.57 -28.40
C PRO A 376 0.18 -32.87 -27.45
N ASP A 377 -0.05 -33.45 -26.28
CA ASP A 377 -0.96 -32.84 -25.32
C ASP A 377 -0.48 -31.47 -24.87
N GLY A 378 0.73 -31.40 -24.33
CA GLY A 378 1.34 -30.12 -23.97
C GLY A 378 1.05 -29.61 -22.57
N ALA A 379 0.32 -30.40 -21.78
CA ALA A 379 0.05 -30.00 -20.39
C ALA A 379 1.27 -30.25 -19.52
N GLU A 380 1.40 -29.45 -18.46
CA GLU A 380 2.52 -29.58 -17.52
C GLU A 380 2.03 -30.14 -16.19
N LEU A 381 2.35 -31.40 -15.94
CA LEU A 381 1.83 -32.11 -14.77
C LEU A 381 2.91 -32.22 -13.70
N PRO A 382 2.49 -32.39 -12.43
CA PRO A 382 1.11 -32.44 -12.00
C PRO A 382 0.44 -31.05 -11.88
N PHE A 383 -0.85 -31.04 -11.58
CA PHE A 383 -1.56 -29.79 -11.34
C PHE A 383 -1.58 -29.49 -9.84
N SER A 384 -2.62 -28.80 -9.38
CA SER A 384 -2.75 -28.48 -7.96
C SER A 384 -3.30 -29.64 -7.14
N ILE A 385 -4.29 -30.33 -7.70
CA ILE A 385 -4.90 -31.49 -7.06
C ILE A 385 -4.90 -32.66 -8.03
N VAL B 1 -27.30 -17.26 -50.69
CA VAL B 1 -26.80 -15.94 -51.16
C VAL B 1 -25.28 -15.96 -51.37
N ILE B 2 -24.81 -15.32 -52.44
CA ILE B 2 -23.38 -15.03 -52.54
C ILE B 2 -23.18 -13.52 -52.51
N LEU B 3 -22.15 -13.08 -51.79
CA LEU B 3 -21.86 -11.66 -51.71
C LEU B 3 -21.30 -11.14 -53.03
N THR B 4 -21.93 -10.10 -53.55
CA THR B 4 -21.54 -9.52 -54.82
C THR B 4 -20.18 -8.86 -54.75
N GLY B 5 -20.01 -7.99 -53.76
CA GLY B 5 -18.77 -7.25 -53.61
C GLY B 5 -18.57 -6.26 -54.73
N ASN B 6 -19.64 -5.88 -55.40
CA ASN B 6 -19.54 -4.93 -56.49
C ASN B 6 -19.67 -3.48 -56.01
N SER B 7 -20.12 -3.31 -54.76
CA SER B 7 -20.34 -1.98 -54.18
C SER B 7 -19.02 -1.30 -53.87
N SER B 8 -19.01 0.02 -53.92
CA SER B 8 -17.79 0.76 -53.61
C SER B 8 -17.86 1.24 -52.13
N LEU B 9 -16.78 1.78 -51.59
CA LEU B 9 -16.76 2.11 -50.15
C LEU B 9 -17.69 3.27 -49.78
N CYS B 10 -18.40 3.11 -48.66
CA CYS B 10 -19.29 4.15 -48.13
C CYS B 10 -18.54 5.45 -47.83
N PRO B 11 -19.09 6.59 -48.28
CA PRO B 11 -18.51 7.84 -47.82
C PRO B 11 -18.65 7.90 -46.30
N ILE B 12 -17.59 8.35 -45.63
CA ILE B 12 -17.58 8.48 -44.18
C ILE B 12 -16.89 9.79 -43.74
N SER B 13 -17.17 10.22 -42.51
CA SER B 13 -16.51 11.39 -41.93
C SER B 13 -15.66 11.05 -40.70
N GLY B 14 -15.97 9.89 -40.10
CA GLY B 14 -15.28 9.41 -38.91
C GLY B 14 -15.65 7.99 -38.49
N TRP B 15 -15.21 7.62 -37.29
CA TRP B 15 -15.32 6.25 -36.83
C TRP B 15 -16.13 6.17 -35.52
N ALA B 16 -17.17 5.34 -35.54
CA ALA B 16 -18.05 5.16 -34.40
C ALA B 16 -17.72 3.83 -33.74
N ILE B 17 -17.70 3.81 -32.42
CA ILE B 17 -17.19 2.62 -31.75
C ILE B 17 -18.19 1.49 -31.87
N TYR B 18 -17.68 0.31 -32.19
CA TYR B 18 -18.52 -0.83 -32.51
C TYR B 18 -18.51 -1.90 -31.41
N SER B 19 -17.30 -2.28 -31.01
CA SER B 19 -17.16 -3.25 -29.93
C SER B 19 -16.01 -2.96 -28.98
N LYS B 20 -16.11 -3.57 -27.80
CA LYS B 20 -14.99 -3.68 -26.86
C LYS B 20 -15.26 -4.93 -26.02
N ASP B 21 -14.27 -5.79 -25.85
CA ASP B 21 -14.49 -7.08 -25.17
C ASP B 21 -14.02 -7.16 -23.71
N ASN B 22 -13.14 -6.23 -23.32
CA ASN B 22 -12.61 -6.24 -21.96
C ASN B 22 -12.04 -7.59 -21.56
N GLY B 23 -11.58 -8.34 -22.56
CA GLY B 23 -11.11 -9.71 -22.36
C GLY B 23 -10.13 -9.92 -21.22
N ILE B 24 -9.14 -9.04 -21.10
CA ILE B 24 -8.09 -9.21 -20.07
C ILE B 24 -8.60 -8.81 -18.66
N ARG B 25 -9.40 -7.76 -18.58
CA ARG B 25 -10.06 -7.40 -17.33
C ARG B 25 -10.96 -8.52 -16.84
N ILE B 26 -11.70 -9.13 -17.77
CA ILE B 26 -12.62 -10.22 -17.39
C ILE B 26 -11.81 -11.46 -16.99
N GLY B 27 -10.74 -11.71 -17.73
CA GLY B 27 -9.88 -12.87 -17.50
C GLY B 27 -9.05 -12.81 -16.23
N SER B 28 -9.09 -11.69 -15.52
CA SER B 28 -8.42 -11.59 -14.23
C SER B 28 -9.07 -12.57 -13.26
N LYS B 29 -10.33 -12.94 -13.57
CA LYS B 29 -11.15 -13.73 -12.66
C LYS B 29 -11.89 -14.89 -13.38
N GLY B 30 -12.44 -14.61 -14.56
CA GLY B 30 -13.11 -15.65 -15.35
C GLY B 30 -12.14 -16.49 -16.16
N ASP B 31 -12.65 -17.56 -16.78
CA ASP B 31 -11.83 -18.43 -17.62
C ASP B 31 -11.78 -17.92 -19.07
N VAL B 32 -10.71 -17.20 -19.38
CA VAL B 32 -10.59 -16.50 -20.65
C VAL B 32 -9.27 -16.93 -21.31
N PHE B 33 -9.31 -17.21 -22.61
CA PHE B 33 -8.10 -17.63 -23.31
C PHE B 33 -7.05 -16.52 -23.31
N VAL B 34 -5.78 -16.94 -23.29
CA VAL B 34 -4.69 -16.08 -23.70
C VAL B 34 -4.73 -16.07 -25.23
N ILE B 35 -4.87 -14.89 -25.82
CA ILE B 35 -5.08 -14.78 -27.28
C ILE B 35 -4.16 -13.77 -27.97
N ARG B 36 -4.06 -13.88 -29.29
CA ARG B 36 -3.49 -12.82 -30.13
C ARG B 36 -4.29 -12.64 -31.41
N GLU B 37 -4.05 -11.52 -32.08
CA GLU B 37 -4.72 -11.23 -33.36
C GLU B 37 -6.23 -11.54 -33.39
N PRO B 38 -7.02 -10.74 -32.65
CA PRO B 38 -8.47 -10.90 -32.54
C PRO B 38 -9.21 -10.17 -33.69
N PHE B 39 -9.07 -10.70 -34.90
CA PHE B 39 -9.66 -10.06 -36.09
C PHE B 39 -11.14 -10.37 -36.23
N ILE B 40 -11.89 -9.40 -36.73
CA ILE B 40 -13.31 -9.60 -36.98
C ILE B 40 -13.56 -9.98 -38.44
N SER B 41 -14.63 -10.74 -38.67
CA SER B 41 -15.09 -11.05 -40.00
C SER B 41 -16.56 -11.42 -39.94
N CYS B 42 -17.34 -10.87 -40.87
CA CYS B 42 -18.79 -10.97 -40.85
C CYS B 42 -19.37 -11.81 -41.99
N SER B 43 -20.52 -12.43 -41.71
CA SER B 43 -21.28 -13.11 -42.74
C SER B 43 -22.34 -12.16 -43.26
N HIS B 44 -23.40 -12.73 -43.83
CA HIS B 44 -24.56 -11.93 -44.25
C HIS B 44 -25.50 -11.78 -43.07
N LEU B 45 -25.19 -12.51 -41.99
CA LEU B 45 -26.07 -12.59 -40.84
C LEU B 45 -25.42 -12.04 -39.58
N GLU B 46 -24.13 -12.29 -39.40
CA GLU B 46 -23.49 -11.88 -38.15
C GLU B 46 -22.00 -11.59 -38.28
N CYS B 47 -21.41 -11.08 -37.21
CA CYS B 47 -19.97 -10.84 -37.16
C CYS B 47 -19.33 -11.63 -36.02
N ARG B 48 -18.14 -12.15 -36.26
CA ARG B 48 -17.47 -12.93 -35.23
C ARG B 48 -16.04 -12.48 -34.98
N THR B 49 -15.56 -12.66 -33.76
CA THR B 49 -14.15 -12.44 -33.50
C THR B 49 -13.30 -13.71 -33.59
N PHE B 50 -12.43 -13.74 -34.58
CA PHE B 50 -11.49 -14.83 -34.73
C PHE B 50 -10.24 -14.49 -33.96
N PHE B 51 -9.53 -15.50 -33.51
CA PHE B 51 -8.33 -15.29 -32.71
C PHE B 51 -7.51 -16.56 -32.61
N LEU B 52 -6.23 -16.40 -32.29
CA LEU B 52 -5.37 -17.55 -32.07
C LEU B 52 -5.11 -17.71 -30.58
N THR B 53 -5.11 -18.95 -30.12
CA THR B 53 -4.79 -19.24 -28.72
C THR B 53 -3.72 -20.31 -28.61
N GLN B 54 -2.96 -20.26 -27.53
CA GLN B 54 -1.96 -21.28 -27.23
C GLN B 54 -2.62 -22.37 -26.39
N GLY B 55 -3.94 -22.50 -26.54
CA GLY B 55 -4.71 -23.48 -25.82
C GLY B 55 -4.43 -23.42 -24.33
N ALA B 56 -4.44 -22.20 -23.78
CA ALA B 56 -4.22 -21.96 -22.35
C ALA B 56 -4.96 -20.70 -21.87
N LEU B 57 -5.19 -20.60 -20.56
CA LEU B 57 -6.00 -19.50 -20.02
C LEU B 57 -5.18 -18.51 -19.20
N LEU B 58 -5.70 -17.29 -19.07
CA LEU B 58 -5.11 -16.28 -18.21
C LEU B 58 -5.17 -16.71 -16.73
N ASN B 59 -4.15 -16.30 -15.98
CA ASN B 59 -4.03 -16.70 -14.58
C ASN B 59 -3.76 -18.21 -14.45
N ASP B 60 -2.99 -18.73 -15.38
CA ASP B 60 -2.60 -20.14 -15.36
C ASP B 60 -1.14 -20.30 -15.78
N LYS B 61 -0.51 -21.36 -15.33
CA LYS B 61 0.90 -21.61 -15.63
C LYS B 61 1.12 -21.88 -17.11
N HIS B 62 0.16 -22.51 -17.77
CA HIS B 62 0.31 -22.83 -19.19
C HIS B 62 0.35 -21.58 -20.07
N SER B 63 0.11 -20.42 -19.45
CA SER B 63 0.11 -19.16 -20.18
C SER B 63 1.53 -18.66 -20.38
N ASN B 64 2.48 -19.27 -19.66
CA ASN B 64 3.88 -18.94 -19.81
C ASN B 64 4.21 -18.69 -21.28
N GLY B 65 4.79 -17.53 -21.57
CA GLY B 65 5.01 -17.12 -22.96
C GLY B 65 6.27 -17.64 -23.60
N THR B 66 7.10 -18.32 -22.81
CA THR B 66 8.37 -18.85 -23.31
C THR B 66 8.13 -19.85 -24.44
N VAL B 67 6.92 -20.41 -24.45
CA VAL B 67 6.49 -21.25 -25.55
C VAL B 67 6.68 -20.47 -26.85
N LYS B 68 7.05 -21.19 -27.91
CA LYS B 68 7.23 -20.56 -29.21
C LYS B 68 5.89 -20.11 -29.77
N ASP B 69 5.91 -19.06 -30.58
CA ASP B 69 4.70 -18.59 -31.23
C ASP B 69 4.13 -19.67 -32.14
N ARG B 70 5.01 -20.30 -32.92
CA ARG B 70 4.61 -21.33 -33.86
C ARG B 70 4.63 -22.70 -33.19
N SER B 71 3.70 -22.91 -32.27
CA SER B 71 3.64 -24.16 -31.53
C SER B 71 2.49 -25.01 -32.04
N PRO B 72 2.55 -26.32 -31.78
CA PRO B 72 1.49 -27.24 -32.16
C PRO B 72 0.23 -27.11 -31.30
N TYR B 73 0.22 -26.22 -30.32
CA TYR B 73 -0.95 -26.01 -29.47
C TYR B 73 -1.83 -24.87 -29.93
N ARG B 74 -1.30 -24.00 -30.78
CA ARG B 74 -2.04 -22.83 -31.24
C ARG B 74 -3.18 -23.24 -32.17
N THR B 75 -4.37 -22.71 -31.90
CA THR B 75 -5.56 -23.02 -32.67
C THR B 75 -6.30 -21.74 -33.01
N LEU B 76 -6.95 -21.74 -34.17
CA LEU B 76 -7.83 -20.64 -34.51
C LEU B 76 -9.18 -20.93 -33.91
N MET B 77 -9.71 -19.97 -33.17
CA MET B 77 -11.04 -20.09 -32.62
C MET B 77 -11.86 -18.84 -32.94
N SER B 78 -13.14 -18.88 -32.60
CA SER B 78 -13.99 -17.73 -32.81
C SER B 78 -15.05 -17.62 -31.75
N CYS B 79 -15.42 -16.39 -31.44
CA CYS B 79 -16.53 -16.13 -30.56
C CYS B 79 -17.29 -14.89 -31.04
N PRO B 80 -18.51 -14.69 -30.54
CA PRO B 80 -19.26 -13.52 -30.98
C PRO B 80 -18.47 -12.25 -30.64
N VAL B 81 -18.70 -11.20 -31.42
CA VAL B 81 -18.04 -9.93 -31.16
C VAL B 81 -18.44 -9.33 -29.81
N GLY B 82 -17.46 -8.84 -29.06
CA GLY B 82 -17.70 -8.13 -27.80
C GLY B 82 -17.61 -9.00 -26.56
N GLU B 83 -17.56 -10.31 -26.75
CA GLU B 83 -17.49 -11.25 -25.63
C GLU B 83 -16.05 -11.64 -25.34
N ALA B 84 -15.72 -11.82 -24.07
CA ALA B 84 -14.39 -12.33 -23.72
C ALA B 84 -14.24 -13.72 -24.29
N PRO B 85 -13.08 -14.00 -24.90
CA PRO B 85 -12.82 -15.30 -25.51
C PRO B 85 -12.61 -16.39 -24.46
N SER B 86 -13.63 -17.20 -24.22
CA SER B 86 -13.57 -18.27 -23.24
CA SER B 86 -13.69 -18.49 -23.29
C SER B 86 -13.79 -19.64 -23.87
N PRO B 87 -13.30 -20.70 -23.21
CA PRO B 87 -13.62 -22.05 -23.69
C PRO B 87 -15.13 -22.34 -23.68
N TYR B 88 -15.90 -21.54 -22.96
CA TYR B 88 -17.34 -21.80 -22.82
C TYR B 88 -18.17 -21.05 -23.85
N ASN B 89 -17.55 -20.14 -24.60
CA ASN B 89 -18.29 -19.38 -25.58
C ASN B 89 -17.64 -19.38 -26.97
N SER B 90 -16.52 -20.08 -27.10
CA SER B 90 -15.74 -20.04 -28.33
C SER B 90 -15.84 -21.33 -29.15
N ARG B 91 -15.93 -21.16 -30.47
CA ARG B 91 -16.00 -22.26 -31.45
C ARG B 91 -14.59 -22.61 -31.92
N PHE B 92 -14.30 -23.90 -32.09
CA PHE B 92 -13.02 -24.30 -32.66
C PHE B 92 -13.08 -24.20 -34.19
N GLU B 93 -12.02 -23.66 -34.79
CA GLU B 93 -11.98 -23.51 -36.25
C GLU B 93 -10.92 -24.39 -36.91
N SER B 94 -9.66 -24.22 -36.49
CA SER B 94 -8.57 -24.95 -37.11
C SER B 94 -7.36 -24.99 -36.18
N VAL B 95 -6.43 -25.91 -36.45
CA VAL B 95 -5.13 -25.87 -35.78
C VAL B 95 -4.22 -24.91 -36.56
N ALA B 96 -3.68 -23.91 -35.87
CA ALA B 96 -3.04 -22.81 -36.59
C ALA B 96 -2.15 -21.94 -35.72
N TRP B 97 -0.98 -21.58 -36.26
CA TRP B 97 -0.21 -20.47 -35.70
C TRP B 97 -0.22 -19.26 -36.63
N SER B 98 -0.82 -19.42 -37.80
CA SER B 98 -1.09 -18.29 -38.71
C SER B 98 -2.44 -18.55 -39.39
N ALA B 99 -3.28 -17.53 -39.51
CA ALA B 99 -4.65 -17.79 -39.94
C ALA B 99 -5.28 -16.65 -40.73
N SER B 100 -6.40 -16.97 -41.37
CA SER B 100 -7.31 -16.01 -41.98
C SER B 100 -8.69 -16.65 -42.07
N ALA B 101 -9.74 -15.82 -42.06
CA ALA B 101 -11.09 -16.32 -42.34
C ALA B 101 -11.92 -15.28 -43.07
N CYS B 102 -12.98 -15.77 -43.70
CA CYS B 102 -13.97 -14.90 -44.29
C CYS B 102 -15.19 -15.71 -44.73
N HIS B 103 -16.26 -15.01 -45.06
CA HIS B 103 -17.53 -15.63 -45.45
C HIS B 103 -17.93 -15.12 -46.82
N ASP B 104 -18.32 -16.02 -47.70
CA ASP B 104 -18.65 -15.68 -49.08
C ASP B 104 -20.14 -15.41 -49.27
N GLY B 105 -20.89 -15.55 -48.18
CA GLY B 105 -22.33 -15.34 -48.21
C GLY B 105 -23.04 -16.66 -48.00
N MET B 106 -22.40 -17.76 -48.41
CA MET B 106 -23.01 -19.06 -48.23
C MET B 106 -22.35 -19.89 -47.14
N GLY B 107 -21.05 -19.72 -46.94
CA GLY B 107 -20.37 -20.47 -45.87
C GLY B 107 -19.03 -19.89 -45.48
N TRP B 108 -18.57 -20.20 -44.26
CA TRP B 108 -17.28 -19.71 -43.75
C TRP B 108 -16.08 -20.44 -44.33
N LEU B 109 -15.12 -19.70 -44.87
CA LEU B 109 -13.81 -20.27 -45.19
C LEU B 109 -12.83 -19.97 -44.06
N THR B 110 -12.12 -20.99 -43.57
CA THR B 110 -11.03 -20.74 -42.63
C THR B 110 -9.71 -21.24 -43.19
N ILE B 111 -8.64 -20.51 -42.86
CA ILE B 111 -7.31 -20.88 -43.29
C ILE B 111 -6.43 -20.95 -42.05
N GLY B 112 -5.92 -22.14 -41.74
CA GLY B 112 -5.07 -22.28 -40.56
C GLY B 112 -3.77 -22.93 -40.95
N ILE B 113 -2.65 -22.29 -40.62
CA ILE B 113 -1.35 -22.83 -40.98
C ILE B 113 -0.66 -23.46 -39.76
N SER B 114 -0.21 -24.69 -39.91
CA SER B 114 0.49 -25.39 -38.83
C SER B 114 1.61 -26.26 -39.36
N GLY B 115 2.29 -26.95 -38.46
CA GLY B 115 3.45 -27.73 -38.85
C GLY B 115 4.73 -26.96 -38.63
N PRO B 116 5.85 -27.54 -39.05
CA PRO B 116 7.19 -27.01 -38.84
C PRO B 116 7.52 -25.86 -39.77
N ASP B 117 8.51 -25.08 -39.38
CA ASP B 117 8.94 -23.92 -40.14
C ASP B 117 9.34 -24.25 -41.58
N ASN B 118 9.86 -25.46 -41.81
CA ASN B 118 10.43 -25.81 -43.11
C ASN B 118 9.45 -26.53 -44.06
N GLY B 119 8.21 -26.68 -43.63
CA GLY B 119 7.23 -27.45 -44.39
C GLY B 119 5.83 -27.26 -43.86
N ALA B 120 5.53 -26.02 -43.50
CA ALA B 120 4.22 -25.65 -42.97
C ALA B 120 3.15 -25.90 -44.02
N VAL B 121 1.96 -26.20 -43.53
CA VAL B 121 0.85 -26.53 -44.41
C VAL B 121 -0.39 -25.76 -43.98
N ALA B 122 -0.96 -25.01 -44.93
CA ALA B 122 -2.23 -24.36 -44.71
C ALA B 122 -3.34 -25.36 -44.94
N VAL B 123 -4.26 -25.43 -43.98
CA VAL B 123 -5.45 -26.24 -44.12
C VAL B 123 -6.66 -25.35 -44.37
N LEU B 124 -7.29 -25.54 -45.52
CA LEU B 124 -8.43 -24.73 -45.91
C LEU B 124 -9.71 -25.47 -45.57
N LYS B 125 -10.59 -24.80 -44.86
CA LYS B 125 -11.90 -25.37 -44.54
C LYS B 125 -12.99 -24.46 -45.07
N TYR B 126 -14.09 -25.09 -45.47
CA TYR B 126 -15.31 -24.40 -45.85
C TYR B 126 -16.45 -25.11 -45.12
N ASN B 127 -17.20 -24.37 -44.33
CA ASN B 127 -18.25 -24.95 -43.51
C ASN B 127 -17.67 -26.01 -42.54
N GLY B 128 -16.43 -25.81 -42.11
CA GLY B 128 -15.84 -26.69 -41.11
C GLY B 128 -15.23 -27.97 -41.67
N ILE B 129 -15.24 -28.12 -42.99
CA ILE B 129 -14.76 -29.33 -43.63
C ILE B 129 -13.51 -29.05 -44.45
N ILE B 130 -12.51 -29.90 -44.36
CA ILE B 130 -11.29 -29.62 -45.12
C ILE B 130 -11.56 -29.70 -46.60
N THR B 131 -11.12 -28.68 -47.32
CA THR B 131 -11.44 -28.55 -48.73
C THR B 131 -10.19 -28.43 -49.59
N ASP B 132 -9.10 -27.97 -48.97
CA ASP B 132 -7.82 -27.91 -49.65
C ASP B 132 -6.65 -27.71 -48.69
N THR B 133 -5.45 -27.98 -49.17
CA THR B 133 -4.23 -27.67 -48.42
C THR B 133 -3.20 -26.98 -49.33
N ILE B 134 -2.45 -26.05 -48.75
CA ILE B 134 -1.37 -25.37 -49.46
C ILE B 134 -0.12 -25.63 -48.63
N LYS B 135 0.92 -26.17 -49.26
CA LYS B 135 2.16 -26.41 -48.52
C LYS B 135 3.20 -25.36 -48.88
N SER B 136 4.00 -25.01 -47.87
CA SER B 136 5.10 -24.08 -48.02
C SER B 136 5.89 -24.35 -49.29
N TRP B 137 6.11 -23.31 -50.09
CA TRP B 137 6.86 -23.46 -51.34
C TRP B 137 8.30 -22.95 -51.23
N ARG B 138 8.58 -22.26 -50.14
CA ARG B 138 9.93 -21.76 -49.88
C ARG B 138 10.58 -22.39 -48.64
N ASN B 139 9.83 -23.25 -47.94
CA ASN B 139 10.33 -23.94 -46.75
C ASN B 139 10.81 -22.99 -45.65
N ASN B 140 10.17 -21.84 -45.57
CA ASN B 140 10.58 -20.82 -44.61
C ASN B 140 9.40 -20.04 -44.04
N ILE B 141 8.66 -20.70 -43.17
CA ILE B 141 7.54 -20.12 -42.44
C ILE B 141 6.44 -19.59 -43.36
N LEU B 142 5.71 -20.51 -43.98
CA LEU B 142 4.51 -20.11 -44.69
C LEU B 142 3.61 -19.39 -43.69
N ARG B 143 3.05 -18.28 -44.13
CA ARG B 143 2.28 -17.42 -43.22
C ARG B 143 1.33 -16.54 -43.99
N THR B 144 0.27 -16.09 -43.31
CA THR B 144 -0.80 -15.36 -43.99
C THR B 144 -1.25 -14.08 -43.26
N GLN B 145 -2.52 -13.73 -43.40
CA GLN B 145 -2.98 -12.37 -43.10
C GLN B 145 -3.03 -11.97 -41.62
N GLU B 146 -3.44 -12.91 -40.77
CA GLU B 146 -3.81 -12.61 -39.38
C GLU B 146 -5.02 -11.66 -39.31
N SER B 147 -5.82 -11.67 -40.38
CA SER B 147 -7.11 -10.94 -40.47
C SER B 147 -8.00 -11.54 -41.57
N GLU B 148 -9.15 -10.93 -41.84
CA GLU B 148 -10.12 -11.55 -42.74
C GLU B 148 -9.69 -11.45 -44.19
N CYS B 149 -9.84 -12.55 -44.92
CA CYS B 149 -9.76 -12.53 -46.36
C CYS B 149 -10.91 -11.71 -46.94
N ALA B 150 -10.97 -11.64 -48.26
CA ALA B 150 -11.94 -10.81 -48.95
C ALA B 150 -12.65 -11.62 -50.00
N CYS B 151 -13.97 -11.47 -50.05
CA CYS B 151 -14.82 -12.28 -50.95
C CYS B 151 -15.60 -11.40 -51.95
N VAL B 152 -15.54 -11.78 -53.23
CA VAL B 152 -16.26 -11.06 -54.28
C VAL B 152 -16.86 -12.07 -55.25
N ASN B 153 -18.18 -12.06 -55.38
CA ASN B 153 -18.83 -12.84 -56.43
C ASN B 153 -18.59 -14.34 -56.23
N GLY B 154 -18.46 -14.78 -54.99
CA GLY B 154 -18.29 -16.20 -54.70
C GLY B 154 -16.87 -16.73 -54.79
N SER B 155 -15.93 -15.81 -54.99
CA SER B 155 -14.50 -16.07 -54.93
C SER B 155 -13.90 -15.32 -53.74
N CYS B 156 -13.15 -16.01 -52.89
CA CYS B 156 -12.49 -15.30 -51.79
C CYS B 156 -11.00 -15.28 -52.03
N PHE B 157 -10.35 -14.24 -51.52
CA PHE B 157 -8.95 -13.99 -51.82
C PHE B 157 -8.08 -13.72 -50.60
N THR B 158 -6.84 -14.15 -50.70
CA THR B 158 -5.89 -13.92 -49.63
C THR B 158 -4.45 -13.82 -50.13
N ILE B 159 -3.57 -13.34 -49.27
CA ILE B 159 -2.14 -13.30 -49.56
C ILE B 159 -1.39 -14.23 -48.59
N MET B 160 -0.42 -14.95 -49.13
CA MET B 160 0.48 -15.75 -48.30
C MET B 160 1.91 -15.39 -48.62
N THR B 161 2.77 -15.49 -47.61
CA THR B 161 4.18 -15.17 -47.77
C THR B 161 4.98 -16.40 -47.34
N ASP B 162 6.11 -16.61 -47.99
CA ASP B 162 7.05 -17.66 -47.59
C ASP B 162 8.45 -17.10 -47.77
N GLY B 163 9.26 -17.20 -46.73
CA GLY B 163 10.63 -16.72 -46.83
C GLY B 163 11.03 -15.79 -45.71
N PRO B 164 12.20 -15.15 -45.85
CA PRO B 164 12.74 -14.33 -44.77
C PRO B 164 11.79 -13.21 -44.36
N SER B 165 11.74 -12.93 -43.06
CA SER B 165 11.05 -11.73 -42.55
C SER B 165 11.99 -10.51 -42.48
N ASN B 166 13.26 -10.72 -42.82
CA ASN B 166 14.27 -9.65 -42.75
C ASN B 166 14.97 -9.41 -44.09
N GLY B 167 14.27 -9.76 -45.16
CA GLY B 167 14.84 -9.69 -46.49
C GLY B 167 13.82 -10.03 -47.55
N GLN B 168 14.29 -10.07 -48.78
CA GLN B 168 13.46 -10.52 -49.89
C GLN B 168 12.80 -11.87 -49.59
N ALA B 169 11.48 -11.93 -49.76
CA ALA B 169 10.73 -13.16 -49.62
C ALA B 169 9.82 -13.41 -50.84
N SER B 170 8.94 -14.40 -50.74
CA SER B 170 7.98 -14.69 -51.81
C SER B 170 6.53 -14.47 -51.39
N TYR B 171 5.75 -13.88 -52.30
CA TYR B 171 4.36 -13.50 -52.00
C TYR B 171 3.37 -14.01 -53.05
N LYS B 172 2.26 -14.55 -52.59
CA LYS B 172 1.29 -15.10 -53.50
C LYS B 172 -0.13 -14.63 -53.21
N ILE B 173 -0.87 -14.34 -54.28
CA ILE B 173 -2.30 -14.12 -54.19
C ILE B 173 -3.03 -15.44 -54.45
N LEU B 174 -3.96 -15.79 -53.58
CA LEU B 174 -4.76 -17.01 -53.77
C LEU B 174 -6.23 -16.70 -54.07
N LYS B 175 -6.79 -17.39 -55.06
CA LYS B 175 -8.22 -17.28 -55.34
C LYS B 175 -8.87 -18.58 -54.90
N ILE B 176 -9.82 -18.46 -53.97
CA ILE B 176 -10.44 -19.60 -53.34
C ILE B 176 -11.94 -19.60 -53.60
N GLU B 177 -12.46 -20.72 -54.07
CA GLU B 177 -13.90 -20.84 -54.30
C GLU B 177 -14.41 -22.00 -53.48
N LYS B 178 -15.24 -21.69 -52.47
CA LYS B 178 -15.80 -22.76 -51.62
C LYS B 178 -14.68 -23.62 -51.01
N GLY B 179 -13.57 -22.97 -50.64
CA GLY B 179 -12.50 -23.65 -49.91
C GLY B 179 -11.41 -24.26 -50.75
N LYS B 180 -11.58 -24.22 -52.07
CA LYS B 180 -10.62 -24.83 -52.98
C LYS B 180 -9.85 -23.77 -53.72
N VAL B 181 -8.54 -23.90 -53.77
CA VAL B 181 -7.73 -22.97 -54.53
C VAL B 181 -7.96 -23.19 -56.04
N THR B 182 -8.50 -22.18 -56.72
CA THR B 182 -8.75 -22.29 -58.16
C THR B 182 -7.71 -21.56 -59.02
N LYS B 183 -7.07 -20.54 -58.46
CA LYS B 183 -5.99 -19.83 -59.15
C LYS B 183 -5.06 -19.17 -58.14
N SER B 184 -3.80 -19.04 -58.53
CA SER B 184 -2.78 -18.35 -57.73
C SER B 184 -1.70 -17.71 -58.61
N ILE B 185 -1.12 -16.61 -58.13
CA ILE B 185 -0.02 -16.00 -58.86
C ILE B 185 1.00 -15.42 -57.91
N GLU B 186 2.27 -15.50 -58.28
CA GLU B 186 3.30 -14.92 -57.45
C GLU B 186 3.59 -13.50 -57.89
N LEU B 187 3.52 -12.60 -56.93
CA LEU B 187 3.83 -11.21 -57.19
C LEU B 187 5.28 -11.07 -57.60
N ASN B 188 5.49 -10.36 -58.70
CA ASN B 188 6.81 -9.98 -59.17
C ASN B 188 7.20 -8.70 -58.44
N ALA B 189 7.73 -8.86 -57.23
CA ALA B 189 7.93 -7.71 -56.33
C ALA B 189 9.31 -7.66 -55.65
N PRO B 190 10.38 -7.53 -56.47
CA PRO B 190 11.70 -7.37 -55.84
C PRO B 190 11.82 -6.02 -55.11
N ASN B 191 12.33 -6.09 -53.88
CA ASN B 191 12.51 -4.91 -53.04
C ASN B 191 11.24 -4.54 -52.28
N TYR B 192 10.17 -5.27 -52.55
CA TYR B 192 8.96 -5.19 -51.76
C TYR B 192 9.02 -6.23 -50.66
N HIS B 193 8.22 -6.05 -49.62
CA HIS B 193 8.06 -7.06 -48.58
C HIS B 193 6.61 -7.01 -48.09
N TYR B 194 5.95 -8.17 -48.14
CA TYR B 194 4.52 -8.27 -47.81
C TYR B 194 4.31 -9.27 -46.69
N GLU B 195 3.66 -8.84 -45.62
CA GLU B 195 3.27 -9.73 -44.53
C GLU B 195 1.98 -9.22 -43.91
N GLU B 196 1.22 -10.14 -43.35
CA GLU B 196 0.07 -9.80 -42.51
C GLU B 196 -0.85 -8.80 -43.21
N CYS B 197 -1.23 -9.09 -44.45
CA CYS B 197 -2.05 -8.20 -45.25
C CYS B 197 -3.48 -8.01 -44.74
N SER B 198 -3.95 -6.77 -44.81
CA SER B 198 -5.31 -6.41 -44.46
C SER B 198 -6.04 -6.14 -45.77
N CYS B 199 -6.86 -7.11 -46.17
CA CYS B 199 -7.48 -7.13 -47.49
C CYS B 199 -8.98 -6.92 -47.42
N TYR B 200 -9.50 -6.06 -48.30
CA TYR B 200 -10.94 -5.75 -48.32
C TYR B 200 -11.45 -5.64 -49.75
N PRO B 201 -12.70 -6.10 -49.99
CA PRO B 201 -13.27 -5.96 -51.33
C PRO B 201 -13.72 -4.53 -51.60
N ASP B 202 -13.58 -4.10 -52.84
CA ASP B 202 -14.05 -2.77 -53.17
C ASP B 202 -14.31 -2.73 -54.66
N THR B 203 -15.58 -2.58 -55.02
CA THR B 203 -15.99 -2.37 -56.40
C THR B 203 -15.52 -3.50 -57.33
N GLY B 204 -15.69 -4.73 -56.88
CA GLY B 204 -15.39 -5.89 -57.72
C GLY B 204 -13.93 -6.34 -57.69
N LYS B 205 -13.07 -5.52 -57.07
CA LYS B 205 -11.66 -5.88 -56.92
C LYS B 205 -11.33 -6.10 -55.45
N VAL B 206 -10.05 -6.34 -55.17
CA VAL B 206 -9.59 -6.46 -53.79
C VAL B 206 -8.41 -5.53 -53.57
N MET B 207 -8.40 -4.89 -52.41
CA MET B 207 -7.26 -4.09 -51.97
C MET B 207 -6.66 -4.61 -50.66
N CYS B 208 -5.35 -4.85 -50.67
CA CYS B 208 -4.62 -5.24 -49.47
C CYS B 208 -3.56 -4.18 -49.09
N VAL B 209 -3.58 -3.78 -47.83
CA VAL B 209 -2.55 -2.91 -47.25
C VAL B 209 -1.81 -3.73 -46.19
N CYS B 210 -0.49 -3.82 -46.34
CA CYS B 210 0.27 -4.82 -45.57
C CYS B 210 1.40 -4.22 -44.74
N ARG B 211 2.28 -5.11 -44.29
CA ARG B 211 3.41 -4.77 -43.42
C ARG B 211 4.70 -5.16 -44.11
N ASP B 212 5.61 -4.20 -44.23
CA ASP B 212 6.95 -4.44 -44.74
C ASP B 212 7.90 -4.54 -43.55
N ASN B 213 8.37 -5.76 -43.28
CA ASN B 213 9.18 -6.01 -42.11
C ASN B 213 10.67 -5.88 -42.41
N TRP B 214 10.99 -5.61 -43.67
CA TRP B 214 12.36 -5.64 -44.16
C TRP B 214 13.01 -4.26 -44.17
N HIS B 215 12.47 -3.34 -44.97
CA HIS B 215 13.09 -2.02 -45.12
C HIS B 215 12.12 -0.92 -45.49
N GLY B 216 10.92 -0.98 -44.93
CA GLY B 216 9.88 0.00 -45.23
C GLY B 216 9.11 0.42 -43.99
N SER B 217 9.06 1.73 -43.76
CA SER B 217 8.32 2.29 -42.63
C SER B 217 6.96 2.84 -43.10
N ASN B 218 6.77 2.85 -44.42
CA ASN B 218 5.43 3.05 -44.96
C ASN B 218 4.86 1.69 -45.36
N ARG B 219 3.58 1.63 -45.70
CA ARG B 219 2.97 0.33 -45.97
C ARG B 219 2.90 -0.03 -47.44
N PRO B 220 3.23 -1.28 -47.75
CA PRO B 220 3.04 -1.77 -49.11
C PRO B 220 1.58 -2.13 -49.34
N TRP B 221 1.17 -2.11 -50.59
CA TRP B 221 -0.16 -2.58 -50.93
C TRP B 221 -0.11 -3.37 -52.23
N VAL B 222 -1.14 -4.18 -52.43
CA VAL B 222 -1.38 -4.89 -53.69
C VAL B 222 -2.90 -4.94 -53.95
N SER B 223 -3.31 -4.60 -55.18
CA SER B 223 -4.72 -4.74 -55.54
C SER B 223 -4.84 -5.62 -56.78
N PHE B 224 -5.99 -6.24 -56.94
CA PHE B 224 -6.14 -7.21 -58.01
C PHE B 224 -7.61 -7.44 -58.31
N ASP B 225 -7.90 -7.82 -59.55
CA ASP B 225 -9.26 -8.21 -59.92
C ASP B 225 -9.50 -9.70 -59.74
N GLN B 226 -10.65 -10.17 -60.18
CA GLN B 226 -11.03 -11.54 -59.88
C GLN B 226 -10.17 -12.53 -60.67
N ASN B 227 -9.38 -12.00 -61.60
CA ASN B 227 -8.53 -12.80 -62.48
CA ASN B 227 -8.85 -13.26 -62.27
C ASN B 227 -7.10 -12.81 -61.96
N LEU B 228 -6.89 -12.06 -60.87
CA LEU B 228 -5.58 -11.96 -60.23
C LEU B 228 -4.59 -11.09 -61.04
N ASP B 229 -5.12 -10.32 -61.98
CA ASP B 229 -4.39 -9.21 -62.59
C ASP B 229 -4.16 -8.20 -61.48
N TYR B 230 -2.89 -7.95 -61.14
CA TYR B 230 -2.62 -7.13 -59.96
C TYR B 230 -1.82 -5.85 -60.21
N GLN B 231 -1.86 -4.99 -59.20
CA GLN B 231 -1.03 -3.83 -59.16
C GLN B 231 -0.36 -3.78 -57.79
N ILE B 232 0.82 -3.18 -57.75
CA ILE B 232 1.56 -3.04 -56.50
C ILE B 232 2.19 -1.67 -56.30
N GLY B 233 2.49 -1.39 -55.04
CA GLY B 233 3.12 -0.14 -54.66
C GLY B 233 3.14 0.05 -53.16
N TYR B 234 3.49 1.26 -52.75
CA TYR B 234 3.54 1.64 -51.34
C TYR B 234 2.69 2.88 -51.18
N ILE B 235 2.11 3.06 -49.99
CA ILE B 235 1.34 4.25 -49.70
C ILE B 235 2.36 5.39 -49.70
N CYS B 236 2.04 6.45 -50.46
CA CYS B 236 3.01 7.51 -50.77
C CYS B 236 3.11 8.57 -49.68
N SER B 237 2.13 8.58 -48.79
CA SER B 237 2.05 9.64 -47.78
C SER B 237 3.25 9.64 -46.83
N GLY B 238 3.77 10.83 -46.54
CA GLY B 238 4.76 11.02 -45.50
C GLY B 238 4.12 10.94 -44.14
N VAL B 239 2.82 10.63 -44.10
CA VAL B 239 2.17 10.20 -42.86
C VAL B 239 2.45 8.70 -42.74
N PHE B 240 3.60 8.37 -42.16
CA PHE B 240 4.08 6.99 -42.15
C PHE B 240 3.19 6.06 -41.34
N GLY B 241 2.89 4.88 -41.89
CA GLY B 241 1.90 4.00 -41.28
C GLY B 241 2.44 2.87 -40.40
N ASP B 242 3.67 2.47 -40.63
CA ASP B 242 4.21 1.34 -39.89
C ASP B 242 4.69 1.72 -38.47
N ASN B 243 5.02 0.71 -37.67
CA ASN B 243 5.64 0.92 -36.37
C ASN B 243 6.68 -0.17 -36.18
N PRO B 244 7.96 0.22 -36.04
CA PRO B 244 8.40 1.60 -35.92
C PRO B 244 8.36 2.40 -37.22
N ARG B 245 8.67 3.68 -37.12
CA ARG B 245 8.69 4.59 -38.25
C ARG B 245 9.41 5.87 -37.85
N PRO B 246 9.89 6.63 -38.85
CA PRO B 246 10.41 7.96 -38.58
C PRO B 246 9.29 8.95 -38.25
N ASN B 247 9.68 10.18 -37.95
CA ASN B 247 8.70 11.25 -37.85
C ASN B 247 8.12 11.60 -39.22
N ASP B 248 6.89 12.09 -39.25
CA ASP B 248 6.29 12.41 -40.54
C ASP B 248 7.16 13.39 -41.30
N GLY B 249 7.41 13.08 -42.57
CA GLY B 249 8.18 13.96 -43.44
C GLY B 249 7.79 13.73 -44.88
N THR B 250 8.79 13.54 -45.74
CA THR B 250 8.54 13.24 -47.14
C THR B 250 8.38 11.73 -47.34
N GLY B 251 7.25 11.35 -47.91
CA GLY B 251 6.99 9.95 -48.20
C GLY B 251 7.65 9.51 -49.48
N SER B 252 7.35 8.28 -49.88
CA SER B 252 7.79 7.74 -51.15
C SER B 252 6.82 6.64 -51.59
N CYS B 253 6.72 6.46 -52.89
CA CYS B 253 5.82 5.45 -53.42
C CYS B 253 6.54 4.10 -53.50
N GLY B 254 7.81 4.11 -53.08
CA GLY B 254 8.54 2.89 -52.79
C GLY B 254 8.75 2.79 -51.30
N PRO B 255 9.42 1.72 -50.85
CA PRO B 255 9.71 1.53 -49.43
C PRO B 255 10.54 2.68 -48.83
N VAL B 256 10.04 3.27 -47.75
CA VAL B 256 10.83 4.23 -46.98
C VAL B 256 11.76 3.44 -46.06
N SER B 257 13.07 3.61 -46.26
CA SER B 257 14.06 2.78 -45.59
C SER B 257 14.25 3.16 -44.12
N SER B 258 14.12 4.46 -43.83
CA SER B 258 14.31 4.93 -42.46
C SER B 258 13.36 4.24 -41.47
N ASN B 259 13.93 3.58 -40.47
CA ASN B 259 13.14 2.89 -39.46
C ASN B 259 12.28 1.79 -40.08
N GLY B 260 12.70 1.34 -41.26
CA GLY B 260 11.90 0.40 -42.04
C GLY B 260 11.84 -1.03 -41.53
N ALA B 261 12.96 -1.53 -41.03
CA ALA B 261 13.02 -2.92 -40.55
C ALA B 261 12.09 -3.12 -39.35
N ASN B 262 11.51 -4.31 -39.27
CA ASN B 262 10.47 -4.59 -38.29
C ASN B 262 9.16 -3.91 -38.70
N GLY B 263 8.15 -3.97 -37.84
CA GLY B 263 6.86 -3.36 -38.12
C GLY B 263 5.72 -3.91 -37.27
N ILE B 264 4.49 -3.68 -37.72
CA ILE B 264 3.30 -4.14 -37.03
C ILE B 264 2.18 -4.38 -38.05
N LYS B 265 1.35 -5.39 -37.80
CA LYS B 265 0.20 -5.58 -38.67
C LYS B 265 -0.66 -4.32 -38.63
N GLY B 266 -1.09 -3.88 -39.81
CA GLY B 266 -1.85 -2.65 -39.92
C GLY B 266 -2.76 -2.65 -41.14
N PHE B 267 -3.38 -1.50 -41.40
CA PHE B 267 -4.35 -1.40 -42.48
C PHE B 267 -4.54 0.05 -42.95
N SER B 268 -5.08 0.20 -44.16
CA SER B 268 -5.52 1.51 -44.63
C SER B 268 -6.66 1.35 -45.63
N PHE B 269 -7.54 2.35 -45.74
CA PHE B 269 -8.61 2.34 -46.74
C PHE B 269 -8.35 3.45 -47.79
N ARG B 270 -8.19 3.06 -49.04
CA ARG B 270 -8.02 4.04 -50.11
C ARG B 270 -9.36 4.66 -50.51
N TYR B 271 -9.40 5.99 -50.58
CA TYR B 271 -10.56 6.69 -51.16
C TYR B 271 -10.07 7.60 -52.29
N ASP B 272 -10.12 7.12 -53.52
CA ASP B 272 -9.60 7.89 -54.66
C ASP B 272 -8.08 8.05 -54.49
N ASN B 273 -7.57 9.28 -54.46
CA ASN B 273 -6.14 9.49 -54.16
C ASN B 273 -5.87 9.72 -52.68
N GLY B 274 -6.92 9.73 -51.87
CA GLY B 274 -6.78 9.86 -50.43
C GLY B 274 -6.74 8.52 -49.71
N VAL B 275 -6.52 8.58 -48.40
CA VAL B 275 -6.39 7.39 -47.56
C VAL B 275 -6.70 7.70 -46.09
N TRP B 276 -7.48 6.82 -45.47
CA TRP B 276 -7.66 6.77 -44.03
C TRP B 276 -6.55 5.85 -43.52
N ILE B 277 -5.69 6.38 -42.66
CA ILE B 277 -4.59 5.60 -42.11
C ILE B 277 -4.85 5.31 -40.63
N GLY B 278 -4.81 4.03 -40.27
CA GLY B 278 -4.82 3.66 -38.86
C GLY B 278 -3.38 3.43 -38.46
N ARG B 279 -2.95 4.08 -37.39
CA ARG B 279 -1.59 3.85 -36.89
C ARG B 279 -1.46 4.03 -35.38
N THR B 280 -0.32 3.61 -34.84
CA THR B 280 -0.02 3.86 -33.43
C THR B 280 0.25 5.35 -33.27
N LYS B 281 0.21 5.84 -32.04
CA LYS B 281 0.56 7.23 -31.81
C LYS B 281 2.08 7.37 -31.68
N SER B 282 2.72 6.39 -31.06
CA SER B 282 4.18 6.38 -30.94
C SER B 282 4.84 5.95 -32.24
N THR B 283 6.04 6.46 -32.48
CA THR B 283 6.81 6.12 -33.69
C THR B 283 7.76 4.96 -33.44
N SER B 284 7.90 4.60 -32.16
CA SER B 284 8.89 3.61 -31.74
C SER B 284 8.26 2.45 -31.00
N SER B 285 7.15 2.71 -30.32
CA SER B 285 6.49 1.72 -29.46
C SER B 285 5.06 1.41 -29.91
N ARG B 286 4.58 0.22 -29.59
CA ARG B 286 3.19 -0.16 -29.90
C ARG B 286 2.24 0.52 -28.92
N SER B 287 2.25 1.84 -28.95
CA SER B 287 1.52 2.64 -27.97
C SER B 287 0.55 3.58 -28.64
N GLY B 288 -0.69 3.60 -28.14
CA GLY B 288 -1.69 4.51 -28.68
C GLY B 288 -2.18 4.12 -30.06
N PHE B 289 -3.30 4.69 -30.47
CA PHE B 289 -3.79 4.45 -31.82
C PHE B 289 -4.61 5.64 -32.30
N GLU B 290 -4.60 5.83 -33.61
CA GLU B 290 -5.31 6.97 -34.21
C GLU B 290 -5.66 6.71 -35.67
N MET B 291 -6.72 7.38 -36.10
CA MET B 291 -7.15 7.38 -37.48
C MET B 291 -6.82 8.74 -38.10
N ILE B 292 -6.12 8.73 -39.23
CA ILE B 292 -5.78 9.97 -39.95
C ILE B 292 -6.40 9.93 -41.34
N TRP B 293 -7.08 11.01 -41.72
CA TRP B 293 -7.53 11.14 -43.10
C TRP B 293 -6.59 12.05 -43.89
N ASP B 294 -5.94 11.48 -44.90
CA ASP B 294 -5.03 12.24 -45.77
C ASP B 294 -5.54 12.27 -47.21
N PRO B 295 -6.20 13.37 -47.58
CA PRO B 295 -6.95 13.50 -48.84
C PRO B 295 -6.16 13.02 -50.06
N ASN B 296 -4.84 13.14 -49.99
CA ASN B 296 -3.98 12.84 -51.14
C ASN B 296 -2.90 11.79 -50.83
N GLY B 297 -3.02 11.17 -49.66
CA GLY B 297 -1.98 10.28 -49.12
C GLY B 297 -1.68 9.00 -49.87
N TRP B 298 -2.56 8.59 -50.78
CA TRP B 298 -2.28 7.37 -51.52
C TRP B 298 -1.18 7.60 -52.57
N THR B 299 -1.26 8.73 -53.28
CA THR B 299 -0.40 8.96 -54.45
C THR B 299 0.61 10.10 -54.30
N GLU B 300 0.43 10.91 -53.27
CA GLU B 300 1.32 12.05 -53.00
C GLU B 300 2.15 11.87 -51.73
N THR B 301 3.36 12.44 -51.75
CA THR B 301 4.38 12.19 -50.74
C THR B 301 4.42 13.18 -49.56
N ASP B 302 3.65 14.25 -49.62
CA ASP B 302 3.64 15.21 -48.52
C ASP B 302 3.16 14.60 -47.20
N SER B 303 3.40 15.31 -46.10
CA SER B 303 3.04 14.82 -44.78
C SER B 303 1.89 15.62 -44.18
N SER B 304 1.24 16.42 -45.01
CA SER B 304 0.05 17.13 -44.59
C SER B 304 -1.15 16.19 -44.61
N PHE B 305 -2.05 16.37 -43.64
CA PHE B 305 -3.29 15.60 -43.58
C PHE B 305 -4.41 16.50 -43.07
N SER B 306 -5.65 16.13 -43.39
CA SER B 306 -6.78 16.94 -43.00
C SER B 306 -7.38 16.62 -41.63
N VAL B 307 -7.36 15.35 -41.22
CA VAL B 307 -8.16 14.92 -40.05
C VAL B 307 -7.48 13.85 -39.17
N ARG B 308 -7.52 14.04 -37.85
CA ARG B 308 -7.02 13.00 -36.92
C ARG B 308 -8.09 12.64 -35.89
N GLN B 309 -8.34 11.35 -35.72
CA GLN B 309 -9.30 10.91 -34.72
C GLN B 309 -8.64 9.97 -33.73
N ASP B 310 -8.62 10.36 -32.46
CA ASP B 310 -7.97 9.57 -31.44
C ASP B 310 -8.75 8.31 -31.13
N ILE B 311 -8.03 7.20 -30.96
CA ILE B 311 -8.67 5.92 -30.65
C ILE B 311 -8.15 5.37 -29.33
N VAL B 312 -6.82 5.30 -29.19
CA VAL B 312 -6.19 4.95 -27.92
C VAL B 312 -5.11 6.00 -27.62
N ALA B 313 -5.10 6.50 -26.39
CA ALA B 313 -4.07 7.44 -25.96
C ALA B 313 -2.68 6.83 -26.08
N ILE B 314 -1.69 7.68 -26.30
CA ILE B 314 -0.30 7.27 -26.46
C ILE B 314 0.26 6.60 -25.21
N THR B 315 -0.30 6.93 -24.05
CA THR B 315 0.16 6.36 -22.78
C THR B 315 -0.41 4.96 -22.53
N ASP B 316 -1.07 4.41 -23.53
CA ASP B 316 -1.67 3.09 -23.39
C ASP B 316 -1.28 2.18 -24.55
N TRP B 317 -1.21 0.89 -24.25
CA TRP B 317 -0.72 -0.09 -25.21
C TRP B 317 -1.75 -0.35 -26.31
N SER B 318 -1.26 -0.40 -27.55
CA SER B 318 -2.06 -0.89 -28.64
C SER B 318 -1.45 -2.19 -29.14
N GLY B 319 -1.32 -2.30 -30.45
CA GLY B 319 -0.88 -3.53 -31.07
C GLY B 319 -1.39 -3.68 -32.49
N TYR B 320 -1.59 -4.93 -32.89
CA TYR B 320 -2.06 -5.23 -34.25
C TYR B 320 -3.40 -4.58 -34.55
N SER B 321 -3.62 -4.26 -35.82
CA SER B 321 -4.90 -3.76 -36.28
C SER B 321 -5.16 -4.26 -37.70
N GLY B 322 -6.43 -4.27 -38.09
CA GLY B 322 -6.80 -4.79 -39.39
C GLY B 322 -8.18 -4.31 -39.81
N SER B 323 -8.40 -4.26 -41.12
CA SER B 323 -9.70 -3.91 -41.69
C SER B 323 -10.71 -5.05 -41.57
N PHE B 324 -11.98 -4.70 -41.48
CA PHE B 324 -13.02 -5.63 -41.86
C PHE B 324 -14.17 -4.85 -42.45
N VAL B 325 -14.89 -5.48 -43.36
CA VAL B 325 -15.98 -4.81 -44.02
C VAL B 325 -17.30 -5.42 -43.59
N GLN B 326 -18.37 -4.68 -43.78
CA GLN B 326 -19.72 -5.21 -43.70
C GLN B 326 -20.42 -4.99 -45.05
N HIS B 327 -20.79 -6.09 -45.70
CA HIS B 327 -21.36 -6.07 -47.08
C HIS B 327 -22.81 -5.57 -47.09
N PRO B 328 -23.25 -4.98 -48.22
CA PRO B 328 -24.66 -4.63 -48.37
C PRO B 328 -25.61 -5.74 -47.90
N GLU B 329 -25.23 -6.99 -48.13
CA GLU B 329 -26.11 -8.11 -47.79
C GLU B 329 -26.37 -8.21 -46.29
N LEU B 330 -25.40 -7.76 -45.48
CA LEU B 330 -25.62 -7.73 -44.04
C LEU B 330 -26.26 -6.41 -43.59
N THR B 331 -25.91 -5.30 -44.21
CA THR B 331 -26.30 -4.00 -43.66
C THR B 331 -27.57 -3.42 -44.27
N GLY B 332 -27.85 -3.81 -45.51
CA GLY B 332 -28.96 -3.21 -46.25
C GLY B 332 -28.58 -1.88 -46.89
N LEU B 333 -27.30 -1.51 -46.81
CA LEU B 333 -26.82 -0.28 -47.44
C LEU B 333 -26.50 -0.51 -48.91
N ASP B 334 -26.26 0.57 -49.65
CA ASP B 334 -25.90 0.44 -51.08
C ASP B 334 -24.40 0.56 -51.30
N CYS B 335 -23.66 0.65 -50.19
CA CYS B 335 -22.21 0.76 -50.24
C CYS B 335 -21.54 -0.24 -49.31
N MET B 336 -20.24 -0.44 -49.54
CA MET B 336 -19.39 -1.30 -48.74
C MET B 336 -18.94 -0.57 -47.48
N ARG B 337 -19.32 -1.07 -46.31
CA ARG B 337 -18.91 -0.43 -45.06
C ARG B 337 -17.53 -0.90 -44.57
N PRO B 338 -16.62 0.06 -44.38
CA PRO B 338 -15.31 -0.17 -43.80
C PRO B 338 -15.38 -0.12 -42.26
N CYS B 339 -14.71 -1.06 -41.62
CA CYS B 339 -14.59 -1.10 -40.17
C CYS B 339 -13.15 -1.51 -39.86
N PHE B 340 -12.72 -1.36 -38.63
CA PHE B 340 -11.39 -1.87 -38.24
C PHE B 340 -11.41 -2.32 -36.78
N TRP B 341 -10.51 -3.25 -36.48
CA TRP B 341 -10.23 -3.67 -35.11
C TRP B 341 -8.82 -3.26 -34.71
N VAL B 342 -8.65 -3.12 -33.40
CA VAL B 342 -7.35 -2.95 -32.82
C VAL B 342 -7.22 -3.99 -31.71
N GLU B 343 -6.03 -4.59 -31.67
CA GLU B 343 -5.61 -5.48 -30.60
C GLU B 343 -4.84 -4.63 -29.60
N LEU B 344 -5.20 -4.78 -28.33
CA LEU B 344 -4.55 -4.01 -27.26
C LEU B 344 -3.67 -4.99 -26.48
N ILE B 345 -2.37 -4.95 -26.76
CA ILE B 345 -1.45 -5.96 -26.24
C ILE B 345 -1.00 -5.66 -24.83
N ARG B 346 -1.17 -6.65 -23.95
CA ARG B 346 -0.78 -6.56 -22.55
C ARG B 346 0.20 -7.68 -22.22
N GLY B 347 1.09 -7.41 -21.29
CA GLY B 347 2.03 -8.41 -20.81
C GLY B 347 3.44 -8.25 -21.34
N GLN B 348 4.07 -9.35 -21.70
CA GLN B 348 5.42 -9.33 -22.26
C GLN B 348 5.41 -8.76 -23.68
N PRO B 349 6.54 -8.19 -24.11
CA PRO B 349 7.75 -8.00 -23.31
C PRO B 349 7.71 -6.73 -22.47
N LYS B 350 6.81 -5.82 -22.81
CA LYS B 350 6.73 -4.51 -22.16
C LYS B 350 6.29 -4.61 -20.70
N GLU B 351 5.59 -5.68 -20.36
CA GLU B 351 5.02 -5.80 -19.02
C GLU B 351 5.49 -7.06 -18.29
N ASN B 352 5.59 -6.95 -16.97
CA ASN B 352 6.19 -8.00 -16.14
C ASN B 352 5.25 -9.14 -15.77
N THR B 353 4.83 -9.89 -16.77
CA THR B 353 3.96 -11.05 -16.57
C THR B 353 4.52 -12.22 -17.37
N ILE B 354 4.11 -13.43 -17.04
CA ILE B 354 4.63 -14.61 -17.73
C ILE B 354 4.02 -14.71 -19.12
N TRP B 355 2.87 -14.06 -19.31
CA TRP B 355 2.08 -14.22 -20.53
C TRP B 355 2.00 -12.96 -21.39
N THR B 356 1.61 -13.15 -22.64
CA THR B 356 1.22 -12.03 -23.50
C THR B 356 -0.14 -12.33 -24.12
N SER B 357 -1.07 -11.39 -24.02
CA SER B 357 -2.40 -11.55 -24.61
C SER B 357 -2.90 -10.20 -25.09
N GLY B 358 -4.01 -10.20 -25.80
CA GLY B 358 -4.61 -8.96 -26.28
C GLY B 358 -6.08 -8.92 -25.89
N SER B 359 -6.60 -7.70 -25.74
CA SER B 359 -8.04 -7.49 -25.78
C SER B 359 -8.33 -6.75 -27.09
N SER B 360 -9.60 -6.49 -27.39
CA SER B 360 -9.89 -5.85 -28.65
C SER B 360 -10.88 -4.71 -28.51
N ILE B 361 -10.84 -3.84 -29.50
CA ILE B 361 -11.85 -2.81 -29.69
C ILE B 361 -12.08 -2.69 -31.18
N SER B 362 -13.27 -2.27 -31.58
CA SER B 362 -13.51 -2.11 -33.01
C SER B 362 -14.39 -0.89 -33.29
N PHE B 363 -14.31 -0.41 -34.53
CA PHE B 363 -15.00 0.78 -34.99
C PHE B 363 -15.57 0.56 -36.38
N CYS B 364 -16.66 1.25 -36.70
CA CYS B 364 -17.12 1.29 -38.08
C CYS B 364 -17.23 2.72 -38.62
N GLY B 365 -16.80 2.90 -39.85
CA GLY B 365 -16.88 4.20 -40.52
C GLY B 365 -18.32 4.60 -40.76
N VAL B 366 -18.62 5.88 -40.49
CA VAL B 366 -19.98 6.38 -40.63
C VAL B 366 -19.93 7.80 -41.20
N ASN B 367 -21.05 8.24 -41.77
CA ASN B 367 -21.13 9.60 -42.31
C ASN B 367 -22.04 10.47 -41.42
N SER B 368 -21.81 10.35 -40.12
CA SER B 368 -22.53 11.14 -39.12
C SER B 368 -21.51 11.58 -38.09
N ASP B 369 -21.96 12.26 -37.05
CA ASP B 369 -21.03 12.74 -36.05
C ASP B 369 -20.34 11.61 -35.32
N THR B 370 -19.08 11.84 -34.97
CA THR B 370 -18.29 10.90 -34.19
C THR B 370 -17.41 11.71 -33.23
N VAL B 371 -16.68 11.01 -32.38
CA VAL B 371 -15.77 11.65 -31.43
C VAL B 371 -14.50 10.83 -31.21
N GLY B 372 -13.40 11.54 -30.98
CA GLY B 372 -12.16 10.92 -30.58
C GLY B 372 -12.13 10.74 -29.08
N TRP B 373 -11.44 9.70 -28.62
CA TRP B 373 -11.33 9.41 -27.20
C TRP B 373 -10.24 8.37 -27.01
N SER B 374 -10.17 7.75 -25.83
CA SER B 374 -9.26 6.63 -25.61
C SER B 374 -10.01 5.45 -24.99
N TRP B 375 -10.03 4.33 -25.70
CA TRP B 375 -10.67 3.11 -25.22
C TRP B 375 -9.62 2.01 -25.00
N PRO B 376 -8.80 2.15 -23.95
CA PRO B 376 -7.66 1.26 -23.71
C PRO B 376 -8.07 -0.10 -23.13
N ASP B 377 -7.10 -1.01 -23.01
CA ASP B 377 -7.38 -2.35 -22.46
C ASP B 377 -7.97 -2.27 -21.07
N GLY B 378 -7.28 -1.57 -20.17
CA GLY B 378 -7.77 -1.31 -18.83
C GLY B 378 -7.45 -2.33 -17.75
N ALA B 379 -6.70 -3.38 -18.08
CA ALA B 379 -6.35 -4.35 -17.05
C ALA B 379 -5.21 -3.83 -16.18
N GLU B 380 -5.24 -4.18 -14.89
CA GLU B 380 -4.14 -3.84 -13.99
C GLU B 380 -3.25 -5.06 -13.81
N LEU B 381 -2.00 -4.95 -14.25
CA LEU B 381 -1.07 -6.07 -14.25
C LEU B 381 -0.03 -5.90 -13.16
N PRO B 382 0.58 -7.02 -12.72
CA PRO B 382 0.27 -8.38 -13.19
C PRO B 382 -0.89 -9.06 -12.45
N PHE B 383 -1.16 -10.32 -12.81
CA PHE B 383 -2.14 -11.14 -12.10
C PHE B 383 -1.45 -12.04 -11.07
N SER B 384 -2.22 -12.96 -10.48
CA SER B 384 -1.71 -13.85 -9.44
C SER B 384 -0.71 -14.87 -9.99
N ILE B 385 -0.95 -15.32 -11.22
CA ILE B 385 -0.05 -16.25 -11.89
C ILE B 385 0.51 -15.58 -13.14
C1 NAG C . 8.35 -20.07 -18.43
C2 NAG C . 8.72 -20.30 -16.96
C3 NAG C . 10.24 -20.33 -16.72
C4 NAG C . 11.07 -20.96 -17.84
C5 NAG C . 10.50 -20.67 -19.23
C6 NAG C . 11.16 -21.52 -20.30
C7 NAG C . 7.41 -19.48 -15.06
C8 NAG C . 7.55 -18.48 -13.95
N2 NAG C . 8.11 -19.24 -16.16
O3 NAG C . 10.48 -21.09 -15.54
O4 NAG C . 12.41 -20.52 -17.75
O5 NAG C . 9.11 -20.92 -19.26
O6 NAG C . 10.52 -22.78 -20.35
O7 NAG C . 6.66 -20.45 -14.92
C1 NAG C . 13.27 -21.63 -17.41
C2 NAG C . 14.73 -21.21 -17.52
C3 NAG C . 15.70 -22.34 -17.13
C4 NAG C . 15.23 -23.17 -15.93
C5 NAG C . 13.71 -23.34 -15.86
C6 NAG C . 13.27 -23.89 -14.50
C7 NAG C . 15.68 -19.59 -19.11
C8 NAG C . 17.10 -19.73 -19.57
N2 NAG C . 15.03 -20.74 -18.86
O3 NAG C . 16.96 -21.77 -16.82
O4 NAG C . 15.77 -24.47 -16.01
O5 NAG C . 13.03 -22.13 -16.11
O6 NAG C . 13.80 -25.19 -14.31
O7 NAG C . 15.17 -18.48 -18.97
C1 MAN C . 17.21 -24.50 -16.06
C2 MAN C . 17.65 -25.92 -15.68
C3 MAN C . 18.93 -25.92 -14.84
C4 MAN C . 19.90 -24.87 -15.38
C5 MAN C . 19.27 -23.47 -15.32
C6 MAN C . 19.72 -22.61 -16.51
O2 MAN C . 17.84 -26.68 -16.86
O3 MAN C . 19.50 -27.21 -14.81
O4 MAN C . 21.10 -24.89 -14.64
O5 MAN C . 17.84 -23.52 -15.25
O6 MAN C . 20.86 -21.86 -16.15
C1 MAN C . 19.42 -27.69 -13.45
C2 MAN C . 20.34 -28.89 -13.24
C3 MAN C . 19.79 -30.15 -13.91
C4 MAN C . 18.30 -30.36 -13.64
C5 MAN C . 17.50 -29.06 -13.81
C6 MAN C . 16.06 -29.24 -13.35
O2 MAN C . 20.51 -29.09 -11.86
O3 MAN C . 20.50 -31.27 -13.44
O4 MAN C . 17.82 -31.34 -14.54
O5 MAN C . 18.09 -28.01 -13.06
O6 MAN C . 15.27 -28.17 -13.82
C1 NAG D . -7.64 -42.07 -4.13
C2 NAG D . -7.13 -41.45 -2.82
C3 NAG D . -6.57 -42.49 -1.86
C4 NAG D . -7.41 -43.77 -1.79
C5 NAG D . -8.00 -44.20 -3.14
C6 NAG D . -9.09 -45.25 -2.95
C7 NAG D . -6.14 -39.21 -2.70
C8 NAG D . -5.28 -38.24 -3.45
N2 NAG D . -6.09 -40.47 -3.12
O3 NAG D . -6.49 -41.93 -0.57
O4 NAG D . -6.60 -44.82 -1.29
O5 NAG D . -8.56 -43.10 -3.84
O6 NAG D . -10.26 -44.64 -2.47
O7 NAG D . -6.84 -38.83 -1.76
CA CA E . -2.47 -57.46 -28.36
CA CA F . 4.48 -54.30 -47.00
CA CA G . -1.17 14.56 -47.74
CA CA H . 8.54 -1.88 -41.50
CA CA I . -13.60 -20.80 -11.19
C ACT J . -16.41 -68.36 -30.79
O ACT J . -16.67 -67.16 -30.53
OXT ACT J . -16.63 -68.74 -31.97
CH3 ACT J . -15.85 -69.28 -29.74
C ACT K . 4.34 -15.96 -38.12
O ACT K . 4.68 -14.78 -38.32
OXT ACT K . 4.78 -16.50 -37.09
CH3 ACT K . 3.44 -16.70 -39.08
C1 GOL L . -26.04 -28.65 -24.82
O1 GOL L . -26.77 -29.24 -23.77
C2 GOL L . -25.19 -27.49 -24.30
O2 GOL L . -24.18 -27.97 -23.43
C3 GOL L . -26.07 -26.46 -23.60
O3 GOL L . -26.36 -26.90 -22.28
C1 GOL M . -4.22 -46.15 -52.26
O1 GOL M . -3.11 -45.64 -52.96
C2 GOL M . -4.94 -45.06 -51.46
O2 GOL M . -5.03 -43.86 -52.17
C3 GOL M . -4.27 -44.87 -50.10
O3 GOL M . -3.15 -44.01 -50.19
C1 GOL N . -12.57 10.62 -46.90
O1 GOL N . -13.49 10.33 -45.86
C2 GOL N . -13.18 10.35 -48.28
O2 GOL N . -13.65 11.55 -48.84
C3 GOL N . -14.27 9.29 -48.19
O3 GOL N . -15.54 9.86 -47.89
C1 GOL O . -11.31 -48.86 -50.80
O1 GOL O . -12.68 -48.62 -50.99
C2 GOL O . -10.78 -49.93 -51.76
O2 GOL O . -11.11 -49.62 -53.10
C3 GOL O . -11.36 -51.30 -51.40
O3 GOL O . -10.50 -51.92 -50.47
C1 GOL P . 5.34 -11.15 -37.40
O1 GOL P . 4.93 -12.50 -37.56
C2 GOL P . 6.02 -10.66 -38.66
O2 GOL P . 5.18 -10.88 -39.78
C3 GOL P . 7.38 -11.35 -38.84
O3 GOL P . 7.24 -12.55 -39.57
C ACT Q . -13.21 -51.07 -23.96
O ACT Q . -12.48 -51.88 -23.35
OXT ACT Q . -14.04 -51.57 -24.75
CH3 ACT Q . -13.09 -49.58 -23.75
C ACT R . -14.17 -51.94 -20.18
O ACT R . -13.44 -52.91 -19.85
OXT ACT R . -14.46 -51.15 -19.25
CH3 ACT R . -14.65 -51.75 -21.59
C ACT S . 2.20 -13.22 -39.15
O ACT S . 1.77 -13.62 -40.26
OXT ACT S . 3.40 -12.87 -39.13
CH3 ACT S . 1.33 -13.16 -37.93
P PO4 T . -9.91 -54.09 -22.66
O1 PO4 T . -8.51 -54.49 -22.26
O2 PO4 T . -10.84 -55.23 -22.30
O3 PO4 T . -9.96 -53.83 -24.15
O4 PO4 T . -10.33 -52.83 -21.93
C1 GOL U . -18.96 -23.41 -29.75
O1 GOL U . -19.57 -24.34 -30.63
C2 GOL U . -19.93 -22.95 -28.66
O2 GOL U . -19.20 -22.31 -27.64
C3 GOL U . -20.71 -24.11 -28.06
O3 GOL U . -19.84 -24.99 -27.38
C1 GOL V . -8.83 -1.78 -56.10
O1 GOL V . -8.56 -0.89 -57.16
C2 GOL V . -10.09 -1.36 -55.33
O2 GOL V . -11.24 -1.70 -56.07
C3 GOL V . -10.08 0.13 -54.99
O3 GOL V . -9.05 0.44 -54.06
C1 GOL W . -12.37 5.16 -54.09
O1 GOL W . -11.25 4.44 -54.56
C2 GOL W . -13.28 4.27 -53.24
O2 GOL W . -12.54 3.62 -52.23
C3 GOL W . -13.96 3.22 -54.12
O3 GOL W . -14.68 2.34 -53.30
C1 GOL X . 0.60 -14.61 -35.49
O1 GOL X . 1.40 -15.55 -36.16
C2 GOL X . 1.48 -13.73 -34.62
O2 GOL X . 1.80 -14.40 -33.41
C3 GOL X . 0.76 -12.41 -34.31
O3 GOL X . -0.18 -12.59 -33.28
C1 GOL Y . 9.91 -59.07 -42.50
O1 GOL Y . 11.20 -58.59 -42.20
C2 GOL Y . 9.90 -59.61 -43.93
O2 GOL Y . 10.24 -58.58 -44.82
C3 GOL Y . 8.52 -60.17 -44.26
O3 GOL Y . 8.52 -61.57 -44.13
#